data_6ITC
#
_entry.id   6ITC
#
_cell.length_a   1.0
_cell.length_b   1.0
_cell.length_c   1.0
_cell.angle_alpha   90.00
_cell.angle_beta   90.00
_cell.angle_gamma   90.00
#
_symmetry.space_group_name_H-M   'P 1'
#
loop_
_entity.id
_entity.type
_entity.pdbx_description
1 polymer 'Protein translocase subunit SecA'
2 polymer 'Protein translocase subunit SecY'
3 polymer 'Protein translocase subunit SecE'
4 polymer Nanobody
5 polymer 'Translocating peptide'
6 polymer 'Green fluorescent protein'
7 polymer Nanobody
8 non-polymer 'MAGNESIUM ION'
9 non-polymer 'BERYLLIUM TRIFLUORIDE ION'
10 non-polymer "ADENOSINE-5'-DIPHOSPHATE"
11 non-polymer '(1R)-2-{[{[(2S)-2,3-DIHYDROXYPROPYL]OXY}(HYDROXY)PHOSPHORYL]OXY}-1-[(PALMITOYLOXY)METHYL]ETHYL (11E)-OCTADEC-11-ENOATE'
#
loop_
_entity_poly.entity_id
_entity_poly.type
_entity_poly.pdbx_seq_one_letter_code
_entity_poly.pdbx_strand_id
1 'polypeptide(L)'
;MLGILNKMFDPTKRTLNRYEKIANDIDAIRGDYENLSDDALKHKTIEFKERLEKGATTDDLLVEAFAVVREASRRVTGMF
PFKVQLMGGVALHDGNIAEMKTGEGKTLTSTLPVYLNALTGKGVHVVTVNEYLASRDAEQMGKIFEFLGLTVGLNLNSMS
KDEKREAYAADITYSTNNELGFDYLRDNMVLYKEQMVQRPLHFAVIDEVDSILIDEARTPLIISGQAAKSTKLYVQANAF
VRTLKAEKDYTYDIKTKAVQLTEEGMTKAEKAFGIDNLFDVKHVALNHHINQALKAHVAMQKDVDYVVEDGQVVIVDSFT
GRLMKGRRYSEGLHQAIEAKEGLEIQNESMTLATITFQNYFRMYEKLAGMTGTAKTEEEEFRNIYNMQVVTIPTNRPVVR
DDRPDLIYRTMEGKFKAVAEDVAQRYMTGQPVLVGTVAVETSELISKLLKNKGIPHQVLNAKNHEREAQIIEEAGQKGAV
TIATNMAGRGTDIKLGEGVKELGGLAVVGTERHESRRIDNQLRGRSGRQGDPGITQFYLSMEDELMRRFGAERTMAMLDR
FGMDDSTPIQSKMVSRAVESSQKRVEGNNFDSRKQLLQYDDVLRQQREVIYKQRFEVIDSENLREIVENMIKSSLERAIA
AYTPREELPEEWKLDGLVDLINTTYLDEGALEKSDIFGKEPDEMLELIMDRIITKYNEKEEQFGKEQMREFEKVIVLRAV
DSKWMDHIDAMDQLRQGIHLRAYAQTNPLREYQMEGFAMFEHMIESIEDEVAKFVMKAEI
;
A
2 'polypeptide(L)'
;MFRTISNFMRVSDIRNKIIFTLLMLIVFRIGTFIPVPSVNTDVLKLQDQLNAFGVLNIFCGGALQNFSIFAMGVMPYITA
SIIVQLLQMDVVPKFAEWSKQGEMGRRKLAQFTRYFTIVLGFIQALGMSYGFNNLAGGMLIQNPGIGTYLLIAVVLTAGT
AFLMWLGEQITAKGVGNGISIIIFAGIVSGIPTILNQIYAQTFGGLNIVRLLLVALAVVAVIVGVIYIQQAFRKIPIQYA
KRLEGRNPVGGHSTHLPLKVNPAGVIPVIFAVSFLIAPPTIASFFGTNDVTLWIRRTFDYTHPVGMTIYVVLIIAFTYFY
AFVQVNPEQMADNLKKQGGYIPGIRPGKNTQEYVTRILYRLTLVGSLFLAFIAVLPVFFVNFANLPPSAQIGGTSLLIVV
GVALETMKQLESQLVKRHYRGFIK
;
Y
3 'polypeptide(L)' MQRVTNFFKEVVRELKKVSWPNRKELVNYTAVVLATVAFFTVFFAVIDLGISQLIRLVFEGGHHHHHHHH E
4 'polypeptide(L)'
;QVQLVETGGGLVQPGGSLRLSCGASGSIFNMYAMGWYRQAPGKRREVVARIATDDSTMYPDSVKGRFTISRDNAKNTVYL
QMNSLKPEDTAVYYCYYQRTVMSQPYWGQGTQVTVS
;
V
5 'polypeptide(L)' MAKKTAIAIAVALAGFATVASYAQYEDGCSGELERQHTFAGGARSISGDGDSPHSYHSG B
6 'polypeptide(L)'
;MSKGEELFTGVVPILVELDGDVNGHKFSVSGEGEGDATYGKLTLKFICTTGKLPVPWPTLVTTF(GYS)VQCFSRYPDHM
KRHDFFKSAMPEGYVQERTISFKDDGNYKTRAEVKFEGDTLVNRIELKGIDFKEDGNILGHKLEYNYNSHNVYITADKQK
NGIKANFKIRHNIEDGSVQLADHYQQNTPIGDGPVLLPDNHYLSTQSALSKDPNEKRDHMVLLEFVTAAGITHGMDELYK
;
G
7 'polypeptide(L)'
;VALVESGGALVQPGGSLRLSCAASGFPVNRYSMRWYRQAPGKEREWVAGMSAGDRSSYEDSVKGRFTISRDDARNTVYLQ
MNSLKPEDTAVYYCNVNVGFEYWGQGTQVTVS
;
C
#
# COMPACT_ATOMS: atom_id res chain seq x y z
N ARG A 14 -1.60 18.13 -37.85
CA ARG A 14 -1.58 18.84 -36.57
C ARG A 14 -3.01 19.19 -36.19
N THR A 15 -3.35 19.02 -34.92
CA THR A 15 -4.71 19.30 -34.49
C THR A 15 -5.00 20.78 -34.40
N LEU A 16 -3.96 21.63 -34.37
CA LEU A 16 -4.22 23.07 -34.36
C LEU A 16 -4.82 23.53 -35.69
N ASN A 17 -4.45 22.90 -36.80
CA ASN A 17 -5.09 23.30 -38.04
C ASN A 17 -6.49 22.74 -38.15
N ARG A 18 -6.76 21.58 -37.53
CA ARG A 18 -8.15 21.12 -37.44
C ARG A 18 -8.98 22.11 -36.62
N TYR A 19 -8.38 22.67 -35.58
CA TYR A 19 -9.11 23.58 -34.70
C TYR A 19 -9.39 24.89 -35.39
N GLU A 20 -8.42 25.43 -36.12
CA GLU A 20 -8.78 26.67 -36.79
C GLU A 20 -9.62 26.45 -38.03
N LYS A 21 -9.68 25.25 -38.59
CA LYS A 21 -10.66 25.13 -39.66
C LYS A 21 -12.07 25.00 -39.11
N ILE A 22 -12.23 24.42 -37.91
CA ILE A 22 -13.54 24.43 -37.28
C ILE A 22 -13.93 25.85 -36.86
N ALA A 23 -12.97 26.61 -36.33
CA ALA A 23 -13.23 28.00 -35.96
C ALA A 23 -13.58 28.84 -37.18
N ASN A 24 -12.99 28.53 -38.34
CA ASN A 24 -13.36 29.27 -39.53
C ASN A 24 -14.74 28.88 -40.03
N ASP A 25 -15.15 27.62 -39.83
CA ASP A 25 -16.54 27.24 -40.14
C ASP A 25 -17.52 28.04 -39.30
N ILE A 26 -17.25 28.12 -37.99
CA ILE A 26 -18.12 28.82 -37.04
C ILE A 26 -18.16 30.31 -37.35
N ASP A 27 -17.05 30.86 -37.80
CA ASP A 27 -17.07 32.26 -38.20
C ASP A 27 -17.88 32.47 -39.47
N ALA A 28 -17.82 31.50 -40.40
CA ALA A 28 -18.49 31.69 -41.68
C ALA A 28 -20.00 31.63 -41.54
N ILE A 29 -20.52 30.66 -40.78
CA ILE A 29 -21.97 30.49 -40.68
C ILE A 29 -22.65 31.61 -39.89
N ARG A 30 -21.90 32.42 -39.14
CA ARG A 30 -22.38 33.45 -38.21
C ARG A 30 -23.37 34.46 -38.81
N GLY A 31 -23.42 34.58 -40.14
CA GLY A 31 -24.25 35.60 -40.76
C GLY A 31 -25.75 35.38 -40.62
N ASP A 32 -26.19 34.12 -40.49
CA ASP A 32 -27.61 33.86 -40.30
C ASP A 32 -28.04 33.93 -38.85
N TYR A 33 -27.20 34.48 -38.00
CA TYR A 33 -27.55 34.95 -36.68
C TYR A 33 -27.39 36.46 -36.71
N GLU A 34 -27.39 37.10 -35.54
CA GLU A 34 -27.22 38.52 -35.29
C GLU A 34 -28.35 39.38 -35.95
N ASN A 35 -29.29 38.75 -36.62
CA ASN A 35 -30.50 39.34 -37.06
C ASN A 35 -31.65 38.46 -36.58
N LEU A 36 -31.33 37.24 -36.19
CA LEU A 36 -32.29 36.31 -35.63
C LEU A 36 -32.66 36.77 -34.23
N SER A 37 -33.94 37.07 -34.02
CA SER A 37 -34.40 37.69 -32.79
C SER A 37 -34.43 36.69 -31.65
N ASP A 38 -34.88 37.16 -30.48
CA ASP A 38 -35.07 36.25 -29.36
C ASP A 38 -36.26 35.35 -29.62
N ASP A 39 -36.34 34.29 -28.81
CA ASP A 39 -37.34 33.22 -28.91
C ASP A 39 -37.28 32.51 -30.25
N ALA A 40 -36.15 32.62 -30.94
CA ALA A 40 -35.73 31.68 -31.95
C ALA A 40 -34.48 30.94 -31.54
N LEU A 41 -33.72 31.49 -30.60
CA LEU A 41 -32.51 30.83 -30.12
C LEU A 41 -32.84 29.76 -29.07
N LYS A 42 -33.78 30.05 -28.18
CA LYS A 42 -34.30 29.02 -27.30
C LYS A 42 -34.98 27.92 -28.12
N HIS A 43 -35.65 28.34 -29.19
CA HIS A 43 -36.19 27.40 -30.16
C HIS A 43 -35.09 26.60 -30.83
N LYS A 44 -33.89 27.17 -30.98
CA LYS A 44 -32.80 26.35 -31.50
C LYS A 44 -32.27 25.37 -30.48
N THR A 45 -32.36 25.67 -29.19
CA THR A 45 -31.98 24.65 -28.21
C THR A 45 -32.96 23.48 -28.25
N ILE A 46 -34.25 23.78 -28.41
CA ILE A 46 -35.23 22.71 -28.59
C ILE A 46 -34.97 21.94 -29.88
N GLU A 47 -34.50 22.64 -30.91
CA GLU A 47 -34.15 21.98 -32.15
C GLU A 47 -32.97 21.04 -31.99
N PHE A 48 -31.92 21.45 -31.26
CA PHE A 48 -30.80 20.52 -31.13
C PHE A 48 -31.14 19.36 -30.22
N LYS A 49 -32.03 19.56 -29.24
CA LYS A 49 -32.46 18.42 -28.45
C LYS A 49 -33.24 17.41 -29.29
N GLU A 50 -34.13 17.87 -30.17
CA GLU A 50 -34.88 16.90 -30.96
C GLU A 50 -34.02 16.28 -32.05
N ARG A 51 -33.14 17.07 -32.69
CA ARG A 51 -32.23 16.52 -33.67
C ARG A 51 -31.17 15.64 -33.05
N LEU A 52 -30.99 15.70 -31.75
CA LEU A 52 -30.04 14.82 -31.12
C LEU A 52 -30.69 13.55 -30.60
N GLU A 53 -31.97 13.60 -30.19
CA GLU A 53 -32.70 12.33 -30.13
C GLU A 53 -33.50 12.09 -31.41
N LYS A 54 -32.86 12.34 -32.54
CA LYS A 54 -33.32 11.89 -33.84
C LYS A 54 -32.27 11.08 -34.58
N GLY A 55 -30.99 11.24 -34.24
CA GLY A 55 -29.96 10.41 -34.82
C GLY A 55 -28.57 11.00 -34.98
N ALA A 56 -28.43 12.32 -34.91
CA ALA A 56 -27.11 12.91 -35.07
C ALA A 56 -26.34 12.88 -33.76
N THR A 57 -25.03 13.10 -33.83
CA THR A 57 -24.18 13.15 -32.66
C THR A 57 -23.68 14.56 -32.44
N THR A 58 -23.00 14.76 -31.31
CA THR A 58 -22.61 16.11 -30.92
C THR A 58 -21.50 16.66 -31.80
N ASP A 59 -20.64 15.79 -32.33
CA ASP A 59 -19.62 16.26 -33.25
C ASP A 59 -20.23 16.81 -34.53
N ASP A 60 -21.35 16.24 -34.97
CA ASP A 60 -22.01 16.75 -36.15
C ASP A 60 -22.77 18.03 -35.86
N LEU A 61 -23.18 18.22 -34.61
CA LEU A 61 -23.84 19.44 -34.17
C LEU A 61 -22.86 20.43 -33.56
N LEU A 62 -21.62 20.43 -33.99
CA LEU A 62 -20.62 21.26 -33.34
C LEU A 62 -20.71 22.70 -33.82
N VAL A 63 -20.73 22.91 -35.14
CA VAL A 63 -20.55 24.25 -35.65
C VAL A 63 -21.80 25.10 -35.44
N GLU A 64 -22.97 24.50 -35.48
CA GLU A 64 -24.18 25.30 -35.33
C GLU A 64 -24.39 25.65 -33.86
N ALA A 65 -24.05 24.73 -32.97
CA ALA A 65 -24.19 25.01 -31.55
C ALA A 65 -23.18 26.05 -31.10
N PHE A 66 -21.97 26.03 -31.63
CA PHE A 66 -21.02 27.06 -31.25
C PHE A 66 -21.40 28.41 -31.84
N ALA A 67 -21.98 28.43 -33.04
CA ALA A 67 -22.45 29.69 -33.60
C ALA A 67 -23.56 30.29 -32.75
N VAL A 68 -24.48 29.45 -32.27
CA VAL A 68 -25.57 30.04 -31.52
C VAL A 68 -25.13 30.44 -30.12
N VAL A 69 -24.11 29.79 -29.56
CA VAL A 69 -23.61 30.27 -28.27
C VAL A 69 -22.86 31.58 -28.45
N ARG A 70 -22.11 31.74 -29.54
CA ARG A 70 -21.39 33.00 -29.67
C ARG A 70 -22.36 34.14 -29.95
N GLU A 71 -23.48 33.88 -30.61
CA GLU A 71 -24.38 35.00 -30.80
C GLU A 71 -25.22 35.27 -29.55
N ALA A 72 -25.60 34.25 -28.79
CA ALA A 72 -26.30 34.52 -27.55
C ALA A 72 -25.39 35.12 -26.51
N SER A 73 -24.10 34.83 -26.56
CA SER A 73 -23.18 35.47 -25.66
C SER A 73 -22.86 36.89 -26.07
N ARG A 74 -22.98 37.21 -27.35
CA ARG A 74 -23.06 38.60 -27.75
C ARG A 74 -24.24 39.28 -27.10
N ARG A 75 -25.41 38.64 -27.18
CA ARG A 75 -26.63 39.36 -26.86
C ARG A 75 -26.84 39.53 -25.37
N VAL A 76 -26.51 38.52 -24.56
CA VAL A 76 -26.83 38.60 -23.14
C VAL A 76 -25.85 39.48 -22.39
N THR A 77 -24.58 39.12 -22.44
CA THR A 77 -23.60 39.72 -21.57
C THR A 77 -22.65 40.68 -22.26
N GLY A 78 -22.74 40.81 -23.59
CA GLY A 78 -21.90 41.74 -24.31
C GLY A 78 -20.52 41.24 -24.66
N MET A 79 -20.11 40.10 -24.13
CA MET A 79 -18.79 39.54 -24.44
C MET A 79 -18.96 38.64 -25.65
N PHE A 80 -18.79 39.20 -26.83
CA PHE A 80 -18.82 38.38 -28.02
C PHE A 80 -17.53 37.57 -28.11
N PRO A 81 -17.60 36.27 -28.36
CA PRO A 81 -16.40 35.43 -28.26
C PRO A 81 -15.43 35.65 -29.40
N PHE A 82 -14.21 35.23 -29.15
CA PHE A 82 -13.09 35.47 -30.03
C PHE A 82 -12.96 34.31 -30.99
N LYS A 83 -11.83 34.22 -31.66
CA LYS A 83 -11.56 33.05 -32.47
C LYS A 83 -10.77 32.03 -31.69
N VAL A 84 -9.85 32.47 -30.84
CA VAL A 84 -9.13 31.52 -30.02
C VAL A 84 -10.02 30.93 -28.95
N GLN A 85 -11.12 31.59 -28.62
CA GLN A 85 -12.07 30.99 -27.72
C GLN A 85 -12.88 29.90 -28.40
N LEU A 86 -13.15 30.04 -29.70
CA LEU A 86 -13.78 28.94 -30.42
C LEU A 86 -12.85 27.77 -30.55
N MET A 87 -11.57 28.05 -30.77
CA MET A 87 -10.57 26.98 -30.76
C MET A 87 -10.47 26.32 -29.41
N GLY A 88 -10.64 27.08 -28.33
CA GLY A 88 -10.67 26.47 -27.02
C GLY A 88 -11.88 25.57 -26.80
N GLY A 89 -13.03 25.99 -27.32
CA GLY A 89 -14.21 25.17 -27.18
C GLY A 89 -14.10 23.87 -27.92
N VAL A 90 -13.54 23.92 -29.13
CA VAL A 90 -13.34 22.70 -29.90
C VAL A 90 -12.30 21.81 -29.23
N ALA A 91 -11.29 22.40 -28.61
CA ALA A 91 -10.26 21.58 -27.99
C ALA A 91 -10.73 20.95 -26.70
N LEU A 92 -11.66 21.60 -25.99
CA LEU A 92 -12.23 21.02 -24.79
C LEU A 92 -13.23 19.93 -25.11
N HIS A 93 -14.00 20.10 -26.18
CA HIS A 93 -15.02 19.10 -26.49
C HIS A 93 -14.41 17.78 -26.91
N ASP A 94 -13.23 17.79 -27.52
CA ASP A 94 -12.59 16.55 -27.90
C ASP A 94 -12.01 15.78 -26.73
N GLY A 95 -12.02 16.32 -25.52
CA GLY A 95 -11.40 15.65 -24.40
C GLY A 95 -10.03 16.15 -24.06
N ASN A 96 -9.49 17.09 -24.81
CA ASN A 96 -8.13 17.56 -24.63
C ASN A 96 -8.09 18.76 -23.70
N ILE A 97 -7.09 18.79 -22.83
CA ILE A 97 -6.78 19.97 -22.06
C ILE A 97 -6.31 21.08 -22.98
N ALA A 98 -6.88 22.26 -22.86
CA ALA A 98 -6.62 23.36 -23.77
C ALA A 98 -6.00 24.52 -23.04
N GLU A 99 -4.67 24.60 -23.00
CA GLU A 99 -4.06 25.65 -22.21
C GLU A 99 -4.14 26.99 -22.93
N MET A 100 -4.94 27.89 -22.39
CA MET A 100 -5.05 29.25 -22.87
C MET A 100 -4.45 30.13 -21.80
N LYS A 101 -3.56 31.04 -22.20
CA LYS A 101 -2.77 31.79 -21.24
C LYS A 101 -3.64 32.67 -20.37
N THR A 102 -3.17 32.92 -19.16
CA THR A 102 -3.99 33.43 -18.08
C THR A 102 -4.40 34.86 -18.39
N GLY A 103 -5.65 35.03 -18.77
CA GLY A 103 -6.18 36.34 -19.03
C GLY A 103 -7.01 36.31 -20.27
N GLU A 104 -6.84 35.28 -21.07
CA GLU A 104 -7.40 35.24 -22.41
C GLU A 104 -8.87 34.85 -22.45
N GLY A 105 -9.58 34.90 -21.35
CA GLY A 105 -11.00 34.64 -21.41
C GLY A 105 -11.27 33.17 -21.56
N LYS A 106 -11.05 32.39 -20.51
CA LYS A 106 -11.32 30.96 -20.54
C LYS A 106 -12.67 30.60 -19.96
N THR A 107 -13.21 31.43 -19.07
CA THR A 107 -14.56 31.21 -18.57
C THR A 107 -15.57 31.28 -19.71
N LEU A 108 -15.33 32.15 -20.67
CA LEU A 108 -16.22 32.27 -21.79
C LEU A 108 -15.93 31.25 -22.88
N THR A 109 -14.82 30.51 -22.82
CA THR A 109 -14.74 29.34 -23.70
C THR A 109 -15.40 28.17 -23.06
N SER A 110 -15.46 28.17 -21.73
CA SER A 110 -16.06 27.05 -21.01
C SER A 110 -17.52 26.86 -21.34
N THR A 111 -18.23 27.92 -21.70
CA THR A 111 -19.61 27.78 -22.09
C THR A 111 -19.81 27.20 -23.48
N LEU A 112 -18.77 26.96 -24.23
CA LEU A 112 -19.04 26.39 -25.55
C LEU A 112 -19.24 24.87 -25.47
N PRO A 113 -18.31 24.05 -24.94
CA PRO A 113 -18.61 22.63 -24.87
C PRO A 113 -19.53 22.25 -23.73
N VAL A 114 -19.69 23.08 -22.71
CA VAL A 114 -20.69 22.81 -21.68
C VAL A 114 -22.08 22.88 -22.26
N TYR A 115 -22.37 23.91 -23.05
CA TYR A 115 -23.64 23.97 -23.75
C TYR A 115 -23.79 22.82 -24.71
N LEU A 116 -22.71 22.45 -25.41
CA LEU A 116 -22.87 21.39 -26.40
C LEU A 116 -23.19 20.05 -25.74
N ASN A 117 -22.46 19.70 -24.71
CA ASN A 117 -22.67 18.41 -24.09
C ASN A 117 -23.77 18.41 -23.06
N ALA A 118 -24.41 19.53 -22.78
CA ALA A 118 -25.55 19.44 -21.90
C ALA A 118 -26.84 19.13 -22.63
N LEU A 119 -26.82 19.15 -23.97
CA LEU A 119 -28.04 18.97 -24.74
C LEU A 119 -28.56 17.55 -24.66
N THR A 120 -27.66 16.57 -24.48
CA THR A 120 -28.07 15.17 -24.54
C THR A 120 -28.97 14.81 -23.37
N GLY A 121 -28.60 15.22 -22.16
CA GLY A 121 -29.48 15.01 -21.04
C GLY A 121 -28.81 14.79 -19.71
N LYS A 122 -27.63 14.19 -19.69
CA LYS A 122 -26.95 13.95 -18.43
C LYS A 122 -26.29 15.23 -17.93
N GLY A 123 -25.69 15.17 -16.76
CA GLY A 123 -25.12 16.36 -16.17
C GLY A 123 -23.84 16.76 -16.85
N VAL A 124 -23.40 17.98 -16.59
CA VAL A 124 -22.11 18.50 -17.00
C VAL A 124 -21.56 19.21 -15.78
N HIS A 125 -20.53 18.67 -15.18
CA HIS A 125 -20.01 19.26 -13.95
C HIS A 125 -18.87 20.18 -14.34
N VAL A 126 -19.06 21.49 -14.16
CA VAL A 126 -17.98 22.42 -14.32
C VAL A 126 -17.32 22.52 -12.96
N VAL A 127 -16.15 22.01 -12.86
CA VAL A 127 -15.47 21.93 -11.58
C VAL A 127 -14.55 23.12 -11.53
N THR A 128 -14.29 23.67 -10.35
CA THR A 128 -13.29 24.71 -10.24
C THR A 128 -12.70 24.70 -8.83
N VAL A 129 -11.82 25.66 -8.54
CA VAL A 129 -10.92 25.46 -7.42
C VAL A 129 -11.55 25.84 -6.08
N ASN A 130 -12.32 26.92 -5.99
CA ASN A 130 -12.88 27.32 -4.71
C ASN A 130 -14.27 27.89 -4.90
N GLU A 131 -14.93 28.25 -3.81
CA GLU A 131 -16.33 28.61 -3.93
C GLU A 131 -16.55 30.01 -4.46
N TYR A 132 -15.54 30.88 -4.37
CA TYR A 132 -15.70 32.21 -4.92
C TYR A 132 -15.79 32.18 -6.44
N LEU A 133 -14.84 31.54 -7.11
CA LEU A 133 -14.99 31.55 -8.56
C LEU A 133 -16.02 30.56 -9.06
N ALA A 134 -16.45 29.60 -8.26
CA ALA A 134 -17.64 28.82 -8.62
C ALA A 134 -18.88 29.68 -8.62
N SER A 135 -19.10 30.45 -7.54
CA SER A 135 -20.28 31.32 -7.47
C SER A 135 -20.22 32.45 -8.49
N ARG A 136 -19.01 32.95 -8.76
CA ARG A 136 -18.81 34.01 -9.74
C ARG A 136 -19.16 33.52 -11.13
N ASP A 137 -18.66 32.33 -11.50
CA ASP A 137 -19.00 31.78 -12.80
C ASP A 137 -20.45 31.35 -12.88
N ALA A 138 -21.06 30.96 -11.76
CA ALA A 138 -22.46 30.60 -11.79
C ALA A 138 -23.33 31.80 -12.08
N GLU A 139 -23.18 32.89 -11.34
CA GLU A 139 -24.05 34.00 -11.71
C GLU A 139 -23.53 34.81 -12.88
N GLN A 140 -22.39 34.48 -13.47
CA GLN A 140 -22.09 35.14 -14.74
C GLN A 140 -22.48 34.34 -15.95
N MET A 141 -22.51 33.01 -15.87
CA MET A 141 -22.83 32.20 -17.03
C MET A 141 -24.19 31.55 -16.89
N GLY A 142 -24.86 31.73 -15.75
CA GLY A 142 -26.25 31.38 -15.67
C GLY A 142 -27.10 32.25 -16.54
N LYS A 143 -26.64 33.46 -16.85
CA LYS A 143 -27.38 34.30 -17.76
C LYS A 143 -27.35 33.76 -19.18
N ILE A 144 -26.18 33.30 -19.65
CA ILE A 144 -26.09 32.70 -20.96
C ILE A 144 -26.84 31.39 -21.01
N PHE A 145 -26.69 30.56 -19.98
CA PHE A 145 -27.30 29.24 -20.01
C PHE A 145 -28.79 29.26 -19.73
N GLU A 146 -29.31 30.29 -19.09
CA GLU A 146 -30.74 30.44 -18.93
C GLU A 146 -31.32 31.31 -20.01
N PHE A 147 -30.48 31.85 -20.88
CA PHE A 147 -30.99 32.44 -22.10
C PHE A 147 -31.32 31.38 -23.15
N LEU A 148 -30.91 30.15 -22.98
CA LEU A 148 -31.22 29.15 -24.01
C LEU A 148 -31.95 27.96 -23.42
N GLY A 149 -32.66 28.17 -22.33
CA GLY A 149 -33.50 27.11 -21.85
C GLY A 149 -32.81 26.00 -21.10
N LEU A 150 -31.52 26.12 -20.84
CA LEU A 150 -30.89 25.15 -19.97
C LEU A 150 -30.96 25.63 -18.53
N THR A 151 -30.95 24.68 -17.62
CA THR A 151 -30.89 24.96 -16.19
C THR A 151 -29.43 25.12 -15.78
N VAL A 152 -29.23 25.68 -14.60
CA VAL A 152 -27.91 25.76 -13.98
C VAL A 152 -28.09 25.49 -12.51
N GLY A 153 -27.42 24.48 -12.00
CA GLY A 153 -27.33 24.25 -10.58
C GLY A 153 -25.98 24.75 -10.11
N LEU A 154 -25.98 25.41 -8.98
CA LEU A 154 -24.76 25.77 -8.29
C LEU A 154 -24.72 24.96 -7.01
N ASN A 155 -23.58 24.35 -6.74
CA ASN A 155 -23.42 23.43 -5.65
C ASN A 155 -22.41 23.99 -4.66
N LEU A 156 -22.62 23.71 -3.38
CA LEU A 156 -21.90 24.39 -2.32
C LEU A 156 -21.71 23.50 -1.11
N ASN A 157 -20.94 24.00 -0.17
CA ASN A 157 -20.76 23.30 1.09
C ASN A 157 -21.95 23.47 2.00
N SER A 158 -22.69 24.55 1.84
CA SER A 158 -23.64 25.00 2.84
C SER A 158 -25.02 24.41 2.65
N MET A 159 -25.20 23.44 1.78
CA MET A 159 -26.52 23.05 1.33
C MET A 159 -26.96 21.74 1.98
N SER A 160 -28.26 21.60 2.18
CA SER A 160 -28.81 20.32 2.59
C SER A 160 -28.90 19.40 1.40
N LYS A 161 -29.23 18.13 1.66
CA LYS A 161 -29.13 17.10 0.63
C LYS A 161 -30.14 17.31 -0.48
N ASP A 162 -31.30 17.86 -0.17
CA ASP A 162 -32.30 18.03 -1.21
C ASP A 162 -31.95 19.17 -2.13
N GLU A 163 -31.32 20.22 -1.60
CA GLU A 163 -30.87 21.30 -2.44
C GLU A 163 -29.74 20.86 -3.34
N LYS A 164 -28.84 20.00 -2.85
CA LYS A 164 -27.78 19.50 -3.70
C LYS A 164 -28.31 18.55 -4.75
N ARG A 165 -29.38 17.81 -4.43
CA ARG A 165 -29.97 16.96 -5.45
C ARG A 165 -30.73 17.76 -6.48
N GLU A 166 -31.31 18.87 -6.07
CA GLU A 166 -31.94 19.77 -7.02
C GLU A 166 -30.90 20.46 -7.89
N ALA A 167 -29.72 20.72 -7.33
CA ALA A 167 -28.66 21.35 -8.09
C ALA A 167 -28.05 20.38 -9.09
N TYR A 168 -27.74 19.17 -8.66
CA TYR A 168 -27.24 18.12 -9.55
C TYR A 168 -28.24 17.72 -10.62
N ALA A 169 -29.53 17.86 -10.35
CA ALA A 169 -30.52 17.48 -11.34
C ALA A 169 -30.72 18.53 -12.41
N ALA A 170 -29.95 19.60 -12.39
CA ALA A 170 -30.01 20.57 -13.46
C ALA A 170 -29.26 20.03 -14.67
N ASP A 171 -29.24 20.81 -15.74
CA ASP A 171 -28.50 20.33 -16.89
C ASP A 171 -27.02 20.61 -16.77
N ILE A 172 -26.61 21.57 -15.94
CA ILE A 172 -25.22 21.96 -15.72
C ILE A 172 -25.05 22.13 -14.22
N THR A 173 -23.90 21.76 -13.67
CA THR A 173 -23.64 21.96 -12.25
C THR A 173 -22.32 22.65 -12.06
N TYR A 174 -22.29 23.81 -11.44
CA TYR A 174 -21.01 24.43 -11.15
C TYR A 174 -20.65 24.09 -9.73
N SER A 175 -19.46 23.54 -9.52
CA SER A 175 -19.12 23.21 -8.16
C SER A 175 -17.63 23.23 -7.98
N THR A 176 -17.21 22.91 -6.77
CA THR A 176 -15.81 22.74 -6.48
C THR A 176 -15.49 21.27 -6.42
N ASN A 177 -14.20 20.95 -6.41
CA ASN A 177 -13.83 19.55 -6.46
C ASN A 177 -14.07 18.86 -5.14
N ASN A 178 -13.98 19.58 -4.04
CA ASN A 178 -14.28 19.00 -2.75
C ASN A 178 -15.75 18.61 -2.67
N GLU A 179 -16.65 19.47 -3.10
CA GLU A 179 -18.04 19.13 -2.96
C GLU A 179 -18.46 18.03 -3.91
N LEU A 180 -17.82 17.91 -5.07
CA LEU A 180 -18.09 16.77 -5.92
C LEU A 180 -17.59 15.49 -5.30
N GLY A 181 -16.38 15.50 -4.75
CA GLY A 181 -15.84 14.27 -4.22
C GLY A 181 -16.55 13.80 -2.98
N PHE A 182 -16.92 14.72 -2.10
CA PHE A 182 -17.68 14.34 -0.93
C PHE A 182 -19.11 14.00 -1.26
N ASP A 183 -19.68 14.51 -2.34
CA ASP A 183 -20.97 13.96 -2.72
C ASP A 183 -20.86 12.55 -3.22
N TYR A 184 -19.76 12.19 -3.87
CA TYR A 184 -19.61 10.81 -4.29
C TYR A 184 -19.43 9.87 -3.10
N LEU A 185 -18.69 10.30 -2.10
CA LEU A 185 -18.50 9.44 -0.94
C LEU A 185 -19.76 9.33 -0.11
N ARG A 186 -20.41 10.44 0.18
CA ARG A 186 -21.67 10.36 0.90
C ARG A 186 -22.82 9.82 0.06
N ASP A 187 -22.66 9.62 -1.24
CA ASP A 187 -23.60 8.77 -1.94
C ASP A 187 -23.31 7.32 -1.72
N ASN A 188 -22.05 6.93 -1.58
CA ASN A 188 -21.81 5.53 -1.29
C ASN A 188 -21.83 5.23 0.19
N MET A 189 -22.41 6.09 1.00
CA MET A 189 -22.80 5.68 2.34
C MET A 189 -24.30 5.86 2.61
N VAL A 190 -25.14 5.78 1.59
CA VAL A 190 -26.58 5.92 1.80
C VAL A 190 -27.16 4.62 2.29
N LEU A 191 -28.44 4.66 2.66
CA LEU A 191 -29.21 3.48 3.00
C LEU A 191 -30.30 3.19 2.00
N TYR A 192 -30.94 4.20 1.43
CA TYR A 192 -31.92 4.01 0.37
C TYR A 192 -31.37 4.49 -0.96
N LYS A 193 -32.03 4.07 -2.03
CA LYS A 193 -31.59 4.45 -3.36
C LYS A 193 -31.93 5.89 -3.70
N GLU A 194 -32.91 6.49 -3.03
CA GLU A 194 -33.32 7.86 -3.33
C GLU A 194 -32.68 8.88 -2.41
N GLN A 195 -31.66 8.50 -1.63
CA GLN A 195 -30.90 9.46 -0.86
C GLN A 195 -29.59 9.83 -1.53
N MET A 196 -29.47 9.60 -2.83
CA MET A 196 -28.26 9.91 -3.57
C MET A 196 -28.43 11.22 -4.30
N VAL A 197 -27.42 12.09 -4.21
CA VAL A 197 -27.50 13.40 -4.83
C VAL A 197 -26.96 13.38 -6.25
N GLN A 198 -25.87 12.66 -6.53
CA GLN A 198 -25.30 12.70 -7.86
C GLN A 198 -26.09 11.86 -8.83
N ARG A 199 -26.18 12.33 -10.06
CA ARG A 199 -26.56 11.47 -11.15
C ARG A 199 -25.36 10.63 -11.54
N PRO A 200 -25.54 9.59 -12.35
CA PRO A 200 -24.39 8.95 -12.95
C PRO A 200 -23.60 9.91 -13.80
N LEU A 201 -22.29 9.78 -13.72
CA LEU A 201 -21.36 10.86 -14.03
C LEU A 201 -21.10 10.95 -15.52
N HIS A 202 -21.13 12.14 -16.07
CA HIS A 202 -21.03 12.22 -17.52
C HIS A 202 -19.85 13.00 -18.04
N PHE A 203 -19.54 14.17 -17.50
CA PHE A 203 -18.62 15.08 -18.17
C PHE A 203 -18.20 16.14 -17.19
N ALA A 204 -16.94 16.49 -17.15
CA ALA A 204 -16.48 17.58 -16.33
C ALA A 204 -15.62 18.49 -17.16
N VAL A 205 -15.82 19.76 -17.01
CA VAL A 205 -14.91 20.74 -17.53
C VAL A 205 -14.24 21.33 -16.33
N ILE A 206 -12.99 20.98 -16.11
CA ILE A 206 -12.30 21.37 -14.90
C ILE A 206 -11.59 22.67 -15.21
N ASP A 207 -12.05 23.77 -14.64
CA ASP A 207 -11.23 24.96 -14.67
C ASP A 207 -10.05 24.75 -13.75
N GLU A 208 -8.90 25.27 -14.17
CA GLU A 208 -7.63 25.21 -13.45
C GLU A 208 -7.20 23.76 -13.19
N VAL A 209 -7.05 22.98 -14.26
CA VAL A 209 -6.72 21.56 -14.11
C VAL A 209 -5.38 21.30 -13.47
N ASP A 210 -4.46 22.24 -13.47
CA ASP A 210 -3.19 21.94 -12.84
C ASP A 210 -3.26 21.97 -11.32
N SER A 211 -4.26 22.64 -10.75
CA SER A 211 -4.43 22.51 -9.31
C SER A 211 -5.15 21.23 -8.98
N ILE A 212 -6.28 20.99 -9.63
CA ILE A 212 -7.13 19.86 -9.29
C ILE A 212 -6.46 18.55 -9.65
N LEU A 213 -6.04 18.40 -10.89
CA LEU A 213 -5.54 17.11 -11.34
C LEU A 213 -4.07 16.88 -11.04
N ILE A 214 -3.29 17.91 -10.73
CA ILE A 214 -1.86 17.72 -10.54
C ILE A 214 -1.43 18.05 -9.13
N ASP A 215 -1.62 19.28 -8.68
CA ASP A 215 -1.16 19.65 -7.35
C ASP A 215 -2.01 19.01 -6.28
N GLU A 216 -3.31 19.27 -6.27
CA GLU A 216 -4.10 18.80 -5.14
C GLU A 216 -4.70 17.44 -5.38
N ALA A 217 -4.30 16.75 -6.43
CA ALA A 217 -4.67 15.36 -6.63
C ALA A 217 -3.79 14.41 -5.85
N ARG A 218 -2.88 14.94 -5.06
CA ARG A 218 -2.10 14.16 -4.13
C ARG A 218 -2.91 13.83 -2.88
N THR A 219 -3.64 14.81 -2.38
CA THR A 219 -4.35 14.68 -1.12
C THR A 219 -5.62 13.88 -1.32
N PRO A 220 -5.91 12.97 -0.39
CA PRO A 220 -7.11 12.15 -0.51
C PRO A 220 -8.27 12.72 0.29
N LEU A 221 -9.46 12.54 -0.25
CA LEU A 221 -10.68 12.87 0.44
C LEU A 221 -10.99 11.77 1.44
N ILE A 222 -11.23 12.16 2.67
CA ILE A 222 -11.53 11.25 3.76
C ILE A 222 -12.86 11.69 4.32
N ILE A 223 -13.72 10.76 4.67
CA ILE A 223 -14.87 11.05 5.51
C ILE A 223 -14.73 10.23 6.77
N SER A 224 -14.86 10.89 7.92
CA SER A 224 -14.61 10.27 9.20
C SER A 224 -15.77 10.55 10.12
N GLY A 225 -16.55 9.52 10.42
CA GLY A 225 -17.47 9.61 11.53
C GLY A 225 -16.74 9.59 12.85
N GLN A 226 -17.49 9.84 13.90
CA GLN A 226 -16.98 10.23 15.19
C GLN A 226 -16.91 9.07 16.18
N ALA A 227 -15.77 8.93 16.84
CA ALA A 227 -15.50 7.93 17.85
C ALA A 227 -15.38 8.54 19.25
N ALA A 228 -14.86 7.75 20.18
CA ALA A 228 -14.82 8.08 21.60
C ALA A 228 -13.88 9.22 21.91
N LYS A 229 -14.16 9.89 23.02
CA LYS A 229 -13.44 11.11 23.41
C LYS A 229 -12.38 10.77 24.44
N SER A 230 -11.12 10.90 24.05
CA SER A 230 -10.04 10.94 25.02
C SER A 230 -9.69 12.40 25.25
N THR A 231 -9.59 12.79 26.52
CA THR A 231 -9.28 14.16 26.86
C THR A 231 -8.18 14.26 27.88
N LYS A 232 -7.93 13.22 28.65
CA LYS A 232 -6.89 13.31 29.67
C LYS A 232 -5.51 13.29 29.02
N LEU A 233 -5.34 12.48 27.99
CA LEU A 233 -3.99 12.23 27.57
C LEU A 233 -3.47 13.37 26.71
N TYR A 234 -4.37 14.11 26.05
CA TYR A 234 -3.93 15.27 25.30
C TYR A 234 -3.46 16.37 26.23
N VAL A 235 -4.17 16.57 27.33
CA VAL A 235 -3.77 17.61 28.26
C VAL A 235 -2.49 17.22 28.98
N GLN A 236 -2.32 15.93 29.28
CA GLN A 236 -1.06 15.47 29.86
C GLN A 236 0.11 15.66 28.92
N ALA A 237 -0.04 15.27 27.66
CA ALA A 237 1.07 15.35 26.73
C ALA A 237 1.41 16.79 26.39
N ASN A 238 0.41 17.66 26.38
CA ASN A 238 0.67 19.09 26.23
C ASN A 238 1.43 19.64 27.42
N ALA A 239 0.99 19.34 28.63
CA ALA A 239 1.67 19.87 29.79
C ALA A 239 3.06 19.29 29.98
N PHE A 240 3.33 18.14 29.38
CA PHE A 240 4.71 17.69 29.30
C PHE A 240 5.50 18.49 28.28
N VAL A 241 5.10 18.45 27.01
CA VAL A 241 5.95 18.98 25.94
C VAL A 241 6.00 20.49 25.92
N ARG A 242 5.24 21.15 26.77
CA ARG A 242 5.39 22.59 26.85
C ARG A 242 6.63 23.00 27.64
N THR A 243 7.33 22.05 28.24
CA THR A 243 8.52 22.30 29.04
C THR A 243 9.77 21.64 28.49
N LEU A 244 10.11 21.81 27.20
CA LEU A 244 11.14 20.97 26.60
C LEU A 244 12.33 21.65 25.96
N LYS A 245 12.61 22.94 26.23
CA LYS A 245 13.96 23.53 26.09
C LYS A 245 14.58 23.32 24.71
N ALA A 246 14.05 24.08 23.76
CA ALA A 246 13.81 23.75 22.35
C ALA A 246 14.76 22.81 21.61
N GLU A 247 16.05 23.00 21.65
CA GLU A 247 16.91 22.17 20.82
C GLU A 247 17.70 21.13 21.61
N LYS A 248 17.81 21.29 22.91
CA LYS A 248 18.49 20.31 23.72
C LYS A 248 17.68 19.05 23.95
N ASP A 249 16.35 19.10 23.83
CA ASP A 249 15.54 17.93 24.11
C ASP A 249 14.73 17.40 22.94
N TYR A 250 14.25 18.23 22.05
CA TYR A 250 13.77 17.72 20.79
C TYR A 250 14.64 18.23 19.66
N THR A 251 14.47 17.63 18.50
CA THR A 251 15.09 18.12 17.29
C THR A 251 13.97 18.56 16.37
N TYR A 252 14.33 19.22 15.29
CA TYR A 252 13.33 19.64 14.31
C TYR A 252 14.03 19.71 12.95
N ASP A 253 13.91 18.64 12.19
CA ASP A 253 14.41 18.60 10.82
C ASP A 253 13.71 19.67 10.01
N ILE A 254 14.49 20.59 9.47
CA ILE A 254 13.86 21.74 8.86
C ILE A 254 13.39 21.42 7.45
N LYS A 255 13.98 20.40 6.82
CA LYS A 255 13.70 20.09 5.43
C LYS A 255 12.33 19.48 5.26
N THR A 256 12.07 18.39 5.95
CA THR A 256 10.73 17.89 6.14
C THR A 256 10.39 18.03 7.61
N LYS A 257 9.22 18.61 7.89
CA LYS A 257 8.90 19.07 9.23
C LYS A 257 8.67 17.89 10.14
N ALA A 258 9.71 17.43 10.81
CA ALA A 258 9.60 16.23 11.62
C ALA A 258 10.37 16.45 12.89
N VAL A 259 9.71 16.30 14.00
CA VAL A 259 10.34 16.46 15.30
C VAL A 259 10.41 15.11 15.99
N GLN A 260 11.54 14.85 16.61
CA GLN A 260 11.67 13.71 17.46
C GLN A 260 12.32 14.16 18.74
N LEU A 261 12.37 13.26 19.70
CA LEU A 261 13.01 13.59 20.94
C LEU A 261 14.48 13.22 20.83
N THR A 262 15.31 14.00 21.50
CA THR A 262 16.70 13.65 21.67
C THR A 262 16.79 12.66 22.81
N GLU A 263 17.97 12.10 23.02
CA GLU A 263 18.18 11.11 24.06
C GLU A 263 17.97 11.70 25.45
N GLU A 264 18.10 13.00 25.63
CA GLU A 264 17.79 13.55 26.93
C GLU A 264 16.29 13.63 27.13
N GLY A 265 15.55 13.96 26.08
CA GLY A 265 14.11 14.13 26.21
C GLY A 265 13.39 12.83 26.49
N MET A 266 13.94 11.71 26.02
CA MET A 266 13.32 10.44 26.29
C MET A 266 13.42 10.08 27.76
N THR A 267 14.58 10.35 28.37
CA THR A 267 14.74 10.09 29.80
C THR A 267 13.89 11.05 30.62
N LYS A 268 13.75 12.28 30.14
CA LYS A 268 12.89 13.24 30.80
C LYS A 268 11.43 12.81 30.75
N ALA A 269 10.99 12.26 29.62
CA ALA A 269 9.62 11.77 29.49
C ALA A 269 9.37 10.59 30.41
N GLU A 270 10.33 9.66 30.49
CA GLU A 270 10.19 8.50 31.33
C GLU A 270 10.24 8.84 32.82
N LYS A 271 10.84 9.95 33.21
CA LYS A 271 10.71 10.32 34.61
C LYS A 271 9.62 11.35 34.87
N ALA A 272 9.01 11.90 33.83
CA ALA A 272 7.87 12.78 34.07
C ALA A 272 6.55 12.04 34.07
N PHE A 273 6.38 11.04 33.23
CA PHE A 273 5.21 10.17 33.33
C PHE A 273 5.41 9.00 34.30
N GLY A 274 6.59 8.88 34.90
CA GLY A 274 6.87 7.84 35.87
C GLY A 274 7.11 6.46 35.32
N ILE A 275 6.94 6.25 34.02
CA ILE A 275 6.92 4.92 33.43
C ILE A 275 8.31 4.30 33.36
N ASP A 276 8.38 3.05 32.88
CA ASP A 276 9.63 2.33 32.71
C ASP A 276 10.36 2.67 31.42
N ASN A 277 9.68 2.54 30.28
CA ASN A 277 10.30 2.69 28.98
C ASN A 277 9.21 3.12 28.01
N LEU A 278 9.38 4.28 27.37
CA LEU A 278 8.39 4.75 26.39
C LEU A 278 8.27 3.78 25.25
N PHE A 279 9.37 3.23 24.80
CA PHE A 279 9.40 2.51 23.56
C PHE A 279 9.05 1.06 23.74
N ASP A 280 8.35 0.73 24.81
CA ASP A 280 7.83 -0.60 25.08
C ASP A 280 6.61 -0.81 24.19
N VAL A 281 5.85 -1.86 24.41
CA VAL A 281 4.63 -1.94 23.62
C VAL A 281 3.48 -1.46 24.48
N LYS A 282 3.60 -1.67 25.79
CA LYS A 282 2.58 -1.29 26.76
C LYS A 282 2.35 0.21 26.85
N HIS A 283 3.14 1.02 26.18
CA HIS A 283 3.00 2.45 26.24
C HIS A 283 2.98 3.09 24.86
N VAL A 284 2.59 2.34 23.82
CA VAL A 284 2.57 2.90 22.47
C VAL A 284 1.70 4.15 22.38
N ALA A 285 0.52 4.13 23.01
CA ALA A 285 -0.38 5.28 22.97
C ALA A 285 0.23 6.48 23.64
N LEU A 286 0.98 6.26 24.72
CA LEU A 286 1.62 7.37 25.40
C LEU A 286 2.61 8.02 24.49
N ASN A 287 3.42 7.21 23.81
CA ASN A 287 4.38 7.70 22.85
C ASN A 287 3.69 8.43 21.73
N HIS A 288 2.54 7.92 21.31
CA HIS A 288 1.82 8.55 20.21
C HIS A 288 1.41 9.94 20.56
N HIS A 289 0.91 10.12 21.79
CA HIS A 289 0.41 11.45 22.13
C HIS A 289 1.55 12.43 22.27
N ILE A 290 2.71 11.96 22.72
CA ILE A 290 3.82 12.87 22.86
C ILE A 290 4.29 13.33 21.50
N ASN A 291 4.34 12.41 20.53
CA ASN A 291 4.77 12.81 19.21
C ASN A 291 3.79 13.77 18.57
N GLN A 292 2.49 13.53 18.78
CA GLN A 292 1.54 14.44 18.16
C GLN A 292 1.54 15.77 18.89
N ALA A 293 1.76 15.75 20.19
CA ALA A 293 1.85 17.01 20.91
C ALA A 293 3.10 17.74 20.51
N LEU A 294 4.14 16.99 20.23
CA LEU A 294 5.37 17.61 19.81
C LEU A 294 5.28 18.12 18.40
N LYS A 295 4.40 17.55 17.59
CA LYS A 295 4.27 18.15 16.27
C LYS A 295 3.33 19.32 16.33
N ALA A 296 2.43 19.36 17.30
CA ALA A 296 1.50 20.46 17.32
C ALA A 296 2.11 21.72 17.87
N HIS A 297 3.21 21.62 18.60
CA HIS A 297 3.88 22.83 19.04
C HIS A 297 4.74 23.43 17.96
N VAL A 298 5.69 22.67 17.46
CA VAL A 298 6.77 23.32 16.75
C VAL A 298 6.67 23.18 15.24
N ALA A 299 6.14 22.08 14.75
CA ALA A 299 6.22 21.88 13.33
C ALA A 299 5.12 22.59 12.57
N MET A 300 4.18 23.21 13.25
CA MET A 300 3.15 23.96 12.53
C MET A 300 2.65 25.13 13.37
N GLN A 301 2.93 26.33 12.89
CA GLN A 301 2.76 27.56 13.63
C GLN A 301 1.32 27.99 13.58
N LYS A 302 1.00 29.05 14.33
CA LYS A 302 -0.40 29.38 14.51
C LYS A 302 -1.03 29.93 13.26
N ASP A 303 -0.69 31.12 12.82
CA ASP A 303 -1.50 31.65 11.72
C ASP A 303 -1.04 31.16 10.37
N VAL A 304 0.10 30.48 10.28
CA VAL A 304 0.61 30.05 8.99
C VAL A 304 -0.29 28.99 8.39
N ASP A 305 -0.63 27.97 9.17
CA ASP A 305 -1.41 26.88 8.60
C ASP A 305 -2.55 26.41 9.49
N TYR A 306 -3.07 27.28 10.34
CA TYR A 306 -4.46 27.23 10.79
C TYR A 306 -4.84 28.59 11.33
N VAL A 307 -6.06 28.71 11.84
CA VAL A 307 -6.52 29.89 12.54
C VAL A 307 -7.35 29.42 13.71
N VAL A 308 -7.68 30.33 14.60
CA VAL A 308 -8.60 30.05 15.69
C VAL A 308 -9.83 30.91 15.49
N GLU A 309 -10.95 30.26 15.22
CA GLU A 309 -12.23 30.89 14.95
C GLU A 309 -13.19 30.38 16.01
N ASP A 310 -13.48 31.24 17.00
CA ASP A 310 -14.51 31.01 18.02
C ASP A 310 -14.27 29.74 18.82
N GLY A 311 -13.01 29.47 19.14
CA GLY A 311 -12.72 28.25 19.85
C GLY A 311 -12.76 27.01 19.00
N GLN A 312 -12.50 27.13 17.71
CA GLN A 312 -12.21 25.97 16.89
C GLN A 312 -11.01 26.29 16.04
N VAL A 313 -10.06 25.37 15.95
CA VAL A 313 -8.96 25.59 15.05
C VAL A 313 -9.43 25.19 13.66
N VAL A 314 -9.49 26.15 12.76
CA VAL A 314 -9.92 25.89 11.41
C VAL A 314 -8.69 25.89 10.53
N ILE A 315 -8.49 24.83 9.80
CA ILE A 315 -7.21 24.66 9.13
C ILE A 315 -7.30 25.30 7.76
N VAL A 316 -6.18 25.86 7.34
CA VAL A 316 -6.10 26.73 6.18
C VAL A 316 -5.46 25.93 5.08
N ASP A 317 -6.07 25.95 3.90
CA ASP A 317 -5.57 25.21 2.76
C ASP A 317 -4.21 25.67 2.30
N SER A 318 -3.35 24.71 2.03
CA SER A 318 -2.06 25.03 1.42
C SER A 318 -2.27 25.51 0.01
N PHE A 319 -3.20 24.90 -0.70
CA PHE A 319 -3.33 25.06 -2.14
C PHE A 319 -4.23 26.22 -2.50
N THR A 320 -5.47 26.20 -2.03
CA THR A 320 -6.39 27.25 -2.42
C THR A 320 -6.18 28.51 -1.62
N GLY A 321 -5.61 28.42 -0.43
CA GLY A 321 -5.40 29.56 0.41
C GLY A 321 -6.54 29.89 1.33
N ARG A 322 -7.72 29.36 1.07
CA ARG A 322 -8.87 29.65 1.90
C ARG A 322 -8.81 28.80 3.15
N LEU A 323 -9.71 29.04 4.08
CA LEU A 323 -9.86 28.15 5.20
C LEU A 323 -11.02 27.24 4.93
N MET A 324 -10.79 25.95 5.12
CA MET A 324 -11.81 24.95 4.91
C MET A 324 -12.35 24.53 6.25
N LYS A 325 -13.67 24.57 6.38
CA LYS A 325 -14.28 24.71 7.69
C LYS A 325 -14.65 23.41 8.34
N GLY A 326 -15.21 22.47 7.61
CA GLY A 326 -15.60 21.27 8.28
C GLY A 326 -14.51 20.27 8.50
N ARG A 327 -13.28 20.59 8.16
CA ARG A 327 -12.22 19.62 8.02
C ARG A 327 -11.27 19.67 9.19
N ARG A 328 -10.73 18.52 9.52
CA ARG A 328 -9.95 18.32 10.72
C ARG A 328 -8.67 17.61 10.37
N TYR A 329 -7.63 17.81 11.16
CA TYR A 329 -6.49 16.96 10.99
C TYR A 329 -6.80 15.61 11.57
N SER A 330 -6.05 14.61 11.16
CA SER A 330 -6.38 13.27 11.57
C SER A 330 -5.23 12.72 12.37
N GLU A 331 -5.29 11.41 12.63
CA GLU A 331 -4.37 10.61 13.46
C GLU A 331 -4.08 11.25 14.82
N GLY A 332 -5.01 12.03 15.33
CA GLY A 332 -4.89 12.56 16.66
C GLY A 332 -4.12 13.86 16.78
N LEU A 333 -3.94 14.57 15.67
CA LEU A 333 -3.21 15.83 15.68
C LEU A 333 -4.07 17.01 16.01
N HIS A 334 -5.29 17.05 15.49
CA HIS A 334 -6.13 18.22 15.63
C HIS A 334 -6.53 18.44 17.06
N GLN A 335 -6.62 17.37 17.83
CA GLN A 335 -6.84 17.53 19.24
C GLN A 335 -5.60 18.04 19.93
N ALA A 336 -4.40 17.71 19.45
CA ALA A 336 -3.20 18.24 20.07
C ALA A 336 -3.04 19.71 19.77
N ILE A 337 -3.53 20.16 18.62
CA ILE A 337 -3.59 21.58 18.34
C ILE A 337 -4.65 22.25 19.22
N GLU A 338 -5.81 21.61 19.39
CA GLU A 338 -6.84 22.16 20.25
C GLU A 338 -6.45 22.20 21.70
N ALA A 339 -5.54 21.34 22.15
CA ALA A 339 -5.07 21.38 23.51
C ALA A 339 -3.81 22.19 23.69
N LYS A 340 -3.09 22.48 22.60
CA LYS A 340 -2.02 23.48 22.63
C LYS A 340 -2.53 24.81 23.13
N GLU A 341 -3.71 25.20 22.67
CA GLU A 341 -4.25 26.52 22.88
C GLU A 341 -5.35 26.55 23.91
N GLY A 342 -5.56 25.45 24.62
CA GLY A 342 -6.56 25.45 25.65
C GLY A 342 -7.97 25.47 25.15
N LEU A 343 -8.20 25.13 23.90
CA LEU A 343 -9.55 25.13 23.40
C LEU A 343 -10.27 23.86 23.85
N GLU A 344 -11.54 23.77 23.52
CA GLU A 344 -12.32 22.58 23.82
C GLU A 344 -11.83 21.44 22.97
N ILE A 345 -11.22 20.44 23.62
CA ILE A 345 -10.86 19.23 22.90
C ILE A 345 -12.13 18.47 22.58
N GLN A 346 -12.29 18.08 21.34
CA GLN A 346 -13.48 17.33 21.01
C GLN A 346 -13.10 15.97 20.44
N ASN A 347 -14.11 15.25 19.98
CA ASN A 347 -14.04 13.81 19.81
C ASN A 347 -13.07 13.43 18.72
N GLU A 348 -12.82 12.14 18.62
CA GLU A 348 -11.76 11.63 17.78
C GLU A 348 -12.37 10.98 16.56
N SER A 349 -11.87 11.35 15.39
CA SER A 349 -12.44 10.88 14.14
C SER A 349 -12.12 9.41 13.91
N MET A 350 -12.75 8.84 12.89
CA MET A 350 -12.54 7.45 12.51
C MET A 350 -12.96 7.28 11.07
N THR A 351 -12.04 6.88 10.19
CA THR A 351 -12.23 6.99 8.75
C THR A 351 -13.31 6.07 8.25
N LEU A 352 -14.27 6.61 7.50
CA LEU A 352 -15.31 5.81 6.90
C LEU A 352 -15.10 5.63 5.40
N ALA A 353 -14.78 6.67 4.68
CA ALA A 353 -14.61 6.51 3.24
C ALA A 353 -13.39 7.28 2.79
N THR A 354 -12.88 6.94 1.61
CA THR A 354 -11.60 7.46 1.17
C THR A 354 -11.51 7.40 -0.34
N ILE A 355 -11.08 8.48 -0.98
CA ILE A 355 -10.86 8.53 -2.43
C ILE A 355 -9.73 9.53 -2.69
N THR A 356 -9.18 9.52 -3.90
CA THR A 356 -8.23 10.54 -4.33
C THR A 356 -8.73 11.12 -5.63
N PHE A 357 -8.17 12.27 -6.03
CA PHE A 357 -8.75 13.00 -7.14
C PHE A 357 -8.45 12.38 -8.50
N GLN A 358 -7.37 11.62 -8.64
CA GLN A 358 -7.23 10.86 -9.88
C GLN A 358 -8.27 9.76 -9.95
N ASN A 359 -8.45 9.04 -8.84
CA ASN A 359 -9.37 7.92 -8.82
C ASN A 359 -10.80 8.39 -8.94
N TYR A 360 -11.10 9.58 -8.47
CA TYR A 360 -12.43 10.11 -8.68
C TYR A 360 -12.58 10.68 -10.07
N PHE A 361 -11.64 11.48 -10.52
CA PHE A 361 -11.86 12.14 -11.80
C PHE A 361 -11.65 11.25 -12.99
N ARG A 362 -11.11 10.05 -12.81
CA ARG A 362 -10.98 9.14 -13.94
C ARG A 362 -12.17 8.19 -14.03
N MET A 363 -13.29 8.54 -13.42
CA MET A 363 -14.52 7.78 -13.54
C MET A 363 -15.55 8.49 -14.38
N TYR A 364 -15.16 9.53 -15.10
CA TYR A 364 -16.11 10.47 -15.63
C TYR A 364 -16.48 10.32 -17.08
N GLU A 365 -15.98 9.31 -17.80
CA GLU A 365 -16.49 8.94 -19.12
C GLU A 365 -16.30 10.00 -20.22
N LYS A 366 -15.88 11.21 -19.85
CA LYS A 366 -15.30 12.23 -20.71
C LYS A 366 -14.92 13.34 -19.76
N LEU A 367 -13.68 13.84 -19.80
CA LEU A 367 -13.40 14.99 -18.96
C LEU A 367 -12.39 15.86 -19.68
N ALA A 368 -12.60 17.14 -19.57
CA ALA A 368 -11.89 18.14 -20.33
C ALA A 368 -11.08 18.95 -19.37
N GLY A 369 -10.68 20.14 -19.79
CA GLY A 369 -10.08 21.01 -18.81
C GLY A 369 -9.24 22.08 -19.45
N MET A 370 -8.92 23.09 -18.67
CA MET A 370 -8.15 24.19 -19.20
C MET A 370 -7.37 24.78 -18.06
N THR A 371 -6.31 25.49 -18.40
CA THR A 371 -5.49 26.24 -17.45
C THR A 371 -4.64 27.19 -18.25
N GLY A 372 -3.73 27.87 -17.58
CA GLY A 372 -2.83 28.72 -18.30
C GLY A 372 -1.44 28.15 -18.34
N THR A 373 -1.17 27.24 -17.41
CA THR A 373 0.17 26.75 -17.12
C THR A 373 0.22 25.23 -17.18
N ALA A 374 -0.21 24.63 -18.29
CA ALA A 374 -0.25 23.17 -18.33
C ALA A 374 1.02 22.55 -18.84
N LYS A 375 1.71 23.25 -19.73
CA LYS A 375 2.67 22.62 -20.64
C LYS A 375 3.82 22.00 -19.89
N THR A 376 4.19 22.62 -18.77
CA THR A 376 5.27 22.16 -17.89
C THR A 376 5.04 20.73 -17.42
N GLU A 377 3.78 20.34 -17.24
CA GLU A 377 3.44 19.00 -16.78
C GLU A 377 2.78 18.16 -17.86
N GLU A 378 3.05 18.47 -19.14
CA GLU A 378 2.25 17.98 -20.27
C GLU A 378 2.16 16.46 -20.32
N GLU A 379 3.30 15.79 -20.22
CA GLU A 379 3.35 14.33 -20.33
C GLU A 379 2.63 13.65 -19.20
N GLU A 380 2.45 14.34 -18.06
CA GLU A 380 1.79 13.73 -16.93
C GLU A 380 0.31 13.57 -17.22
N PHE A 381 -0.27 14.54 -17.92
CA PHE A 381 -1.62 14.41 -18.42
C PHE A 381 -1.74 13.33 -19.47
N ARG A 382 -0.64 12.93 -20.08
CA ARG A 382 -0.63 11.79 -20.97
C ARG A 382 -0.33 10.49 -20.22
N ASN A 383 0.38 10.55 -19.10
CA ASN A 383 0.67 9.32 -18.37
C ASN A 383 -0.40 8.94 -17.37
N ILE A 384 -1.11 9.91 -16.81
CA ILE A 384 -2.06 9.64 -15.76
C ILE A 384 -3.47 9.55 -16.30
N TYR A 385 -3.84 10.50 -17.15
CA TYR A 385 -5.23 10.68 -17.54
C TYR A 385 -5.49 10.35 -18.99
N ASN A 386 -4.44 10.16 -19.80
CA ASN A 386 -4.53 10.00 -21.25
C ASN A 386 -5.27 11.17 -21.91
N MET A 387 -4.84 12.38 -21.57
CA MET A 387 -5.30 13.59 -22.23
C MET A 387 -4.12 14.37 -22.75
N GLN A 388 -4.20 14.89 -23.97
CA GLN A 388 -3.10 15.68 -24.46
C GLN A 388 -3.39 17.14 -24.25
N VAL A 389 -2.33 17.91 -24.07
CA VAL A 389 -2.45 19.33 -23.82
C VAL A 389 -2.30 20.07 -25.14
N VAL A 390 -3.36 20.67 -25.61
CA VAL A 390 -3.33 21.50 -26.80
C VAL A 390 -2.96 22.90 -26.39
N THR A 391 -2.07 23.55 -27.14
CA THR A 391 -1.66 24.91 -26.86
C THR A 391 -2.34 25.85 -27.83
N ILE A 392 -3.04 26.85 -27.31
CA ILE A 392 -3.92 27.70 -28.09
C ILE A 392 -3.45 29.15 -28.05
N PRO A 393 -3.47 29.89 -29.18
CA PRO A 393 -2.86 31.23 -29.24
C PRO A 393 -3.49 32.31 -28.37
N THR A 394 -3.03 33.55 -28.58
CA THR A 394 -3.23 34.62 -27.62
C THR A 394 -4.37 35.54 -28.04
N ASN A 395 -4.38 35.98 -29.30
CA ASN A 395 -5.35 36.85 -29.97
C ASN A 395 -5.06 38.34 -29.71
N ARG A 396 -3.98 38.65 -28.98
CA ARG A 396 -3.54 40.00 -28.66
C ARG A 396 -2.22 39.73 -27.99
N PRO A 397 -1.14 40.41 -28.39
CA PRO A 397 0.18 40.08 -27.87
C PRO A 397 0.32 40.45 -26.41
N VAL A 398 1.18 39.72 -25.71
CA VAL A 398 1.30 39.88 -24.28
C VAL A 398 2.30 41.01 -24.02
N VAL A 399 1.83 42.10 -23.44
CA VAL A 399 2.66 43.29 -23.30
C VAL A 399 2.90 43.46 -21.81
N ARG A 400 3.16 42.35 -21.14
CA ARG A 400 3.26 42.31 -19.69
C ARG A 400 4.74 42.18 -19.29
N ASP A 401 5.28 43.26 -18.72
CA ASP A 401 6.71 43.38 -18.44
C ASP A 401 7.08 42.53 -17.22
N ASP A 402 7.14 41.23 -17.41
CA ASP A 402 7.42 40.34 -16.28
C ASP A 402 8.90 40.35 -15.96
N ARG A 403 9.26 41.32 -15.12
CA ARG A 403 10.64 41.60 -14.73
C ARG A 403 11.23 40.47 -13.90
N PRO A 404 12.56 40.33 -13.90
CA PRO A 404 13.19 39.27 -13.12
C PRO A 404 13.23 39.60 -11.64
N ASP A 405 13.82 38.70 -10.87
CA ASP A 405 13.66 38.65 -9.44
C ASP A 405 14.45 39.77 -8.76
N LEU A 406 14.34 39.82 -7.45
CA LEU A 406 15.29 40.56 -6.61
C LEU A 406 15.60 39.66 -5.42
N ILE A 407 16.65 38.84 -5.55
CA ILE A 407 17.07 38.05 -4.40
C ILE A 407 17.72 38.99 -3.41
N TYR A 408 17.35 38.90 -2.14
CA TYR A 408 18.06 39.68 -1.14
C TYR A 408 18.84 38.76 -0.20
N ARG A 409 19.41 39.38 0.83
CA ARG A 409 19.78 38.73 2.08
C ARG A 409 18.54 38.76 2.95
N THR A 410 18.71 38.75 4.27
CA THR A 410 17.69 38.51 5.29
C THR A 410 16.32 39.16 5.13
N MET A 411 15.31 38.49 5.71
CA MET A 411 13.89 38.66 5.39
C MET A 411 13.40 40.10 5.48
N GLU A 412 13.74 40.80 6.57
CA GLU A 412 13.19 42.13 6.80
C GLU A 412 13.73 43.17 5.83
N GLY A 413 14.88 42.89 5.19
CA GLY A 413 15.31 43.75 4.10
C GLY A 413 14.35 43.68 2.92
N LYS A 414 13.87 42.48 2.61
CA LYS A 414 12.86 42.30 1.57
C LYS A 414 11.57 43.01 1.91
N PHE A 415 11.18 42.99 3.19
CA PHE A 415 9.92 43.61 3.57
C PHE A 415 10.02 45.12 3.57
N LYS A 416 11.18 45.66 3.97
CA LYS A 416 11.38 47.10 3.87
C LYS A 416 11.38 47.54 2.41
N ALA A 417 11.96 46.72 1.53
CA ALA A 417 11.98 47.09 0.13
C ALA A 417 10.62 46.95 -0.54
N VAL A 418 9.83 45.96 -0.15
CA VAL A 418 8.52 45.83 -0.79
C VAL A 418 7.58 46.91 -0.30
N ALA A 419 7.76 47.38 0.94
CA ALA A 419 6.98 48.54 1.37
C ALA A 419 7.42 49.81 0.66
N GLU A 420 8.72 49.95 0.41
CA GLU A 420 9.18 51.12 -0.35
C GLU A 420 8.70 51.08 -1.79
N ASP A 421 8.65 49.88 -2.39
CA ASP A 421 8.16 49.76 -3.76
C ASP A 421 6.68 50.04 -3.87
N VAL A 422 5.88 49.54 -2.92
CA VAL A 422 4.46 49.82 -3.02
C VAL A 422 4.18 51.26 -2.66
N ALA A 423 5.05 51.90 -1.87
CA ALA A 423 4.90 53.32 -1.62
C ALA A 423 5.15 54.13 -2.88
N GLN A 424 6.25 53.85 -3.57
CA GLN A 424 6.54 54.63 -4.76
C GLN A 424 5.67 54.27 -5.94
N ARG A 425 4.94 53.16 -5.90
CA ARG A 425 3.90 52.96 -6.90
C ARG A 425 2.57 53.51 -6.45
N TYR A 426 2.40 53.74 -5.14
CA TYR A 426 1.19 54.41 -4.68
C TYR A 426 1.26 55.90 -4.96
N MET A 427 2.46 56.49 -4.95
CA MET A 427 2.57 57.92 -5.18
C MET A 427 2.22 58.31 -6.61
N THR A 428 2.22 57.36 -7.54
CA THR A 428 1.69 57.59 -8.87
C THR A 428 0.24 57.18 -9.00
N GLY A 429 -0.28 56.40 -8.05
CA GLY A 429 -1.63 55.93 -8.12
C GLY A 429 -1.82 54.62 -8.87
N GLN A 430 -0.75 53.97 -9.26
CA GLN A 430 -0.88 52.68 -9.91
C GLN A 430 -1.30 51.64 -8.88
N PRO A 431 -2.27 50.79 -9.18
CA PRO A 431 -2.69 49.78 -8.22
C PRO A 431 -1.66 48.69 -8.09
N VAL A 432 -1.49 48.19 -6.88
CA VAL A 432 -0.48 47.19 -6.60
C VAL A 432 -1.17 46.03 -5.95
N LEU A 433 -0.91 44.83 -6.43
CA LEU A 433 -1.37 43.61 -5.77
C LEU A 433 -0.16 42.92 -5.18
N VAL A 434 -0.08 42.84 -3.87
CA VAL A 434 1.05 42.23 -3.21
C VAL A 434 0.67 40.79 -2.90
N GLY A 435 1.20 39.85 -3.64
CA GLY A 435 0.93 38.46 -3.32
C GLY A 435 1.77 37.99 -2.17
N THR A 436 1.32 36.94 -1.47
CA THR A 436 2.04 36.35 -0.35
C THR A 436 1.62 34.89 -0.33
N VAL A 437 2.00 34.12 0.71
CA VAL A 437 1.32 32.83 0.86
C VAL A 437 0.69 32.65 2.24
N ALA A 438 1.22 33.26 3.28
CA ALA A 438 0.72 32.98 4.60
C ALA A 438 -0.33 34.00 4.95
N VAL A 439 -0.86 33.96 6.16
CA VAL A 439 -1.71 35.05 6.60
C VAL A 439 -1.04 35.89 7.65
N GLU A 440 -0.05 35.36 8.37
CA GLU A 440 0.62 36.20 9.33
C GLU A 440 1.67 37.06 8.65
N THR A 441 2.21 36.62 7.53
CA THR A 441 3.07 37.52 6.79
C THR A 441 2.28 38.57 6.03
N SER A 442 1.03 38.28 5.65
CA SER A 442 0.24 39.32 5.02
C SER A 442 -0.20 40.36 6.04
N GLU A 443 -0.51 39.93 7.26
CA GLU A 443 -0.79 40.97 8.25
C GLU A 443 0.48 41.62 8.76
N LEU A 444 1.63 40.96 8.63
CA LEU A 444 2.92 41.61 8.87
C LEU A 444 3.17 42.74 7.89
N ILE A 445 3.05 42.45 6.60
CA ILE A 445 3.28 43.52 5.62
C ILE A 445 2.16 44.56 5.67
N SER A 446 0.97 44.23 6.15
CA SER A 446 -0.01 45.28 6.34
C SER A 446 0.34 46.16 7.52
N LYS A 447 0.94 45.61 8.56
CA LYS A 447 1.35 46.52 9.62
C LYS A 447 2.69 47.18 9.33
N LEU A 448 3.37 46.78 8.26
CA LEU A 448 4.41 47.61 7.68
C LEU A 448 3.86 48.72 6.80
N LEU A 449 2.66 48.57 6.27
CA LEU A 449 2.05 49.66 5.53
C LEU A 449 1.08 50.48 6.35
N LYS A 450 0.88 50.17 7.63
CA LYS A 450 0.09 51.07 8.45
C LYS A 450 0.90 52.30 8.83
N ASN A 451 2.08 52.13 9.43
CA ASN A 451 3.07 53.17 9.29
C ASN A 451 3.54 53.20 7.85
N LYS A 452 4.05 54.35 7.41
CA LYS A 452 4.28 54.84 6.05
C LYS A 452 2.97 55.33 5.41
N GLY A 453 1.82 55.08 6.05
CA GLY A 453 0.57 55.77 5.73
C GLY A 453 -0.06 55.51 4.38
N ILE A 454 -0.43 54.27 4.09
CA ILE A 454 -1.08 53.94 2.82
C ILE A 454 -2.38 53.21 3.09
N PRO A 455 -3.49 53.64 2.50
CA PRO A 455 -4.72 52.85 2.61
C PRO A 455 -4.64 51.60 1.76
N HIS A 456 -5.09 50.48 2.32
CA HIS A 456 -4.96 49.19 1.69
C HIS A 456 -6.06 48.28 2.22
N GLN A 457 -6.18 47.10 1.61
CA GLN A 457 -7.23 46.15 1.94
C GLN A 457 -6.64 44.75 1.95
N VAL A 458 -6.32 44.23 3.11
CA VAL A 458 -5.74 42.90 3.20
C VAL A 458 -6.83 41.86 3.01
N LEU A 459 -6.48 40.73 2.37
CA LEU A 459 -7.43 39.67 2.02
C LEU A 459 -6.84 38.34 2.46
N ASN A 460 -7.00 38.01 3.73
CA ASN A 460 -6.39 36.84 4.32
C ASN A 460 -7.32 35.66 4.15
N ALA A 461 -7.04 34.59 4.88
CA ALA A 461 -8.03 33.55 5.07
C ALA A 461 -9.09 33.93 6.07
N LYS A 462 -8.85 34.94 6.89
CA LYS A 462 -9.81 35.40 7.87
C LYS A 462 -10.70 36.52 7.36
N ASN A 463 -10.38 37.12 6.23
CA ASN A 463 -11.14 38.21 5.64
C ASN A 463 -11.82 37.76 4.36
N HIS A 464 -12.26 36.52 4.31
CA HIS A 464 -12.95 36.02 3.13
C HIS A 464 -14.34 36.61 3.01
N GLU A 465 -14.95 36.96 4.14
CA GLU A 465 -16.35 37.32 4.24
C GLU A 465 -16.74 38.55 3.43
N ARG A 466 -15.76 39.31 2.98
CA ARG A 466 -16.05 40.51 2.21
C ARG A 466 -15.38 40.49 0.84
N GLU A 467 -14.52 39.50 0.56
CA GLU A 467 -13.47 39.67 -0.46
C GLU A 467 -14.02 39.86 -1.86
N ALA A 468 -15.24 39.40 -2.11
CA ALA A 468 -15.84 39.52 -3.43
C ALA A 468 -16.07 40.96 -3.87
N GLN A 469 -16.02 41.92 -2.95
CA GLN A 469 -16.04 43.31 -3.37
C GLN A 469 -14.70 44.00 -3.23
N ILE A 470 -13.77 43.45 -2.45
CA ILE A 470 -12.40 43.95 -2.39
C ILE A 470 -11.78 43.91 -3.78
N ILE A 471 -12.07 42.85 -4.53
CA ILE A 471 -11.59 42.70 -5.91
C ILE A 471 -12.09 43.82 -6.78
N GLU A 472 -13.35 44.25 -6.61
CA GLU A 472 -13.75 45.33 -7.51
C GLU A 472 -13.34 46.70 -7.00
N GLU A 473 -12.59 46.77 -5.91
CA GLU A 473 -11.87 47.97 -5.55
C GLU A 473 -10.38 47.81 -5.73
N ALA A 474 -9.91 46.66 -6.22
CA ALA A 474 -8.49 46.44 -6.34
C ALA A 474 -7.95 46.82 -7.70
N GLY A 475 -8.73 47.54 -8.48
CA GLY A 475 -8.34 47.79 -9.85
C GLY A 475 -8.70 49.18 -10.32
N GLN A 476 -9.08 50.06 -9.42
CA GLN A 476 -9.19 51.46 -9.77
C GLN A 476 -7.89 52.17 -9.41
N LYS A 477 -7.93 53.50 -9.45
CA LYS A 477 -6.76 54.32 -9.16
C LYS A 477 -6.35 54.19 -7.70
N GLY A 478 -5.06 54.05 -7.47
CA GLY A 478 -4.50 54.19 -6.15
C GLY A 478 -4.83 53.11 -5.16
N ALA A 479 -5.25 51.95 -5.62
CA ALA A 479 -5.52 50.87 -4.68
C ALA A 479 -4.23 50.16 -4.30
N VAL A 480 -4.20 49.61 -3.10
CA VAL A 480 -3.13 48.70 -2.69
C VAL A 480 -3.84 47.51 -2.09
N THR A 481 -3.45 46.31 -2.48
CA THR A 481 -4.20 45.13 -2.07
C THR A 481 -3.23 44.04 -1.67
N ILE A 482 -3.23 43.65 -0.40
CA ILE A 482 -2.35 42.59 0.05
C ILE A 482 -3.13 41.30 0.05
N ALA A 483 -2.71 40.32 -0.72
CA ALA A 483 -3.49 39.11 -0.86
C ALA A 483 -2.61 37.89 -0.64
N THR A 484 -3.14 36.93 0.10
CA THR A 484 -2.55 35.59 0.16
C THR A 484 -2.95 34.78 -1.07
N ASN A 485 -2.85 33.45 -1.03
CA ASN A 485 -3.21 32.60 -2.18
C ASN A 485 -4.67 32.67 -2.59
N MET A 486 -5.53 33.39 -1.86
CA MET A 486 -6.91 33.53 -2.27
C MET A 486 -7.03 34.24 -3.60
N ALA A 487 -6.26 35.31 -3.80
CA ALA A 487 -6.29 36.03 -5.06
C ALA A 487 -5.18 35.60 -5.96
N GLY A 488 -4.87 34.32 -5.97
CA GLY A 488 -3.74 33.85 -6.72
C GLY A 488 -4.07 33.00 -7.92
N ARG A 489 -5.31 32.50 -8.07
CA ARG A 489 -5.55 31.70 -9.28
C ARG A 489 -6.69 32.16 -10.16
N GLY A 490 -7.82 32.58 -9.63
CA GLY A 490 -8.91 32.79 -10.56
C GLY A 490 -9.34 34.22 -10.66
N THR A 491 -8.69 35.07 -9.89
CA THR A 491 -9.17 36.41 -9.62
C THR A 491 -9.01 37.31 -10.82
N ASP A 492 -10.12 37.85 -11.28
CA ASP A 492 -10.20 38.73 -12.43
C ASP A 492 -10.24 40.16 -11.92
N ILE A 493 -9.08 40.79 -11.75
CA ILE A 493 -9.05 42.18 -11.30
C ILE A 493 -9.18 43.07 -12.53
N LYS A 494 -10.38 43.55 -12.79
CA LYS A 494 -10.61 44.42 -13.92
C LYS A 494 -10.05 45.80 -13.62
N LEU A 495 -9.35 46.37 -14.59
CA LEU A 495 -8.76 47.68 -14.43
C LEU A 495 -9.84 48.73 -14.55
N GLY A 496 -9.82 49.71 -13.66
CA GLY A 496 -10.78 50.79 -13.68
C GLY A 496 -10.54 51.83 -14.75
N GLU A 497 -10.78 53.10 -14.44
CA GLU A 497 -10.65 54.17 -15.42
C GLU A 497 -9.39 54.97 -15.13
N GLY A 498 -8.64 55.25 -16.19
CA GLY A 498 -7.38 55.96 -16.08
C GLY A 498 -6.19 55.08 -15.83
N VAL A 499 -6.40 53.90 -15.26
CA VAL A 499 -5.32 53.06 -14.77
C VAL A 499 -4.54 52.41 -15.92
N LYS A 500 -5.17 52.19 -17.07
CA LYS A 500 -4.49 51.59 -18.19
C LYS A 500 -3.44 52.52 -18.79
N GLU A 501 -3.60 53.83 -18.61
CA GLU A 501 -2.61 54.76 -19.13
C GLU A 501 -1.34 54.76 -18.31
N LEU A 502 -1.41 54.52 -17.01
CA LEU A 502 -0.21 54.44 -16.19
C LEU A 502 0.25 53.02 -15.97
N GLY A 503 -0.13 52.10 -16.86
CA GLY A 503 0.39 50.73 -16.86
C GLY A 503 -0.14 49.93 -15.69
N GLY A 504 -1.39 49.48 -15.77
CA GLY A 504 -2.11 49.16 -14.57
C GLY A 504 -1.71 47.85 -13.92
N LEU A 505 -1.94 47.80 -12.61
CA LEU A 505 -1.87 46.61 -11.75
C LEU A 505 -0.46 46.00 -11.76
N ALA A 506 0.44 46.70 -11.10
CA ALA A 506 1.73 46.08 -10.81
C ALA A 506 1.55 45.02 -9.74
N VAL A 507 1.91 43.79 -10.05
CA VAL A 507 1.82 42.69 -9.10
C VAL A 507 3.18 42.48 -8.47
N VAL A 508 3.26 42.67 -7.18
CA VAL A 508 4.51 42.48 -6.47
C VAL A 508 4.39 41.17 -5.74
N GLY A 509 5.11 40.17 -6.17
CA GLY A 509 5.22 38.95 -5.42
C GLY A 509 6.06 39.16 -4.19
N THR A 510 6.10 38.17 -3.34
CA THR A 510 6.87 38.28 -2.12
C THR A 510 7.68 37.05 -1.85
N GLU A 511 7.27 35.89 -2.34
CA GLU A 511 8.15 34.76 -2.24
C GLU A 511 7.85 33.82 -3.38
N ARG A 512 8.76 32.88 -3.57
CA ARG A 512 8.72 31.96 -4.68
C ARG A 512 7.87 30.75 -4.31
N HIS A 513 6.98 30.37 -5.20
CA HIS A 513 6.04 29.29 -4.93
C HIS A 513 6.64 27.95 -5.29
N GLU A 514 5.85 26.90 -5.15
CA GLU A 514 6.34 25.54 -5.29
C GLU A 514 6.30 25.02 -6.71
N SER A 515 6.07 25.89 -7.68
CA SER A 515 6.09 25.52 -9.09
C SER A 515 6.18 26.78 -9.93
N ARG A 516 6.66 26.59 -11.15
CA ARG A 516 6.58 27.66 -12.12
C ARG A 516 5.14 27.92 -12.54
N ARG A 517 4.28 26.91 -12.41
CA ARG A 517 2.87 27.06 -12.73
C ARG A 517 2.21 28.10 -11.83
N ILE A 518 2.46 28.00 -10.52
CA ILE A 518 1.69 28.77 -9.57
C ILE A 518 2.10 30.23 -9.59
N ASP A 519 3.39 30.49 -9.66
CA ASP A 519 3.78 31.88 -9.69
C ASP A 519 3.62 32.50 -11.06
N ASN A 520 3.69 31.71 -12.15
CA ASN A 520 3.27 32.25 -13.44
C ASN A 520 1.81 32.63 -13.43
N GLN A 521 0.99 31.95 -12.65
CA GLN A 521 -0.40 32.36 -12.61
C GLN A 521 -0.60 33.60 -11.75
N LEU A 522 0.24 33.78 -10.73
CA LEU A 522 0.22 35.04 -10.00
C LEU A 522 0.61 36.22 -10.88
N ARG A 523 1.60 36.06 -11.74
CA ARG A 523 1.90 37.11 -12.71
C ARG A 523 0.77 37.27 -13.73
N GLY A 524 0.06 36.19 -14.00
CA GLY A 524 -1.05 36.33 -14.92
C GLY A 524 -2.19 37.15 -14.39
N ARG A 525 -2.24 37.39 -13.08
CA ARG A 525 -3.27 38.29 -12.55
C ARG A 525 -3.19 39.72 -13.07
N SER A 526 -2.07 40.14 -13.63
CA SER A 526 -1.98 41.43 -14.28
C SER A 526 -1.64 41.33 -15.75
N GLY A 527 -1.48 40.12 -16.26
CA GLY A 527 -1.37 39.91 -17.70
C GLY A 527 -2.57 40.17 -18.59
N ARG A 528 -3.74 40.54 -18.05
CA ARG A 528 -5.06 40.70 -18.67
C ARG A 528 -5.03 41.31 -20.06
N GLN A 529 -6.01 40.94 -20.91
CA GLN A 529 -5.96 41.02 -22.37
C GLN A 529 -5.50 42.36 -22.90
N GLY A 530 -4.29 42.40 -23.42
CA GLY A 530 -3.79 43.61 -24.04
C GLY A 530 -3.28 44.66 -23.08
N ASP A 531 -3.90 44.75 -21.90
CA ASP A 531 -3.55 45.75 -20.93
C ASP A 531 -2.14 45.48 -20.42
N PRO A 532 -1.36 46.52 -20.17
CA PRO A 532 -0.02 46.30 -19.62
C PRO A 532 -0.03 46.17 -18.11
N GLY A 533 0.96 45.45 -17.61
CA GLY A 533 1.12 45.27 -16.19
C GLY A 533 2.54 44.84 -15.88
N ILE A 534 3.05 45.30 -14.76
CA ILE A 534 4.48 45.28 -14.49
C ILE A 534 4.69 44.42 -13.27
N THR A 535 5.01 43.15 -13.45
CA THR A 535 5.12 42.27 -12.31
C THR A 535 6.57 42.20 -11.83
N GLN A 536 6.76 41.66 -10.64
CA GLN A 536 8.07 41.66 -10.00
C GLN A 536 8.03 40.67 -8.86
N PHE A 537 9.09 39.90 -8.68
CA PHE A 537 9.20 39.07 -7.48
C PHE A 537 10.32 39.54 -6.60
N TYR A 538 10.11 39.46 -5.30
CA TYR A 538 11.16 39.68 -4.33
C TYR A 538 11.45 38.38 -3.64
N LEU A 539 12.68 38.17 -3.25
CA LEU A 539 13.08 36.93 -2.61
C LEU A 539 14.02 37.27 -1.48
N SER A 540 14.29 36.31 -0.61
CA SER A 540 15.39 36.46 0.30
C SER A 540 16.15 35.15 0.33
N MET A 541 17.11 35.08 1.22
CA MET A 541 17.88 33.87 1.42
C MET A 541 17.52 33.15 2.70
N GLU A 542 16.84 33.80 3.63
CA GLU A 542 16.21 33.09 4.73
C GLU A 542 14.72 32.93 4.51
N ASP A 543 14.27 33.17 3.28
CA ASP A 543 12.99 32.71 2.80
C ASP A 543 12.93 31.21 2.99
N GLU A 544 11.77 30.70 3.41
CA GLU A 544 11.78 29.35 3.95
C GLU A 544 11.84 28.29 2.86
N LEU A 545 11.56 28.63 1.61
CA LEU A 545 11.82 27.68 0.55
C LEU A 545 13.31 27.51 0.30
N MET A 546 14.12 28.51 0.64
CA MET A 546 15.57 28.35 0.55
C MET A 546 16.14 27.61 1.74
N ARG A 547 15.66 27.90 2.95
CA ARG A 547 16.18 27.21 4.11
C ARG A 547 15.75 25.76 4.13
N ARG A 548 14.61 25.44 3.55
CA ARG A 548 14.24 24.04 3.48
C ARG A 548 14.97 23.33 2.36
N PHE A 549 14.98 23.91 1.17
CA PHE A 549 15.24 23.14 -0.04
C PHE A 549 16.43 23.65 -0.82
N GLY A 550 17.39 24.29 -0.17
CA GLY A 550 18.57 24.79 -0.84
C GLY A 550 19.79 23.97 -0.43
N ALA A 551 20.62 23.64 -1.41
CA ALA A 551 21.75 22.76 -1.17
C ALA A 551 22.84 23.52 -0.41
N GLU A 552 23.53 22.79 0.48
CA GLU A 552 24.46 23.42 1.40
C GLU A 552 25.74 23.89 0.72
N ARG A 553 25.98 23.48 -0.53
CA ARG A 553 27.04 24.05 -1.36
C ARG A 553 26.83 25.56 -1.68
N THR A 554 25.79 26.26 -1.20
CA THR A 554 25.70 27.70 -1.39
C THR A 554 25.09 28.46 -0.23
N MET A 555 24.74 27.82 0.88
CA MET A 555 24.14 28.58 1.97
C MET A 555 25.19 29.33 2.77
N ALA A 556 26.05 28.60 3.47
CA ALA A 556 27.11 29.24 4.22
C ALA A 556 28.20 29.75 3.29
N MET A 557 28.34 29.14 2.11
CA MET A 557 29.35 29.55 1.17
C MET A 557 29.00 30.86 0.49
N LEU A 558 27.73 31.28 0.51
CA LEU A 558 27.34 32.52 -0.15
C LEU A 558 26.47 33.41 0.75
N ASP A 559 26.49 33.19 2.06
CA ASP A 559 25.97 34.21 2.98
C ASP A 559 27.06 35.11 3.51
N ARG A 560 28.04 35.43 2.66
CA ARG A 560 29.24 36.16 3.02
C ARG A 560 29.25 37.56 2.42
N PHE A 561 28.15 37.95 1.78
CA PHE A 561 28.06 39.18 1.00
C PHE A 561 28.29 40.43 1.84
N GLY A 562 27.91 40.40 3.10
CA GLY A 562 27.99 41.58 3.94
C GLY A 562 26.60 42.11 4.19
N MET A 563 26.15 42.04 5.44
CA MET A 563 24.74 42.23 5.75
C MET A 563 24.41 43.70 5.85
N ASP A 564 23.90 44.26 4.76
CA ASP A 564 23.32 45.60 4.77
C ASP A 564 21.93 45.67 4.13
N ASP A 565 21.71 44.94 3.04
CA ASP A 565 20.42 44.84 2.31
C ASP A 565 19.84 46.17 1.88
N SER A 566 20.68 47.09 1.44
CA SER A 566 20.17 48.25 0.75
C SER A 566 20.15 48.05 -0.75
N THR A 567 20.35 46.83 -1.21
CA THR A 567 20.38 46.50 -2.63
C THR A 567 20.13 45.01 -2.76
N PRO A 568 19.62 44.57 -3.90
CA PRO A 568 19.57 43.13 -4.16
C PRO A 568 20.93 42.51 -4.33
N ILE A 569 20.98 41.21 -4.55
CA ILE A 569 22.24 40.52 -4.75
C ILE A 569 22.45 40.35 -6.25
N GLN A 570 23.44 41.03 -6.81
CA GLN A 570 23.75 40.86 -8.24
C GLN A 570 24.93 39.91 -8.41
N SER A 571 24.63 38.62 -8.24
CA SER A 571 25.59 37.56 -8.50
C SER A 571 24.78 36.31 -8.82
N LYS A 572 25.11 35.62 -9.89
CA LYS A 572 24.19 34.63 -10.40
C LYS A 572 24.44 33.25 -9.85
N MET A 573 25.35 33.13 -8.89
CA MET A 573 25.40 31.95 -8.05
C MET A 573 24.11 31.77 -7.27
N VAL A 574 23.61 32.84 -6.63
CA VAL A 574 22.42 32.66 -5.84
C VAL A 574 21.16 32.56 -6.69
N SER A 575 21.15 33.16 -7.89
CA SER A 575 20.01 32.93 -8.78
C SER A 575 19.98 31.49 -9.27
N ARG A 576 21.15 30.91 -9.51
CA ARG A 576 21.21 29.48 -9.81
C ARG A 576 20.72 28.67 -8.62
N ALA A 577 21.03 29.12 -7.40
CA ALA A 577 20.59 28.41 -6.20
C ALA A 577 19.08 28.45 -6.05
N VAL A 578 18.46 29.59 -6.34
CA VAL A 578 17.01 29.73 -6.23
C VAL A 578 16.30 28.84 -7.24
N GLU A 579 16.77 28.86 -8.49
CA GLU A 579 16.15 28.01 -9.51
C GLU A 579 16.37 26.53 -9.22
N SER A 580 17.53 26.16 -8.70
CA SER A 580 17.76 24.76 -8.37
C SER A 580 16.90 24.32 -7.21
N SER A 581 16.64 25.22 -6.25
CA SER A 581 15.79 24.86 -5.14
C SER A 581 14.35 24.64 -5.57
N GLN A 582 13.83 25.52 -6.43
CA GLN A 582 12.46 25.35 -6.89
C GLN A 582 12.32 24.11 -7.77
N LYS A 583 13.34 23.80 -8.57
CA LYS A 583 13.26 22.59 -9.37
C LYS A 583 13.31 21.33 -8.53
N ARG A 584 14.02 21.35 -7.39
CA ARG A 584 13.97 20.13 -6.61
C ARG A 584 12.69 20.02 -5.78
N VAL A 585 12.01 21.13 -5.48
CA VAL A 585 10.66 21.03 -4.91
C VAL A 585 9.73 20.31 -5.86
N GLU A 586 9.72 20.77 -7.12
CA GLU A 586 8.88 20.14 -8.13
C GLU A 586 9.27 18.70 -8.36
N GLY A 587 10.56 18.37 -8.25
CA GLY A 587 10.98 16.99 -8.40
C GLY A 587 10.51 16.09 -7.27
N ASN A 588 10.56 16.60 -6.03
CA ASN A 588 10.05 15.82 -4.91
C ASN A 588 8.55 15.59 -5.05
N ASN A 589 7.81 16.59 -5.51
CA ASN A 589 6.39 16.41 -5.66
C ASN A 589 6.06 15.45 -6.80
N PHE A 590 6.84 15.47 -7.88
CA PHE A 590 6.59 14.54 -8.97
C PHE A 590 6.88 13.10 -8.55
N ASP A 591 7.93 12.88 -7.77
CA ASP A 591 8.24 11.54 -7.31
C ASP A 591 7.19 11.02 -6.34
N SER A 592 6.72 11.89 -5.44
CA SER A 592 5.65 11.50 -4.54
C SER A 592 4.36 11.21 -5.29
N ARG A 593 4.12 11.94 -6.38
CA ARG A 593 2.88 11.75 -7.11
C ARG A 593 2.90 10.45 -7.90
N LYS A 594 4.05 10.08 -8.48
CA LYS A 594 4.19 8.78 -9.14
C LYS A 594 4.05 7.62 -8.15
N GLN A 595 4.73 7.73 -7.01
CA GLN A 595 4.66 6.71 -5.96
C GLN A 595 3.24 6.49 -5.47
N LEU A 596 2.59 7.55 -5.01
CA LEU A 596 1.27 7.29 -4.47
C LEU A 596 0.24 7.04 -5.55
N LEU A 597 0.51 7.36 -6.83
CA LEU A 597 -0.39 6.91 -7.88
C LEU A 597 -0.36 5.39 -7.99
N GLN A 598 0.83 4.81 -8.04
CA GLN A 598 0.84 3.37 -8.18
C GLN A 598 0.52 2.63 -6.87
N TYR A 599 0.53 3.29 -5.72
CA TYR A 599 0.00 2.60 -4.55
C TYR A 599 -1.49 2.81 -4.33
N ASP A 600 -2.05 3.90 -4.79
CA ASP A 600 -3.49 4.04 -4.60
C ASP A 600 -4.27 3.32 -5.67
N ASP A 601 -3.61 2.89 -6.74
CA ASP A 601 -4.28 2.16 -7.80
C ASP A 601 -4.52 0.67 -7.46
N VAL A 602 -4.44 0.24 -6.21
CA VAL A 602 -4.96 -1.06 -5.80
C VAL A 602 -6.21 -0.92 -4.94
N LEU A 603 -6.21 0.03 -4.01
CA LEU A 603 -7.44 0.26 -3.27
C LEU A 603 -8.46 0.98 -4.13
N ARG A 604 -8.06 1.54 -5.27
CA ARG A 604 -9.00 1.83 -6.33
C ARG A 604 -9.78 0.60 -6.75
N GLN A 605 -9.11 -0.53 -6.95
CA GLN A 605 -9.78 -1.73 -7.43
C GLN A 605 -10.64 -2.39 -6.37
N GLN A 606 -10.13 -2.40 -5.14
CA GLN A 606 -10.92 -2.96 -4.05
C GLN A 606 -12.16 -2.14 -3.77
N ARG A 607 -12.05 -0.83 -3.84
CA ARG A 607 -13.18 0.01 -3.57
C ARG A 607 -14.18 0.01 -4.70
N GLU A 608 -13.73 -0.14 -5.95
CA GLU A 608 -14.67 -0.28 -7.04
C GLU A 608 -15.48 -1.54 -6.91
N VAL A 609 -14.83 -2.65 -6.53
CA VAL A 609 -15.55 -3.89 -6.34
C VAL A 609 -16.56 -3.76 -5.20
N ILE A 610 -16.15 -3.22 -4.06
CA ILE A 610 -17.09 -3.23 -2.93
C ILE A 610 -18.19 -2.20 -3.11
N TYR A 611 -17.92 -1.08 -3.79
CA TYR A 611 -18.99 -0.12 -4.01
C TYR A 611 -19.93 -0.59 -5.09
N LYS A 612 -19.43 -1.37 -6.05
CA LYS A 612 -20.32 -1.94 -7.04
C LYS A 612 -21.23 -2.99 -6.44
N GLN A 613 -20.71 -3.85 -5.56
CA GLN A 613 -21.57 -4.86 -4.94
C GLN A 613 -22.58 -4.21 -4.01
N ARG A 614 -22.21 -3.18 -3.28
CA ARG A 614 -23.23 -2.64 -2.40
C ARG A 614 -24.20 -1.74 -3.13
N PHE A 615 -23.83 -1.17 -4.28
CA PHE A 615 -24.86 -0.52 -5.04
C PHE A 615 -25.77 -1.52 -5.69
N GLU A 616 -25.28 -2.72 -5.97
CA GLU A 616 -26.18 -3.74 -6.45
C GLU A 616 -27.10 -4.26 -5.36
N VAL A 617 -26.65 -4.34 -4.11
CA VAL A 617 -27.57 -4.81 -3.09
C VAL A 617 -28.49 -3.71 -2.59
N ILE A 618 -28.28 -2.46 -2.96
CA ILE A 618 -29.32 -1.47 -2.71
C ILE A 618 -30.44 -1.59 -3.73
N ASP A 619 -30.17 -1.41 -5.02
CA ASP A 619 -31.28 -1.31 -5.97
C ASP A 619 -31.63 -2.65 -6.62
N SER A 620 -31.78 -3.70 -5.82
CA SER A 620 -32.33 -4.94 -6.31
C SER A 620 -33.70 -5.10 -5.66
N GLU A 621 -34.62 -5.70 -6.41
CA GLU A 621 -36.02 -5.77 -5.98
C GLU A 621 -36.18 -6.76 -4.85
N ASN A 622 -35.74 -7.98 -5.06
CA ASN A 622 -35.71 -9.00 -4.02
C ASN A 622 -34.32 -9.61 -4.05
N LEU A 623 -33.56 -9.34 -3.01
CA LEU A 623 -32.24 -9.96 -2.85
C LEU A 623 -32.33 -11.25 -2.06
N ARG A 624 -33.23 -12.14 -2.49
CA ARG A 624 -33.23 -13.46 -1.91
C ARG A 624 -32.03 -14.25 -2.37
N GLU A 625 -31.68 -14.15 -3.64
CA GLU A 625 -30.65 -15.03 -4.18
C GLU A 625 -29.27 -14.61 -3.73
N ILE A 626 -29.05 -13.33 -3.48
CA ILE A 626 -27.72 -12.85 -3.11
C ILE A 626 -27.37 -13.31 -1.70
N VAL A 627 -28.33 -13.24 -0.79
CA VAL A 627 -28.08 -13.67 0.57
C VAL A 627 -27.90 -15.18 0.66
N GLU A 628 -28.65 -15.93 -0.16
CA GLU A 628 -28.47 -17.38 -0.19
C GLU A 628 -27.10 -17.76 -0.72
N ASN A 629 -26.61 -16.99 -1.70
CA ASN A 629 -25.28 -17.27 -2.22
C ASN A 629 -24.21 -16.93 -1.18
N MET A 630 -24.45 -15.90 -0.37
CA MET A 630 -23.53 -15.63 0.73
C MET A 630 -23.54 -16.76 1.76
N ILE A 631 -24.71 -17.32 2.05
CA ILE A 631 -24.79 -18.35 3.08
C ILE A 631 -24.18 -19.65 2.58
N LYS A 632 -24.36 -19.98 1.31
CA LYS A 632 -23.70 -21.18 0.80
C LYS A 632 -22.20 -20.98 0.67
N SER A 633 -21.73 -19.76 0.36
CA SER A 633 -20.32 -19.53 0.27
C SER A 633 -19.67 -19.47 1.65
N SER A 634 -20.44 -19.21 2.68
CA SER A 634 -19.89 -19.40 4.01
C SER A 634 -19.98 -20.83 4.50
N LEU A 635 -21.04 -21.54 4.11
CA LEU A 635 -21.24 -22.92 4.55
C LEU A 635 -20.17 -23.83 4.00
N GLU A 636 -19.85 -23.67 2.70
CA GLU A 636 -18.85 -24.53 2.09
C GLU A 636 -17.49 -24.33 2.72
N ARG A 637 -17.21 -23.13 3.21
CA ARG A 637 -15.92 -22.88 3.81
C ARG A 637 -15.87 -23.40 5.22
N ALA A 638 -17.01 -23.42 5.93
CA ALA A 638 -17.04 -24.14 7.20
C ALA A 638 -16.85 -25.64 7.01
N ILE A 639 -17.49 -26.20 5.98
CA ILE A 639 -17.38 -27.63 5.68
C ILE A 639 -15.96 -28.00 5.31
N ALA A 640 -15.38 -27.31 4.34
CA ALA A 640 -14.00 -27.59 3.95
C ALA A 640 -12.99 -27.15 4.99
N ALA A 641 -13.40 -26.41 6.00
CA ALA A 641 -12.51 -26.16 7.13
C ALA A 641 -12.47 -27.34 8.06
N TYR A 642 -13.63 -27.86 8.44
CA TYR A 642 -13.63 -28.97 9.38
C TYR A 642 -13.35 -30.32 8.72
N THR A 643 -13.48 -30.44 7.41
CA THR A 643 -13.25 -31.70 6.70
C THR A 643 -12.10 -31.48 5.73
N PRO A 644 -10.86 -31.59 6.20
CA PRO A 644 -9.71 -31.33 5.32
C PRO A 644 -9.50 -32.48 4.34
N ARG A 645 -8.59 -32.25 3.39
CA ARG A 645 -8.19 -33.28 2.45
C ARG A 645 -7.05 -34.10 3.00
N GLU A 646 -6.14 -33.46 3.76
CA GLU A 646 -4.91 -34.08 4.23
C GLU A 646 -5.20 -35.24 5.16
N GLU A 647 -6.23 -35.09 5.98
CA GLU A 647 -6.71 -36.20 6.77
C GLU A 647 -7.60 -37.09 5.92
N LEU A 648 -7.51 -38.38 6.16
CA LEU A 648 -8.46 -39.31 5.57
C LEU A 648 -9.80 -39.17 6.28
N PRO A 649 -10.92 -39.62 5.65
CA PRO A 649 -12.22 -39.59 6.35
C PRO A 649 -12.29 -40.35 7.68
N GLU A 650 -13.45 -40.23 8.34
CA GLU A 650 -13.82 -40.73 9.69
C GLU A 650 -12.86 -40.27 10.79
N GLU A 651 -11.95 -39.33 10.51
CA GLU A 651 -11.15 -38.65 11.53
C GLU A 651 -11.25 -37.14 11.26
N TRP A 652 -12.48 -36.71 11.01
CA TRP A 652 -12.76 -35.36 10.58
C TRP A 652 -13.27 -34.46 11.70
N LYS A 653 -13.59 -35.03 12.86
CA LYS A 653 -14.17 -34.29 13.99
C LYS A 653 -15.47 -33.60 13.55
N LEU A 654 -16.45 -34.45 13.25
CA LEU A 654 -17.78 -33.97 12.90
C LEU A 654 -18.53 -33.36 14.07
N ASP A 655 -18.06 -33.56 15.29
CA ASP A 655 -18.73 -33.01 16.45
C ASP A 655 -18.65 -31.49 16.46
N GLY A 656 -17.46 -30.96 16.20
CA GLY A 656 -17.30 -29.51 16.13
C GLY A 656 -18.02 -28.89 14.96
N LEU A 657 -18.06 -29.60 13.83
CA LEU A 657 -18.77 -29.11 12.66
C LEU A 657 -20.26 -29.06 12.89
N VAL A 658 -20.83 -30.10 13.49
CA VAL A 658 -22.25 -30.09 13.77
C VAL A 658 -22.59 -29.07 14.83
N ASP A 659 -21.69 -28.82 15.78
CA ASP A 659 -21.96 -27.75 16.74
C ASP A 659 -21.87 -26.38 16.10
N LEU A 660 -20.99 -26.20 15.11
CA LEU A 660 -20.94 -24.91 14.43
C LEU A 660 -22.17 -24.69 13.57
N ILE A 661 -22.72 -25.75 12.97
CA ILE A 661 -23.95 -25.59 12.20
C ILE A 661 -25.13 -25.35 13.14
N ASN A 662 -25.15 -25.99 14.30
CA ASN A 662 -26.26 -25.77 15.23
C ASN A 662 -26.18 -24.42 15.92
N THR A 663 -24.98 -23.87 16.06
CA THR A 663 -24.85 -22.56 16.68
C THR A 663 -25.00 -21.44 15.67
N THR A 664 -24.62 -21.68 14.42
CA THR A 664 -24.51 -20.59 13.47
C THR A 664 -25.61 -20.58 12.44
N TYR A 665 -26.09 -21.71 11.95
CA TYR A 665 -27.03 -21.67 10.83
C TYR A 665 -28.37 -22.28 11.14
N LEU A 666 -28.45 -23.27 12.04
CA LEU A 666 -29.60 -24.15 12.11
C LEU A 666 -30.26 -24.46 13.45
N ASP A 667 -30.47 -23.43 14.26
CA ASP A 667 -31.09 -23.59 15.58
C ASP A 667 -30.03 -24.36 16.35
N GLU A 668 -30.44 -24.98 17.45
CA GLU A 668 -29.53 -25.76 18.28
C GLU A 668 -29.80 -27.25 18.44
N GLY A 669 -30.81 -27.74 17.74
CA GLY A 669 -31.17 -29.15 17.81
C GLY A 669 -31.56 -29.71 16.45
N ALA A 670 -31.34 -28.92 15.41
CA ALA A 670 -31.70 -29.35 14.06
C ALA A 670 -30.64 -30.18 13.35
N LEU A 671 -29.45 -30.35 13.88
CA LEU A 671 -28.46 -31.18 13.22
C LEU A 671 -27.73 -32.02 14.25
N GLU A 672 -27.59 -33.32 13.98
CA GLU A 672 -26.81 -34.21 14.83
C GLU A 672 -25.91 -35.05 13.94
N LYS A 673 -24.91 -35.68 14.58
CA LYS A 673 -23.83 -36.33 13.83
C LYS A 673 -24.29 -37.53 13.04
N SER A 674 -25.38 -38.18 13.46
CA SER A 674 -25.94 -39.29 12.70
C SER A 674 -26.48 -38.87 11.34
N ASP A 675 -26.81 -37.58 11.17
CA ASP A 675 -27.24 -37.07 9.88
C ASP A 675 -26.10 -36.97 8.89
N ILE A 676 -24.86 -37.03 9.34
CA ILE A 676 -23.75 -36.94 8.41
C ILE A 676 -22.94 -38.23 8.43
N PHE A 677 -22.23 -38.46 9.54
CA PHE A 677 -21.43 -39.63 9.93
C PHE A 677 -20.81 -40.42 8.77
N GLY A 678 -19.86 -39.83 8.07
CA GLY A 678 -19.14 -40.56 7.05
C GLY A 678 -19.65 -40.40 5.65
N LYS A 679 -19.99 -39.18 5.26
CA LYS A 679 -20.27 -38.86 3.87
C LYS A 679 -19.20 -37.94 3.33
N GLU A 680 -19.11 -37.86 2.00
CA GLU A 680 -18.18 -36.94 1.38
C GLU A 680 -18.68 -35.52 1.61
N PRO A 681 -17.78 -34.53 1.73
CA PRO A 681 -18.21 -33.20 2.18
C PRO A 681 -19.16 -32.49 1.25
N ASP A 682 -19.14 -32.81 -0.04
CA ASP A 682 -20.01 -32.12 -0.98
C ASP A 682 -21.48 -32.47 -0.72
N GLU A 683 -21.78 -33.76 -0.57
CA GLU A 683 -23.15 -34.14 -0.35
C GLU A 683 -23.62 -33.77 1.06
N MET A 684 -22.71 -33.68 2.03
CA MET A 684 -23.15 -33.23 3.34
C MET A 684 -23.43 -31.74 3.32
N LEU A 685 -22.74 -30.96 2.48
CA LEU A 685 -23.15 -29.56 2.45
C LEU A 685 -24.45 -29.38 1.68
N GLU A 686 -24.75 -30.21 0.67
CA GLU A 686 -26.07 -30.06 0.07
C GLU A 686 -27.19 -30.51 0.99
N LEU A 687 -26.94 -31.51 1.85
CA LEU A 687 -27.99 -31.81 2.82
C LEU A 687 -27.94 -30.92 4.05
N ILE A 688 -27.02 -29.96 4.12
CA ILE A 688 -27.25 -28.81 5.00
C ILE A 688 -28.02 -27.72 4.27
N MET A 689 -27.65 -27.48 3.02
CA MET A 689 -28.16 -26.34 2.27
C MET A 689 -29.63 -26.49 1.97
N ASP A 690 -30.11 -27.72 1.80
CA ASP A 690 -31.55 -27.91 1.57
C ASP A 690 -32.37 -27.53 2.80
N ARG A 691 -31.89 -27.91 3.99
CA ARG A 691 -32.57 -27.51 5.22
C ARG A 691 -32.49 -26.00 5.42
N ILE A 692 -31.37 -25.39 5.05
CA ILE A 692 -31.25 -23.93 5.14
C ILE A 692 -32.24 -23.23 4.22
N ILE A 693 -32.39 -23.72 2.98
CA ILE A 693 -33.31 -23.09 2.04
C ILE A 693 -34.76 -23.26 2.51
N THR A 694 -35.10 -24.41 3.08
CA THR A 694 -36.45 -24.60 3.60
C THR A 694 -36.72 -23.74 4.81
N LYS A 695 -35.74 -23.63 5.71
CA LYS A 695 -35.87 -22.79 6.88
C LYS A 695 -35.96 -21.32 6.49
N TYR A 696 -35.21 -20.92 5.47
CA TYR A 696 -35.26 -19.55 4.99
C TYR A 696 -36.60 -19.24 4.34
N ASN A 697 -37.15 -20.19 3.58
CA ASN A 697 -38.41 -19.90 2.92
C ASN A 697 -39.56 -19.89 3.92
N GLU A 698 -39.47 -20.69 4.98
CA GLU A 698 -40.44 -20.57 6.06
C GLU A 698 -40.27 -19.25 6.80
N LYS A 699 -39.03 -18.77 6.93
CA LYS A 699 -38.84 -17.47 7.58
C LYS A 699 -39.29 -16.33 6.68
N GLU A 700 -39.25 -16.52 5.36
CA GLU A 700 -39.79 -15.52 4.45
C GLU A 700 -41.30 -15.47 4.51
N GLU A 701 -41.97 -16.62 4.41
CA GLU A 701 -43.42 -16.62 4.50
C GLU A 701 -43.91 -16.28 5.90
N GLN A 702 -43.04 -16.33 6.90
CA GLN A 702 -43.41 -15.93 8.25
C GLN A 702 -43.15 -14.45 8.52
N PHE A 703 -42.08 -13.90 7.98
CA PHE A 703 -41.63 -12.57 8.37
C PHE A 703 -42.23 -11.49 7.50
N GLY A 704 -42.74 -11.84 6.32
CA GLY A 704 -43.25 -10.89 5.36
C GLY A 704 -42.50 -10.97 4.06
N LYS A 705 -42.97 -10.23 3.07
CA LYS A 705 -42.31 -10.29 1.77
C LYS A 705 -41.37 -9.11 1.53
N GLU A 706 -41.86 -7.88 1.69
CA GLU A 706 -40.97 -6.75 1.59
C GLU A 706 -40.23 -6.49 2.89
N GLN A 707 -40.73 -7.00 4.01
CA GLN A 707 -40.06 -6.76 5.28
C GLN A 707 -38.83 -7.60 5.43
N MET A 708 -38.81 -8.81 4.87
CA MET A 708 -37.57 -9.57 4.89
C MET A 708 -36.54 -8.97 3.93
N ARG A 709 -36.99 -8.37 2.83
CA ARG A 709 -36.06 -7.65 1.96
C ARG A 709 -35.42 -6.48 2.69
N GLU A 710 -36.23 -5.69 3.40
CA GLU A 710 -35.69 -4.57 4.16
C GLU A 710 -34.78 -5.04 5.28
N PHE A 711 -35.15 -6.14 5.93
CA PHE A 711 -34.35 -6.70 7.00
C PHE A 711 -32.99 -7.16 6.53
N GLU A 712 -32.95 -7.94 5.46
CA GLU A 712 -31.68 -8.44 4.96
C GLU A 712 -30.86 -7.35 4.29
N LYS A 713 -31.51 -6.31 3.74
CA LYS A 713 -30.74 -5.19 3.21
C LYS A 713 -30.07 -4.40 4.33
N VAL A 714 -30.74 -4.21 5.46
CA VAL A 714 -30.11 -3.55 6.59
C VAL A 714 -28.96 -4.37 7.14
N ILE A 715 -29.14 -5.70 7.24
CA ILE A 715 -28.07 -6.57 7.73
C ILE A 715 -26.86 -6.54 6.82
N VAL A 716 -27.10 -6.62 5.51
CA VAL A 716 -26.03 -6.63 4.52
C VAL A 716 -25.26 -5.33 4.52
N LEU A 717 -25.98 -4.20 4.49
CA LEU A 717 -25.30 -2.91 4.47
C LEU A 717 -24.56 -2.62 5.75
N ARG A 718 -25.06 -3.06 6.90
CA ARG A 718 -24.30 -2.91 8.13
C ARG A 718 -23.04 -3.74 8.13
N ALA A 719 -23.11 -4.96 7.59
CA ALA A 719 -21.91 -5.79 7.55
C ALA A 719 -20.88 -5.22 6.60
N VAL A 720 -21.30 -4.82 5.39
CA VAL A 720 -20.40 -4.26 4.40
C VAL A 720 -19.73 -3.01 4.92
N ASP A 721 -20.50 -2.13 5.57
CA ASP A 721 -19.94 -0.87 6.01
C ASP A 721 -19.00 -1.04 7.19
N SER A 722 -19.31 -1.91 8.15
CA SER A 722 -18.38 -2.01 9.28
C SER A 722 -17.11 -2.76 8.91
N LYS A 723 -17.23 -3.83 8.11
CA LYS A 723 -16.04 -4.55 7.68
C LYS A 723 -15.20 -3.72 6.74
N TRP A 724 -15.82 -2.81 6.00
CA TRP A 724 -15.07 -1.96 5.09
C TRP A 724 -14.39 -0.81 5.78
N MET A 725 -14.98 -0.25 6.84
CA MET A 725 -14.24 0.66 7.71
C MET A 725 -12.99 0.01 8.24
N ASP A 726 -13.12 -1.22 8.75
CA ASP A 726 -11.94 -1.93 9.24
C ASP A 726 -10.94 -2.23 8.14
N HIS A 727 -11.41 -2.47 6.92
CA HIS A 727 -10.43 -2.80 5.91
C HIS A 727 -9.67 -1.59 5.42
N ILE A 728 -10.33 -0.44 5.28
CA ILE A 728 -9.60 0.80 4.98
C ILE A 728 -8.55 1.06 6.03
N ASP A 729 -8.92 0.86 7.30
CA ASP A 729 -7.96 1.15 8.36
C ASP A 729 -6.80 0.15 8.38
N ALA A 730 -7.04 -1.12 8.09
CA ALA A 730 -5.93 -2.08 8.10
C ALA A 730 -5.02 -1.89 6.91
N MET A 731 -5.59 -1.54 5.75
CA MET A 731 -4.76 -1.29 4.59
C MET A 731 -3.91 -0.05 4.77
N ASP A 732 -4.46 1.01 5.32
CA ASP A 732 -3.62 2.16 5.60
C ASP A 732 -2.76 1.97 6.82
N GLN A 733 -2.93 0.90 7.58
CA GLN A 733 -1.95 0.60 8.61
C GLN A 733 -0.75 -0.12 8.04
N LEU A 734 -0.94 -0.96 7.03
CA LEU A 734 0.24 -1.63 6.48
C LEU A 734 0.92 -0.84 5.38
N ARG A 735 0.24 0.15 4.79
CA ARG A 735 0.90 0.98 3.79
C ARG A 735 2.03 1.79 4.40
N GLN A 736 1.92 2.15 5.68
CA GLN A 736 3.02 2.77 6.39
C GLN A 736 4.23 1.87 6.43
N GLY A 737 4.02 0.61 6.71
CA GLY A 737 5.14 -0.25 6.97
C GLY A 737 5.72 -0.92 5.78
N ILE A 738 5.09 -0.87 4.60
CA ILE A 738 5.66 -1.62 3.50
C ILE A 738 6.92 -1.06 2.91
N HIS A 739 7.33 0.17 3.21
CA HIS A 739 8.59 0.57 2.62
C HIS A 739 9.78 0.01 3.37
N LEU A 740 9.57 -0.50 4.59
CA LEU A 740 10.60 -1.24 5.30
C LEU A 740 10.88 -2.56 4.67
N ARG A 741 9.98 -3.03 3.85
CA ARG A 741 10.01 -4.38 3.35
C ARG A 741 10.83 -4.46 2.08
N ALA A 742 11.66 -3.47 1.84
CA ALA A 742 12.67 -3.48 0.79
C ALA A 742 14.02 -3.92 1.29
N TYR A 743 14.16 -4.17 2.59
CA TYR A 743 15.43 -4.68 3.08
C TYR A 743 15.56 -6.18 2.88
N ALA A 744 14.50 -6.84 2.46
CA ALA A 744 14.58 -8.18 1.92
C ALA A 744 14.63 -8.16 0.41
N GLN A 745 14.77 -6.97 -0.19
CA GLN A 745 15.00 -6.74 -1.61
C GLN A 745 13.82 -7.23 -2.45
N THR A 746 12.61 -6.83 -2.10
CA THR A 746 11.42 -7.52 -2.56
C THR A 746 10.43 -6.73 -3.41
N ASN A 747 10.79 -5.52 -3.91
CA ASN A 747 9.87 -4.63 -4.66
C ASN A 747 8.59 -4.39 -3.87
N PRO A 748 8.60 -3.48 -2.89
CA PRO A 748 7.50 -3.39 -1.91
C PRO A 748 6.11 -3.17 -2.47
N LEU A 749 5.97 -2.70 -3.71
CA LEU A 749 4.64 -2.59 -4.30
C LEU A 749 4.03 -3.95 -4.55
N ARG A 750 4.83 -4.93 -4.94
CA ARG A 750 4.30 -6.26 -5.19
C ARG A 750 3.93 -6.95 -3.88
N GLU A 751 4.72 -6.72 -2.84
CA GLU A 751 4.36 -7.19 -1.51
C GLU A 751 3.05 -6.57 -1.05
N TYR A 752 2.87 -5.27 -1.30
CA TYR A 752 1.66 -4.58 -0.89
C TYR A 752 0.46 -5.05 -1.66
N GLN A 753 0.61 -5.29 -2.93
CA GLN A 753 -0.51 -5.68 -3.76
C GLN A 753 -0.96 -7.11 -3.46
N MET A 754 -0.01 -8.04 -3.36
CA MET A 754 -0.32 -9.41 -2.94
C MET A 754 -0.94 -9.46 -1.55
N GLU A 755 -0.35 -8.73 -0.61
CA GLU A 755 -0.80 -8.84 0.76
C GLU A 755 -2.14 -8.15 0.94
N GLY A 756 -2.38 -7.07 0.21
CA GLY A 756 -3.68 -6.45 0.22
C GLY A 756 -4.76 -7.31 -0.41
N PHE A 757 -4.41 -8.10 -1.42
CA PHE A 757 -5.42 -9.02 -1.97
C PHE A 757 -5.82 -10.07 -0.96
N ALA A 758 -4.85 -10.64 -0.25
CA ALA A 758 -5.19 -11.61 0.78
C ALA A 758 -6.01 -10.99 1.91
N MET A 759 -5.72 -9.74 2.25
CA MET A 759 -6.47 -9.07 3.29
C MET A 759 -7.90 -8.74 2.85
N PHE A 760 -8.08 -8.40 1.57
CA PHE A 760 -9.41 -8.18 1.05
C PHE A 760 -10.23 -9.45 0.99
N GLU A 761 -9.60 -10.57 0.71
CA GLU A 761 -10.40 -11.79 0.70
C GLU A 761 -10.77 -12.23 2.09
N HIS A 762 -9.91 -12.03 3.09
CA HIS A 762 -10.36 -12.32 4.46
C HIS A 762 -11.44 -11.35 4.91
N MET A 763 -11.46 -10.15 4.34
CA MET A 763 -12.56 -9.24 4.62
C MET A 763 -13.87 -9.75 4.05
N ILE A 764 -13.88 -10.25 2.82
CA ILE A 764 -15.12 -10.73 2.21
C ILE A 764 -15.61 -12.02 2.85
N GLU A 765 -14.68 -12.90 3.23
CA GLU A 765 -15.05 -14.07 4.02
C GLU A 765 -15.71 -13.65 5.33
N SER A 766 -15.22 -12.58 5.96
CA SER A 766 -15.88 -12.12 7.18
C SER A 766 -17.24 -11.49 6.92
N ILE A 767 -17.43 -10.82 5.78
CA ILE A 767 -18.75 -10.27 5.46
C ILE A 767 -19.77 -11.39 5.32
N GLU A 768 -19.41 -12.43 4.57
CA GLU A 768 -20.35 -13.51 4.33
C GLU A 768 -20.66 -14.28 5.60
N ASP A 769 -19.69 -14.37 6.52
CA ASP A 769 -19.99 -14.98 7.82
C ASP A 769 -20.96 -14.11 8.64
N GLU A 770 -20.76 -12.79 8.65
CA GLU A 770 -21.64 -11.90 9.39
C GLU A 770 -23.06 -11.93 8.87
N VAL A 771 -23.22 -11.90 7.55
CA VAL A 771 -24.55 -11.90 6.94
C VAL A 771 -25.24 -13.23 7.19
N ALA A 772 -24.49 -14.33 7.15
CA ALA A 772 -25.09 -15.64 7.38
C ALA A 772 -25.63 -15.78 8.81
N LYS A 773 -24.80 -15.51 9.80
CA LYS A 773 -25.32 -15.79 11.14
C LYS A 773 -26.28 -14.73 11.62
N PHE A 774 -26.23 -13.51 11.09
CA PHE A 774 -27.25 -12.55 11.47
C PHE A 774 -28.56 -12.79 10.76
N VAL A 775 -28.54 -13.31 9.53
CA VAL A 775 -29.81 -13.55 8.87
C VAL A 775 -30.50 -14.77 9.46
N MET A 776 -29.78 -15.86 9.69
CA MET A 776 -30.51 -17.03 10.19
C MET A 776 -30.23 -17.40 11.63
N LYS A 777 -29.75 -16.51 12.47
CA LYS A 777 -29.98 -16.68 13.89
C LYS A 777 -30.82 -15.54 14.42
N ALA A 778 -31.83 -15.16 13.66
CA ALA A 778 -32.65 -14.05 14.07
C ALA A 778 -34.08 -14.23 13.64
N PHE B 2 -0.41 -27.21 -17.33
CA PHE B 2 -0.72 -27.05 -15.92
C PHE B 2 -1.76 -25.95 -15.74
N ARG B 3 -2.52 -26.04 -14.64
CA ARG B 3 -3.68 -25.17 -14.45
C ARG B 3 -3.29 -23.74 -14.13
N THR B 4 -2.03 -23.50 -13.77
CA THR B 4 -1.55 -22.14 -13.56
C THR B 4 -0.82 -21.59 -14.77
N ILE B 5 -0.12 -22.43 -15.54
CA ILE B 5 0.48 -21.93 -16.78
C ILE B 5 -0.61 -21.69 -17.83
N SER B 6 -1.73 -22.40 -17.73
CA SER B 6 -2.89 -22.06 -18.54
C SER B 6 -3.42 -20.68 -18.18
N ASN B 7 -3.43 -20.35 -16.88
CA ASN B 7 -3.76 -19.00 -16.44
C ASN B 7 -2.77 -17.99 -17.00
N PHE B 8 -1.48 -18.33 -17.01
CA PHE B 8 -0.47 -17.38 -17.47
C PHE B 8 -0.58 -17.13 -18.97
N MET B 9 -1.07 -18.09 -19.74
CA MET B 9 -1.18 -17.88 -21.17
C MET B 9 -2.62 -17.80 -21.64
N ARG B 10 -3.55 -17.45 -20.76
CA ARG B 10 -4.85 -16.94 -21.20
C ARG B 10 -4.94 -15.42 -21.12
N VAL B 11 -4.53 -14.83 -20.01
CA VAL B 11 -4.64 -13.39 -19.82
C VAL B 11 -3.63 -12.68 -20.72
N SER B 12 -4.04 -11.55 -21.28
CA SER B 12 -3.44 -11.03 -22.51
C SER B 12 -2.05 -10.45 -22.29
N ASP B 13 -1.92 -9.52 -21.34
CA ASP B 13 -0.68 -8.76 -21.26
C ASP B 13 0.47 -9.61 -20.76
N ILE B 14 0.22 -10.53 -19.82
CA ILE B 14 1.36 -11.30 -19.33
C ILE B 14 1.75 -12.37 -20.33
N ARG B 15 0.83 -12.79 -21.20
CA ARG B 15 1.18 -13.70 -22.28
C ARG B 15 2.00 -12.97 -23.33
N ASN B 16 1.61 -11.74 -23.66
CA ASN B 16 2.42 -10.91 -24.54
C ASN B 16 3.81 -10.65 -23.97
N LYS B 17 3.92 -10.48 -22.65
CA LYS B 17 5.23 -10.14 -22.13
C LYS B 17 6.10 -11.37 -21.89
N ILE B 18 5.54 -12.56 -21.65
CA ILE B 18 6.42 -13.72 -21.65
C ILE B 18 6.84 -14.06 -23.08
N ILE B 19 6.00 -13.77 -24.07
CA ILE B 19 6.45 -14.02 -25.43
C ILE B 19 7.49 -13.00 -25.85
N PHE B 20 7.39 -11.77 -25.33
CA PHE B 20 8.45 -10.79 -25.60
C PHE B 20 9.76 -11.17 -24.93
N THR B 21 9.69 -11.75 -23.73
CA THR B 21 10.89 -12.23 -23.07
C THR B 21 11.56 -13.36 -23.84
N LEU B 22 10.77 -14.31 -24.36
CA LEU B 22 11.34 -15.41 -25.12
C LEU B 22 11.95 -14.93 -26.44
N LEU B 23 11.32 -13.94 -27.07
CA LEU B 23 11.92 -13.39 -28.29
C LEU B 23 13.21 -12.66 -27.99
N MET B 24 13.30 -11.95 -26.87
CA MET B 24 14.55 -11.27 -26.58
C MET B 24 15.64 -12.24 -26.14
N LEU B 25 15.29 -13.39 -25.57
CA LEU B 25 16.32 -14.38 -25.34
C LEU B 25 16.80 -15.01 -26.63
N ILE B 26 15.93 -15.13 -27.63
CA ILE B 26 16.40 -15.57 -28.94
C ILE B 26 17.35 -14.54 -29.56
N VAL B 27 17.02 -13.25 -29.44
CA VAL B 27 17.89 -12.19 -29.95
C VAL B 27 19.22 -12.16 -29.20
N PHE B 28 19.20 -12.51 -27.92
CA PHE B 28 20.43 -12.74 -27.17
C PHE B 28 21.24 -13.89 -27.77
N ARG B 29 20.65 -15.07 -27.82
CA ARG B 29 21.40 -16.27 -28.07
C ARG B 29 21.80 -16.41 -29.54
N ILE B 30 21.27 -15.61 -30.46
CA ILE B 30 21.84 -15.64 -31.80
C ILE B 30 23.18 -14.92 -31.82
N GLY B 31 23.38 -13.98 -30.91
CA GLY B 31 24.62 -13.24 -30.92
C GLY B 31 25.82 -13.99 -30.40
N THR B 32 25.61 -15.11 -29.73
CA THR B 32 26.72 -15.94 -29.32
C THR B 32 27.32 -16.71 -30.49
N PHE B 33 26.62 -16.81 -31.61
CA PHE B 33 27.20 -17.47 -32.77
C PHE B 33 27.87 -16.50 -33.72
N ILE B 34 27.50 -15.23 -33.70
CA ILE B 34 28.27 -14.20 -34.39
C ILE B 34 29.56 -13.98 -33.61
N PRO B 35 30.72 -14.16 -34.21
CA PRO B 35 31.97 -13.96 -33.49
C PRO B 35 32.52 -12.55 -33.64
N VAL B 36 33.57 -12.30 -32.86
CA VAL B 36 34.46 -11.15 -32.92
C VAL B 36 35.00 -11.10 -34.36
N PRO B 37 35.07 -9.92 -35.01
CA PRO B 37 35.24 -9.89 -36.47
C PRO B 37 36.58 -10.41 -36.96
N SER B 38 37.69 -10.00 -36.36
CA SER B 38 38.98 -10.50 -36.78
C SER B 38 39.65 -11.20 -35.62
N VAL B 39 39.30 -12.47 -35.45
CA VAL B 39 40.06 -13.42 -34.64
C VAL B 39 40.16 -14.71 -35.43
N ASN B 40 41.26 -15.42 -35.23
CA ASN B 40 41.42 -16.73 -35.84
C ASN B 40 40.61 -17.69 -34.99
N THR B 41 39.38 -17.94 -35.43
CA THR B 41 38.48 -18.77 -34.64
C THR B 41 38.81 -20.25 -34.72
N ASP B 42 39.75 -20.65 -35.57
CA ASP B 42 40.21 -22.04 -35.57
C ASP B 42 40.96 -22.37 -34.28
N VAL B 43 41.85 -21.49 -33.84
CA VAL B 43 42.63 -21.74 -32.65
C VAL B 43 41.76 -21.64 -31.42
N LEU B 44 40.70 -20.85 -31.54
CA LEU B 44 39.76 -20.68 -30.44
C LEU B 44 39.05 -21.97 -30.09
N LYS B 45 38.67 -22.76 -31.09
CA LYS B 45 37.91 -23.96 -30.81
C LYS B 45 38.80 -25.15 -30.50
N LEU B 46 40.01 -25.17 -31.01
CA LEU B 46 40.90 -26.29 -30.74
C LEU B 46 41.47 -26.24 -29.33
N GLN B 47 41.55 -25.07 -28.74
CA GLN B 47 42.23 -24.92 -27.46
C GLN B 47 41.34 -25.49 -26.37
N ASP B 48 41.65 -26.73 -25.94
CA ASP B 48 40.93 -27.42 -24.88
C ASP B 48 41.95 -27.99 -23.89
N GLN B 49 42.32 -27.17 -22.92
CA GLN B 49 43.19 -27.58 -21.82
C GLN B 49 42.39 -27.75 -20.53
N LEU B 50 41.76 -28.92 -20.43
CA LEU B 50 40.50 -29.22 -19.70
C LEU B 50 40.52 -28.68 -18.26
N ASN B 51 41.33 -29.24 -17.35
CA ASN B 51 41.25 -28.95 -15.92
C ASN B 51 42.39 -29.70 -15.22
N ALA B 52 42.57 -29.42 -13.91
CA ALA B 52 43.57 -30.04 -13.04
C ALA B 52 44.98 -29.84 -13.57
N PHE B 53 45.35 -28.56 -13.72
CA PHE B 53 46.53 -28.17 -14.47
C PHE B 53 47.41 -27.14 -13.79
N GLY B 54 47.03 -26.62 -12.64
CA GLY B 54 47.80 -25.57 -12.00
C GLY B 54 47.48 -24.22 -12.60
N VAL B 55 47.84 -24.03 -13.87
CA VAL B 55 47.50 -22.80 -14.58
C VAL B 55 46.01 -22.72 -14.85
N LEU B 56 45.40 -23.81 -15.29
CA LEU B 56 43.96 -23.81 -15.58
C LEU B 56 43.25 -24.54 -14.45
N ASN B 57 42.63 -23.75 -13.56
CA ASN B 57 41.83 -24.23 -12.45
C ASN B 57 40.44 -23.61 -12.51
N ILE B 58 39.78 -23.76 -13.67
CA ILE B 58 38.53 -23.10 -14.06
C ILE B 58 37.45 -23.17 -12.99
N PHE B 59 36.59 -22.16 -12.96
CA PHE B 59 35.71 -21.95 -11.83
C PHE B 59 34.26 -22.23 -12.13
N CYS B 60 33.75 -21.54 -13.14
CA CYS B 60 32.32 -21.48 -13.30
C CYS B 60 31.92 -22.40 -14.43
N GLY B 61 32.93 -22.92 -15.12
CA GLY B 61 32.79 -23.78 -16.27
C GLY B 61 33.84 -23.41 -17.29
N GLY B 62 34.40 -22.21 -17.16
CA GLY B 62 35.47 -21.81 -18.06
C GLY B 62 34.98 -21.19 -19.34
N ALA B 63 35.47 -20.01 -19.68
CA ALA B 63 35.07 -19.33 -20.91
C ALA B 63 35.96 -19.71 -22.08
N LEU B 64 36.17 -20.99 -22.29
CA LEU B 64 37.17 -21.45 -23.26
C LEU B 64 36.63 -21.45 -24.68
N GLN B 65 35.52 -22.14 -24.93
CA GLN B 65 34.92 -22.19 -26.27
C GLN B 65 33.92 -21.05 -26.38
N ASN B 66 34.31 -19.87 -25.90
CA ASN B 66 33.49 -18.67 -25.76
C ASN B 66 34.13 -17.71 -26.76
N PHE B 67 34.13 -16.41 -26.43
CA PHE B 67 34.74 -15.30 -27.16
C PHE B 67 33.89 -14.94 -28.38
N SER B 68 32.58 -14.83 -28.17
CA SER B 68 31.66 -14.21 -29.11
C SER B 68 31.55 -12.72 -28.78
N ILE B 69 30.62 -12.00 -29.42
CA ILE B 69 30.56 -10.57 -29.17
C ILE B 69 29.92 -10.23 -27.83
N PHE B 70 29.13 -11.14 -27.25
CA PHE B 70 28.59 -10.90 -25.92
C PHE B 70 29.44 -11.52 -24.83
N ALA B 71 30.66 -11.93 -25.13
CA ALA B 71 31.42 -12.76 -24.21
C ALA B 71 32.01 -12.00 -23.04
N MET B 72 32.02 -10.67 -23.10
CA MET B 72 32.45 -9.92 -21.93
C MET B 72 31.39 -9.97 -20.84
N GLY B 73 30.14 -10.17 -21.23
CA GLY B 73 29.07 -10.35 -20.28
C GLY B 73 28.66 -9.05 -19.67
N VAL B 74 27.71 -9.12 -18.74
CA VAL B 74 27.30 -7.92 -18.04
C VAL B 74 28.07 -7.85 -16.74
N MET B 75 29.03 -8.75 -16.57
CA MET B 75 29.99 -8.68 -15.47
C MET B 75 30.72 -7.33 -15.32
N PRO B 76 31.06 -6.57 -16.38
CA PRO B 76 31.46 -5.18 -16.15
C PRO B 76 30.40 -4.34 -15.47
N TYR B 77 29.13 -4.53 -15.80
CA TYR B 77 28.09 -3.75 -15.16
C TYR B 77 27.92 -4.14 -13.71
N ILE B 78 28.12 -5.42 -13.40
CA ILE B 78 28.03 -5.88 -12.03
C ILE B 78 29.16 -5.28 -11.20
N THR B 79 30.37 -5.29 -11.73
CA THR B 79 31.46 -4.78 -10.91
C THR B 79 31.49 -3.26 -10.87
N ALA B 80 30.99 -2.57 -11.90
CA ALA B 80 30.92 -1.12 -11.82
C ALA B 80 29.81 -0.67 -10.89
N SER B 81 28.70 -1.40 -10.89
CA SER B 81 27.61 -1.08 -10.00
C SER B 81 27.97 -1.34 -8.55
N ILE B 82 28.76 -2.37 -8.27
CA ILE B 82 29.16 -2.49 -6.87
C ILE B 82 30.27 -1.53 -6.52
N ILE B 83 31.08 -1.09 -7.50
CA ILE B 83 32.05 -0.02 -7.18
C ILE B 83 31.35 1.27 -6.79
N VAL B 84 30.33 1.67 -7.56
CA VAL B 84 29.64 2.91 -7.21
C VAL B 84 28.78 2.73 -5.96
N GLN B 85 28.27 1.51 -5.69
CA GLN B 85 27.58 1.29 -4.43
C GLN B 85 28.54 1.37 -3.26
N LEU B 86 29.76 0.88 -3.44
CA LEU B 86 30.76 1.02 -2.38
C LEU B 86 31.20 2.46 -2.19
N LEU B 87 31.13 3.26 -3.25
CA LEU B 87 31.58 4.64 -3.19
C LEU B 87 30.52 5.61 -2.72
N GLN B 88 29.25 5.23 -2.69
CA GLN B 88 28.25 6.15 -2.17
C GLN B 88 28.35 6.31 -0.66
N MET B 89 28.95 5.34 0.03
CA MET B 89 29.07 5.41 1.49
C MET B 89 30.08 6.38 2.06
N ASP B 90 29.80 7.68 1.85
CA ASP B 90 30.44 8.85 2.45
C ASP B 90 31.72 9.23 1.69
N VAL B 91 32.04 8.52 0.67
CA VAL B 91 33.24 8.80 -0.12
C VAL B 91 32.68 9.58 -1.30
N VAL B 92 33.50 10.42 -1.92
CA VAL B 92 33.27 11.23 -3.14
C VAL B 92 31.89 11.89 -3.16
N PRO B 93 31.68 12.95 -2.38
CA PRO B 93 30.30 13.39 -2.05
C PRO B 93 29.48 14.03 -3.16
N LYS B 94 29.97 14.06 -4.40
CA LYS B 94 29.04 14.27 -5.51
C LYS B 94 28.00 13.16 -5.55
N PHE B 95 28.43 11.92 -5.33
CA PHE B 95 27.50 10.80 -5.30
C PHE B 95 26.69 10.80 -4.03
N ALA B 96 27.26 11.25 -2.91
CA ALA B 96 26.48 11.32 -1.68
C ALA B 96 25.39 12.39 -1.77
N GLU B 97 25.66 13.53 -2.42
CA GLU B 97 24.62 14.54 -2.56
C GLU B 97 23.61 14.14 -3.63
N TRP B 98 24.06 13.47 -4.71
CA TRP B 98 23.14 12.89 -5.67
C TRP B 98 22.26 11.81 -5.05
N SER B 99 22.78 11.10 -4.05
CA SER B 99 21.99 10.08 -3.38
C SER B 99 20.96 10.72 -2.47
N LYS B 100 21.40 11.64 -1.60
CA LYS B 100 20.49 12.22 -0.63
C LYS B 100 19.56 13.27 -1.21
N GLN B 101 19.74 13.66 -2.47
CA GLN B 101 18.89 14.74 -2.94
C GLN B 101 17.55 14.22 -3.46
N GLY B 102 17.50 13.04 -4.05
CA GLY B 102 16.28 12.59 -4.68
C GLY B 102 16.59 11.70 -5.88
N GLU B 103 15.62 11.58 -6.78
CA GLU B 103 15.68 10.53 -7.77
C GLU B 103 16.06 11.02 -9.18
N MET B 104 15.92 12.30 -9.48
CA MET B 104 16.42 12.75 -10.78
C MET B 104 17.92 13.08 -10.72
N GLY B 105 18.49 13.11 -9.53
CA GLY B 105 19.94 13.07 -9.39
C GLY B 105 20.42 11.65 -9.56
N ARG B 106 19.61 10.71 -9.08
CA ARG B 106 19.83 9.28 -9.26
C ARG B 106 19.89 8.91 -10.74
N ARG B 107 19.21 9.65 -11.62
CA ARG B 107 19.39 9.41 -13.04
C ARG B 107 20.79 9.78 -13.51
N LYS B 108 21.37 10.87 -13.00
CA LYS B 108 22.75 11.19 -13.34
C LYS B 108 23.71 10.19 -12.72
N LEU B 109 23.34 9.65 -11.56
CA LEU B 109 24.12 8.61 -10.92
C LEU B 109 24.10 7.31 -11.72
N ALA B 110 22.94 6.93 -12.24
CA ALA B 110 22.87 5.80 -13.14
C ALA B 110 23.61 6.06 -14.43
N GLN B 111 23.66 7.31 -14.87
CA GLN B 111 24.40 7.61 -16.09
C GLN B 111 25.91 7.54 -15.86
N PHE B 112 26.35 7.97 -14.67
CA PHE B 112 27.75 7.75 -14.29
C PHE B 112 28.08 6.29 -14.28
N THR B 113 27.17 5.47 -13.76
CA THR B 113 27.40 4.03 -13.76
C THR B 113 27.47 3.49 -15.18
N ARG B 114 26.64 4.01 -16.10
CA ARG B 114 26.70 3.59 -17.50
C ARG B 114 28.06 3.90 -18.12
N TYR B 115 28.58 5.10 -17.88
CA TYR B 115 29.86 5.44 -18.48
C TYR B 115 31.03 4.75 -17.80
N PHE B 116 30.91 4.44 -16.51
CA PHE B 116 31.99 3.70 -15.88
C PHE B 116 31.97 2.22 -16.31
N THR B 117 30.79 1.68 -16.64
CA THR B 117 30.74 0.35 -17.24
C THR B 117 31.37 0.34 -18.61
N ILE B 118 31.09 1.37 -19.42
CA ILE B 118 31.60 1.31 -20.80
C ILE B 118 33.13 1.48 -20.79
N VAL B 119 33.65 2.22 -19.80
CA VAL B 119 35.09 2.32 -19.63
C VAL B 119 35.69 0.99 -19.20
N LEU B 120 35.15 0.37 -18.13
CA LEU B 120 35.72 -0.90 -17.67
C LEU B 120 35.53 -2.02 -18.67
N GLY B 121 34.45 -1.98 -19.46
CA GLY B 121 34.28 -2.96 -20.49
C GLY B 121 35.35 -2.83 -21.55
N PHE B 122 35.72 -1.58 -21.88
CA PHE B 122 36.79 -1.37 -22.86
C PHE B 122 38.12 -1.89 -22.34
N ILE B 123 38.50 -1.49 -21.12
CA ILE B 123 39.83 -1.87 -20.68
C ILE B 123 39.90 -3.34 -20.27
N GLN B 124 38.80 -3.93 -19.80
CA GLN B 124 38.82 -5.35 -19.49
C GLN B 124 38.70 -6.21 -20.73
N ALA B 125 38.11 -5.70 -21.81
CA ALA B 125 38.17 -6.42 -23.07
C ALA B 125 39.60 -6.46 -23.59
N LEU B 126 40.32 -5.34 -23.41
CA LEU B 126 41.74 -5.31 -23.75
C LEU B 126 42.53 -6.34 -22.94
N GLY B 127 42.30 -6.37 -21.62
CA GLY B 127 43.01 -7.33 -20.78
C GLY B 127 42.65 -8.77 -21.08
N MET B 128 41.38 -9.03 -21.40
CA MET B 128 40.94 -10.39 -21.69
C MET B 128 41.52 -10.89 -22.99
N SER B 129 41.46 -10.08 -24.04
CA SER B 129 42.01 -10.51 -25.31
C SER B 129 43.53 -10.62 -25.28
N TYR B 130 44.20 -9.74 -24.51
CA TYR B 130 45.64 -9.86 -24.37
C TYR B 130 46.03 -11.15 -23.66
N GLY B 131 45.34 -11.49 -22.57
CA GLY B 131 45.65 -12.74 -21.89
C GLY B 131 45.28 -13.98 -22.67
N PHE B 132 44.15 -13.92 -23.36
CA PHE B 132 43.59 -15.04 -24.09
C PHE B 132 44.26 -15.26 -25.43
N ASN B 133 45.05 -14.31 -25.90
CA ASN B 133 46.04 -14.55 -26.95
C ASN B 133 47.42 -14.82 -26.39
N ASN B 134 47.67 -14.44 -25.14
CA ASN B 134 49.00 -14.61 -24.60
C ASN B 134 49.25 -16.03 -24.13
N LEU B 135 48.24 -16.74 -23.66
CA LEU B 135 48.64 -18.10 -23.34
C LEU B 135 47.75 -19.18 -23.92
N ALA B 136 46.43 -18.98 -23.94
CA ALA B 136 45.58 -19.93 -24.63
C ALA B 136 45.75 -19.75 -26.13
N GLY B 137 46.70 -20.48 -26.71
CA GLY B 137 47.02 -20.31 -28.10
C GLY B 137 48.02 -19.19 -28.25
N GLY B 138 49.16 -19.46 -28.88
CA GLY B 138 50.18 -18.44 -29.02
C GLY B 138 49.77 -17.34 -29.96
N MET B 139 49.01 -17.68 -30.99
CA MET B 139 48.46 -16.69 -31.90
C MET B 139 46.96 -16.92 -32.01
N LEU B 140 46.21 -15.87 -31.79
CA LEU B 140 44.76 -15.93 -31.89
C LEU B 140 44.18 -14.77 -32.68
N ILE B 141 44.72 -13.57 -32.55
CA ILE B 141 44.31 -12.47 -33.41
C ILE B 141 45.27 -12.41 -34.59
N GLN B 142 44.71 -12.41 -35.79
CA GLN B 142 45.53 -12.15 -36.97
C GLN B 142 45.86 -10.66 -37.03
N ASN B 143 46.89 -10.35 -37.81
CA ASN B 143 47.52 -9.03 -37.85
C ASN B 143 47.84 -8.48 -36.45
N PRO B 144 48.56 -9.23 -35.61
CA PRO B 144 48.54 -8.93 -34.17
C PRO B 144 49.36 -7.71 -33.81
N GLY B 145 48.93 -7.04 -32.77
CA GLY B 145 49.64 -5.86 -32.31
C GLY B 145 48.76 -4.94 -31.52
N ILE B 146 49.40 -4.00 -30.83
CA ILE B 146 48.70 -3.14 -29.87
C ILE B 146 47.78 -2.14 -30.59
N GLY B 147 47.99 -1.90 -31.87
CA GLY B 147 47.04 -1.11 -32.61
C GLY B 147 45.78 -1.83 -33.04
N THR B 148 45.72 -3.16 -32.98
CA THR B 148 44.55 -3.90 -33.45
C THR B 148 43.79 -4.64 -32.35
N TYR B 149 44.28 -4.62 -31.11
CA TYR B 149 43.44 -5.07 -30.02
C TYR B 149 42.26 -4.14 -29.81
N LEU B 150 42.38 -2.87 -30.19
CA LEU B 150 41.36 -1.89 -29.88
C LEU B 150 40.09 -2.11 -30.66
N LEU B 151 40.17 -2.63 -31.90
CA LEU B 151 38.96 -2.86 -32.68
C LEU B 151 38.14 -3.99 -32.08
N ILE B 152 38.77 -5.08 -31.69
CA ILE B 152 37.99 -6.16 -31.11
C ILE B 152 37.55 -5.82 -29.69
N ALA B 153 38.31 -4.99 -28.97
CA ALA B 153 37.85 -4.56 -27.64
C ALA B 153 36.66 -3.61 -27.75
N VAL B 154 36.63 -2.75 -28.76
CA VAL B 154 35.45 -1.90 -28.88
C VAL B 154 34.28 -2.67 -29.47
N VAL B 155 34.54 -3.76 -30.21
CA VAL B 155 33.43 -4.62 -30.61
C VAL B 155 32.82 -5.31 -29.40
N LEU B 156 33.65 -5.82 -28.48
CA LEU B 156 33.12 -6.43 -27.26
C LEU B 156 32.38 -5.43 -26.39
N THR B 157 32.89 -4.20 -26.31
CA THR B 157 32.23 -3.21 -25.45
C THR B 157 30.92 -2.73 -26.07
N ALA B 158 30.87 -2.60 -27.40
CA ALA B 158 29.60 -2.31 -28.07
C ALA B 158 28.62 -3.45 -27.93
N GLY B 159 29.12 -4.69 -27.88
CA GLY B 159 28.26 -5.83 -27.68
C GLY B 159 27.60 -5.84 -26.33
N THR B 160 28.37 -5.64 -25.27
CA THR B 160 27.71 -5.63 -23.96
C THR B 160 26.95 -4.35 -23.69
N ALA B 161 27.24 -3.28 -24.43
CA ALA B 161 26.33 -2.15 -24.42
C ALA B 161 24.98 -2.54 -24.98
N PHE B 162 24.97 -3.33 -26.07
CA PHE B 162 23.72 -3.84 -26.60
C PHE B 162 23.05 -4.80 -25.65
N LEU B 163 23.84 -5.52 -24.87
CA LEU B 163 23.29 -6.49 -23.94
C LEU B 163 22.61 -5.79 -22.76
N MET B 164 23.21 -4.72 -22.27
CA MET B 164 22.53 -3.89 -21.29
C MET B 164 21.33 -3.16 -21.88
N TRP B 165 21.38 -2.84 -23.18
CA TRP B 165 20.22 -2.24 -23.83
C TRP B 165 19.03 -3.17 -23.83
N LEU B 166 19.22 -4.40 -24.30
CA LEU B 166 18.06 -5.29 -24.29
C LEU B 166 17.76 -5.81 -22.90
N GLY B 167 18.70 -5.68 -21.95
CA GLY B 167 18.34 -5.87 -20.55
C GLY B 167 17.31 -4.86 -20.08
N GLU B 168 17.54 -3.59 -20.35
CA GLU B 168 16.55 -2.64 -19.89
C GLU B 168 15.29 -2.65 -20.75
N GLN B 169 15.37 -3.16 -21.99
CA GLN B 169 14.14 -3.34 -22.76
C GLN B 169 13.28 -4.47 -22.22
N ILE B 170 13.89 -5.57 -21.82
CA ILE B 170 13.09 -6.65 -21.25
C ILE B 170 12.66 -6.32 -19.83
N THR B 171 13.35 -5.43 -19.11
CA THR B 171 12.78 -5.07 -17.82
C THR B 171 11.72 -4.00 -17.95
N ALA B 172 11.67 -3.27 -19.06
CA ALA B 172 10.54 -2.37 -19.25
C ALA B 172 9.32 -3.14 -19.75
N LYS B 173 9.50 -3.97 -20.77
CA LYS B 173 8.36 -4.57 -21.46
C LYS B 173 8.17 -6.05 -21.20
N GLY B 174 9.23 -6.82 -20.97
CA GLY B 174 9.11 -8.23 -20.66
C GLY B 174 8.84 -8.43 -19.18
N VAL B 175 9.18 -9.61 -18.67
CA VAL B 175 8.58 -10.06 -17.42
C VAL B 175 9.20 -9.37 -16.21
N GLY B 176 10.49 -9.56 -15.96
CA GLY B 176 11.04 -9.28 -14.65
C GLY B 176 12.26 -8.40 -14.76
N ASN B 177 13.28 -8.76 -13.99
CA ASN B 177 14.56 -8.09 -14.08
C ASN B 177 15.14 -8.31 -15.46
N GLY B 178 15.83 -7.33 -15.97
CA GLY B 178 16.37 -7.49 -17.28
C GLY B 178 17.65 -8.28 -17.30
N ILE B 179 18.66 -7.75 -16.63
CA ILE B 179 19.95 -8.41 -16.73
C ILE B 179 19.99 -9.67 -15.88
N SER B 180 19.09 -9.85 -14.93
CA SER B 180 19.08 -11.11 -14.22
C SER B 180 18.51 -12.22 -15.08
N ILE B 181 17.52 -11.92 -15.91
CA ILE B 181 17.04 -12.89 -16.88
C ILE B 181 18.10 -13.14 -17.94
N ILE B 182 18.89 -12.14 -18.28
CA ILE B 182 19.97 -12.39 -19.25
C ILE B 182 21.09 -13.25 -18.65
N ILE B 183 21.45 -13.04 -17.39
CA ILE B 183 22.44 -13.89 -16.74
C ILE B 183 21.91 -15.30 -16.56
N PHE B 184 20.66 -15.44 -16.17
CA PHE B 184 19.96 -16.72 -16.16
C PHE B 184 19.96 -17.37 -17.52
N ALA B 185 19.92 -16.60 -18.58
CA ALA B 185 20.02 -17.18 -19.90
C ALA B 185 21.46 -17.45 -20.30
N GLY B 186 22.39 -16.87 -19.60
CA GLY B 186 23.78 -17.18 -19.88
C GLY B 186 24.30 -18.34 -19.12
N ILE B 187 23.58 -18.78 -18.09
CA ILE B 187 23.95 -19.94 -17.32
C ILE B 187 23.21 -21.17 -17.79
N VAL B 188 21.90 -21.08 -17.91
CA VAL B 188 21.11 -22.25 -18.23
C VAL B 188 21.28 -22.69 -19.68
N SER B 189 21.84 -21.85 -20.54
CA SER B 189 22.10 -22.22 -21.91
C SER B 189 23.40 -22.96 -22.08
N GLY B 190 23.97 -23.51 -21.03
CA GLY B 190 25.15 -24.32 -21.20
C GLY B 190 24.88 -25.73 -20.75
N ILE B 191 23.74 -25.95 -20.12
CA ILE B 191 23.37 -27.27 -19.63
C ILE B 191 23.10 -28.26 -20.77
N PRO B 192 22.56 -27.89 -21.96
CA PRO B 192 22.58 -28.87 -23.08
C PRO B 192 23.93 -29.52 -23.42
N THR B 193 25.00 -28.74 -23.50
CA THR B 193 26.31 -29.32 -23.74
C THR B 193 26.77 -30.17 -22.58
N ILE B 194 26.41 -29.79 -21.36
CA ILE B 194 26.90 -30.55 -20.22
C ILE B 194 26.13 -31.86 -20.06
N LEU B 195 24.88 -31.91 -20.54
CA LEU B 195 24.18 -33.18 -20.58
C LEU B 195 24.73 -34.07 -21.67
N ASN B 196 25.14 -33.47 -22.80
CA ASN B 196 25.86 -34.23 -23.82
C ASN B 196 27.14 -34.84 -23.26
N GLN B 197 27.89 -34.08 -22.47
CA GLN B 197 29.16 -34.62 -21.98
C GLN B 197 28.97 -35.66 -20.89
N ILE B 198 27.98 -35.48 -20.01
CA ILE B 198 27.72 -36.47 -18.97
C ILE B 198 27.17 -37.75 -19.59
N TYR B 199 26.31 -37.64 -20.60
CA TYR B 199 25.82 -38.83 -21.27
C TYR B 199 26.91 -39.50 -22.10
N ALA B 200 27.74 -38.70 -22.78
CA ALA B 200 28.78 -39.21 -23.65
C ALA B 200 29.93 -39.82 -22.86
N GLN B 201 30.04 -39.52 -21.57
CA GLN B 201 30.90 -40.33 -20.71
C GLN B 201 30.42 -41.78 -20.69
N THR B 202 29.13 -42.00 -20.46
CA THR B 202 28.60 -43.34 -20.35
C THR B 202 28.42 -44.01 -21.71
N LEU B 206 27.39 -48.46 -11.00
CA LEU B 206 27.46 -47.01 -11.07
C LEU B 206 27.20 -46.53 -12.49
N ASN B 207 26.58 -47.40 -13.29
CA ASN B 207 26.09 -46.98 -14.59
C ASN B 207 24.93 -46.00 -14.42
N ILE B 208 23.88 -46.42 -13.74
CA ILE B 208 22.70 -45.59 -13.52
C ILE B 208 22.61 -45.19 -12.06
N VAL B 209 23.14 -46.04 -11.17
CA VAL B 209 23.12 -45.81 -9.72
C VAL B 209 23.85 -44.53 -9.37
N ARG B 210 25.01 -44.31 -10.00
CA ARG B 210 25.78 -43.09 -9.78
C ARG B 210 25.02 -41.86 -10.24
N LEU B 211 24.37 -41.94 -11.41
CA LEU B 211 23.63 -40.78 -11.90
C LEU B 211 22.38 -40.50 -11.10
N LEU B 212 21.74 -41.55 -10.56
CA LEU B 212 20.55 -41.35 -9.75
C LEU B 212 20.93 -40.74 -8.40
N LEU B 213 22.05 -41.18 -7.82
CA LEU B 213 22.53 -40.58 -6.58
C LEU B 213 22.96 -39.13 -6.81
N VAL B 214 23.52 -38.84 -7.98
CA VAL B 214 23.88 -37.46 -8.34
C VAL B 214 22.64 -36.58 -8.47
N ALA B 215 21.60 -37.06 -9.17
CA ALA B 215 20.40 -36.26 -9.38
C ALA B 215 19.66 -36.01 -8.07
N LEU B 216 19.61 -36.99 -7.18
CA LEU B 216 19.00 -36.68 -5.90
C LEU B 216 19.90 -35.86 -4.99
N ALA B 217 21.21 -35.87 -5.17
CA ALA B 217 22.02 -34.92 -4.43
C ALA B 217 21.82 -33.50 -4.94
N VAL B 218 21.59 -33.36 -6.25
CA VAL B 218 21.29 -32.06 -6.82
C VAL B 218 19.96 -31.54 -6.31
N VAL B 219 18.95 -32.40 -6.21
CA VAL B 219 17.67 -31.92 -5.69
C VAL B 219 17.75 -31.67 -4.18
N ALA B 220 18.58 -32.41 -3.46
CA ALA B 220 18.75 -32.11 -2.04
C ALA B 220 19.46 -30.78 -1.83
N VAL B 221 20.44 -30.45 -2.67
CA VAL B 221 21.10 -29.17 -2.48
C VAL B 221 20.25 -28.03 -3.04
N ILE B 222 19.35 -28.31 -3.97
CA ILE B 222 18.50 -27.23 -4.42
C ILE B 222 17.39 -26.96 -3.41
N VAL B 223 16.98 -27.94 -2.62
CA VAL B 223 16.00 -27.59 -1.60
C VAL B 223 16.70 -26.95 -0.41
N GLY B 224 17.96 -27.26 -0.17
CA GLY B 224 18.72 -26.51 0.83
C GLY B 224 18.91 -25.06 0.42
N VAL B 225 19.10 -24.81 -0.87
CA VAL B 225 19.33 -23.44 -1.28
C VAL B 225 18.02 -22.66 -1.32
N ILE B 226 16.87 -23.30 -1.58
CA ILE B 226 15.60 -22.57 -1.46
C ILE B 226 15.30 -22.28 0.00
N TYR B 227 15.61 -23.23 0.88
CA TYR B 227 15.37 -23.06 2.30
C TYR B 227 16.23 -21.95 2.90
N ILE B 228 17.41 -21.70 2.37
CA ILE B 228 18.21 -20.59 2.90
C ILE B 228 17.95 -19.28 2.16
N GLN B 229 17.59 -19.30 0.88
CA GLN B 229 17.30 -18.04 0.22
C GLN B 229 16.01 -17.41 0.73
N GLN B 230 15.00 -18.21 1.05
CA GLN B 230 13.67 -17.66 1.27
C GLN B 230 13.36 -17.42 2.74
N ALA B 231 14.33 -17.04 3.55
CA ALA B 231 14.14 -16.96 4.99
C ALA B 231 14.45 -15.59 5.54
N PHE B 232 13.69 -15.17 6.56
CA PHE B 232 13.64 -13.80 7.06
C PHE B 232 13.73 -13.78 8.57
N ARG B 233 14.64 -13.01 9.13
CA ARG B 233 14.50 -12.64 10.55
C ARG B 233 13.58 -11.45 10.58
N LYS B 234 12.31 -11.67 10.80
CA LYS B 234 11.36 -10.56 10.78
C LYS B 234 11.49 -9.80 12.07
N ILE B 235 12.23 -8.69 12.03
CA ILE B 235 12.26 -7.84 13.21
C ILE B 235 10.93 -7.12 13.31
N PRO B 236 10.26 -7.11 14.45
CA PRO B 236 9.01 -6.36 14.56
C PRO B 236 9.33 -4.89 14.70
N ILE B 237 8.63 -4.07 13.94
CA ILE B 237 8.81 -2.63 13.94
C ILE B 237 7.53 -2.07 14.48
N GLN B 238 7.54 -0.82 14.92
CA GLN B 238 6.27 -0.24 15.34
C GLN B 238 6.27 1.25 15.11
N TYR B 239 5.45 1.72 14.20
CA TYR B 239 5.31 3.14 13.98
C TYR B 239 4.46 3.75 15.07
N ALA B 240 5.02 4.74 15.76
CA ALA B 240 4.32 5.34 16.88
C ALA B 240 3.24 6.30 16.44
N LYS B 241 3.17 6.64 15.16
CA LYS B 241 2.45 7.82 14.72
C LYS B 241 1.05 7.55 14.23
N ARG B 242 0.52 6.34 14.31
CA ARG B 242 -0.92 6.19 14.16
C ARG B 242 -1.49 5.24 15.21
N LEU B 243 -2.82 5.28 15.34
CA LEU B 243 -3.54 4.86 16.54
C LEU B 243 -3.64 3.36 16.82
N GLU B 244 -2.76 2.54 16.25
CA GLU B 244 -2.75 1.08 16.35
C GLU B 244 -3.94 0.26 15.82
N GLY B 245 -4.73 0.92 14.97
CA GLY B 245 -5.74 0.38 14.23
C GLY B 245 -7.12 0.07 14.78
N ARG B 246 -7.27 0.46 16.04
CA ARG B 246 -8.46 0.63 16.93
C ARG B 246 -8.98 -0.82 17.35
N ASN B 247 -8.80 -1.91 16.58
CA ASN B 247 -8.89 -3.27 17.05
C ASN B 247 -8.21 -4.18 16.03
N PRO B 248 -6.88 -4.25 16.04
CA PRO B 248 -6.18 -4.89 14.92
C PRO B 248 -6.21 -6.41 15.00
N VAL B 249 -5.50 -7.08 14.11
CA VAL B 249 -5.41 -8.54 14.20
C VAL B 249 -4.02 -8.92 14.71
N GLY B 250 -2.98 -8.27 14.22
CA GLY B 250 -1.63 -8.53 14.69
C GLY B 250 -0.98 -9.67 13.94
N GLY B 251 -1.64 -10.15 12.89
CA GLY B 251 -1.10 -11.25 12.11
C GLY B 251 -0.21 -10.76 10.98
N HIS B 252 -0.51 -9.57 10.46
CA HIS B 252 0.23 -8.97 9.35
C HIS B 252 1.00 -7.73 9.80
N SER B 253 1.36 -7.70 11.09
CA SER B 253 2.02 -6.60 11.77
C SER B 253 3.28 -6.16 11.04
N THR B 254 3.45 -4.83 10.86
CA THR B 254 4.56 -4.20 10.18
C THR B 254 5.89 -4.72 10.69
N HIS B 255 6.67 -5.30 9.81
CA HIS B 255 7.94 -5.84 10.21
C HIS B 255 9.02 -5.36 9.28
N LEU B 256 10.20 -5.95 9.41
CA LEU B 256 11.42 -5.39 8.83
C LEU B 256 12.27 -6.58 8.44
N PRO B 257 12.13 -7.07 7.25
CA PRO B 257 12.61 -8.42 6.97
C PRO B 257 14.09 -8.46 6.65
N LEU B 258 14.88 -8.88 7.63
CA LEU B 258 16.28 -9.16 7.42
C LEU B 258 16.43 -10.52 6.76
N LYS B 259 17.07 -10.55 5.60
CA LYS B 259 17.35 -11.81 4.94
C LYS B 259 18.41 -12.56 5.74
N VAL B 260 18.45 -13.89 5.59
CA VAL B 260 19.51 -14.67 6.22
C VAL B 260 20.82 -14.47 5.48
N ASN B 261 20.75 -14.26 4.17
CA ASN B 261 21.90 -14.14 3.30
C ASN B 261 21.87 -12.75 2.67
N PRO B 262 22.24 -11.71 3.41
CA PRO B 262 21.99 -10.36 2.91
C PRO B 262 22.90 -9.97 1.78
N ALA B 263 24.06 -10.62 1.67
CA ALA B 263 25.07 -10.24 0.71
C ALA B 263 24.83 -10.79 -0.68
N GLY B 264 23.81 -11.62 -0.86
CA GLY B 264 23.52 -12.11 -2.18
C GLY B 264 24.52 -13.16 -2.58
N VAL B 265 25.05 -13.04 -3.79
CA VAL B 265 26.08 -13.93 -4.27
C VAL B 265 27.42 -13.22 -4.40
N ILE B 266 27.42 -11.90 -4.59
CA ILE B 266 28.54 -11.00 -4.85
C ILE B 266 29.82 -11.23 -4.05
N PRO B 267 29.80 -11.60 -2.75
CA PRO B 267 31.07 -11.89 -2.09
C PRO B 267 31.85 -13.06 -2.66
N VAL B 268 31.20 -14.07 -3.23
CA VAL B 268 32.00 -15.11 -3.86
C VAL B 268 32.53 -14.66 -5.22
N ILE B 269 31.88 -13.69 -5.86
CA ILE B 269 32.40 -13.15 -7.12
C ILE B 269 33.68 -12.37 -6.88
N PHE B 270 33.69 -11.44 -5.92
CA PHE B 270 35.02 -10.89 -5.78
C PHE B 270 35.93 -11.68 -4.85
N ALA B 271 35.47 -12.80 -4.29
CA ALA B 271 36.44 -13.74 -3.74
C ALA B 271 37.18 -14.49 -4.82
N VAL B 272 36.52 -14.85 -5.94
CA VAL B 272 37.31 -15.49 -7.00
C VAL B 272 38.18 -14.46 -7.69
N SER B 273 37.79 -13.19 -7.67
CA SER B 273 38.69 -12.17 -8.23
C SER B 273 39.95 -12.02 -7.39
N PHE B 274 39.82 -11.93 -6.07
CA PHE B 274 41.04 -11.85 -5.28
C PHE B 274 41.76 -13.18 -5.18
N LEU B 275 41.11 -14.27 -5.55
CA LEU B 275 41.83 -15.53 -5.62
C LEU B 275 42.75 -15.56 -6.83
N ILE B 276 42.24 -15.19 -7.99
CA ILE B 276 43.02 -15.42 -9.19
C ILE B 276 43.78 -14.18 -9.62
N ALA B 277 43.75 -13.12 -8.82
CA ALA B 277 44.69 -12.05 -9.12
C ALA B 277 46.17 -12.37 -8.81
N PRO B 278 46.56 -13.04 -7.72
CA PRO B 278 48.01 -13.26 -7.52
C PRO B 278 48.62 -14.31 -8.43
N PRO B 279 47.95 -15.40 -8.84
CA PRO B 279 48.54 -16.19 -9.92
C PRO B 279 48.63 -15.44 -11.23
N THR B 280 47.67 -14.59 -11.57
CA THR B 280 47.81 -13.92 -12.84
C THR B 280 48.79 -12.76 -12.79
N ILE B 281 49.25 -12.33 -11.61
CA ILE B 281 50.38 -11.40 -11.63
C ILE B 281 51.71 -12.15 -11.52
N ALA B 282 51.74 -13.30 -10.84
CA ALA B 282 52.99 -14.02 -10.75
C ALA B 282 53.27 -14.85 -11.99
N SER B 283 52.29 -14.99 -12.89
CA SER B 283 52.51 -15.62 -14.18
C SER B 283 53.39 -14.80 -15.10
N PHE B 284 53.56 -13.51 -14.82
CA PHE B 284 54.35 -12.66 -15.70
C PHE B 284 55.84 -12.88 -15.52
N PHE B 285 56.26 -13.23 -14.30
CA PHE B 285 57.69 -13.25 -13.98
C PHE B 285 58.41 -14.41 -14.65
N GLY B 286 57.70 -15.48 -14.95
CA GLY B 286 58.29 -16.63 -15.60
C GLY B 286 58.29 -17.74 -14.57
N THR B 287 58.54 -18.96 -15.04
CA THR B 287 58.51 -20.11 -14.15
C THR B 287 59.72 -20.10 -13.23
N ASN B 288 59.50 -19.65 -11.99
CA ASN B 288 60.48 -19.67 -10.93
C ASN B 288 60.14 -20.81 -9.97
N ASP B 289 60.86 -20.87 -8.86
CA ASP B 289 60.58 -21.86 -7.83
C ASP B 289 59.41 -21.44 -6.95
N VAL B 290 59.17 -20.15 -6.81
CA VAL B 290 58.09 -19.65 -5.96
C VAL B 290 56.77 -19.58 -6.74
N THR B 291 56.84 -19.39 -8.06
CA THR B 291 55.64 -19.33 -8.88
C THR B 291 54.88 -20.65 -8.86
N LEU B 292 55.60 -21.78 -8.86
CA LEU B 292 54.91 -23.06 -8.79
C LEU B 292 54.34 -23.29 -7.39
N TRP B 293 55.00 -22.76 -6.35
CA TRP B 293 54.41 -22.77 -5.02
C TRP B 293 53.14 -21.94 -4.97
N ILE B 294 53.13 -20.79 -5.66
CA ILE B 294 51.97 -19.92 -5.69
C ILE B 294 50.81 -20.62 -6.38
N ARG B 295 51.05 -21.19 -7.55
CA ARG B 295 49.97 -21.87 -8.24
C ARG B 295 49.60 -23.20 -7.61
N ARG B 296 50.40 -23.72 -6.69
CA ARG B 296 49.90 -24.84 -5.91
C ARG B 296 49.05 -24.37 -4.74
N THR B 297 49.37 -23.22 -4.14
CA THR B 297 48.60 -22.77 -2.99
C THR B 297 47.38 -21.94 -3.35
N PHE B 298 47.27 -21.44 -4.58
CA PHE B 298 46.09 -20.72 -5.03
C PHE B 298 45.30 -21.50 -6.08
N ASP B 299 45.55 -22.80 -6.17
CA ASP B 299 44.67 -23.71 -6.87
C ASP B 299 43.59 -24.07 -5.87
N TYR B 300 42.37 -23.62 -6.13
CA TYR B 300 41.32 -23.69 -5.13
C TYR B 300 40.75 -25.08 -4.95
N THR B 301 41.31 -26.10 -5.58
CA THR B 301 40.84 -27.47 -5.43
C THR B 301 41.74 -28.29 -4.51
N HIS B 302 42.78 -27.69 -3.96
CA HIS B 302 43.68 -28.33 -3.03
C HIS B 302 43.52 -27.72 -1.64
N PRO B 303 43.66 -28.51 -0.58
CA PRO B 303 43.21 -28.06 0.75
C PRO B 303 44.01 -26.99 1.46
N VAL B 304 44.78 -26.19 0.73
CA VAL B 304 45.10 -24.84 1.16
C VAL B 304 44.35 -23.81 0.33
N GLY B 305 44.11 -24.11 -0.95
CA GLY B 305 43.29 -23.23 -1.77
C GLY B 305 41.84 -23.17 -1.34
N MET B 306 41.26 -24.33 -0.97
CA MET B 306 39.91 -24.32 -0.43
C MET B 306 39.83 -23.55 0.86
N THR B 307 40.85 -23.62 1.71
CA THR B 307 40.73 -22.94 2.99
C THR B 307 40.87 -21.43 2.84
N ILE B 308 41.78 -20.96 2.00
CA ILE B 308 41.84 -19.50 1.90
C ILE B 308 40.70 -18.98 1.05
N TYR B 309 40.16 -19.79 0.13
CA TYR B 309 38.97 -19.37 -0.59
C TYR B 309 37.75 -19.34 0.32
N VAL B 310 37.68 -20.24 1.28
CA VAL B 310 36.60 -20.20 2.26
C VAL B 310 36.74 -19.00 3.19
N VAL B 311 37.95 -18.72 3.66
CA VAL B 311 38.12 -17.59 4.56
C VAL B 311 37.86 -16.26 3.84
N LEU B 312 38.21 -16.16 2.57
CA LEU B 312 37.83 -14.97 1.83
C LEU B 312 36.32 -14.89 1.60
N ILE B 313 35.62 -16.01 1.45
CA ILE B 313 34.17 -15.94 1.33
C ILE B 313 33.54 -15.47 2.63
N ILE B 314 34.01 -15.97 3.78
CA ILE B 314 33.46 -15.55 5.08
C ILE B 314 33.72 -14.06 5.31
N ALA B 315 34.92 -13.59 4.99
CA ALA B 315 35.25 -12.20 5.23
C ALA B 315 34.48 -11.27 4.30
N PHE B 316 34.40 -11.59 3.01
CA PHE B 316 33.70 -10.65 2.17
C PHE B 316 32.20 -10.74 2.30
N THR B 317 31.65 -11.82 2.82
CA THR B 317 30.22 -11.72 3.03
C THR B 317 29.87 -11.04 4.34
N TYR B 318 30.74 -11.03 5.35
CA TYR B 318 30.51 -10.11 6.47
C TYR B 318 30.61 -8.66 6.03
N PHE B 319 31.66 -8.31 5.29
CA PHE B 319 31.82 -6.92 4.82
C PHE B 319 30.67 -6.50 3.94
N TYR B 320 30.34 -7.28 2.93
CA TYR B 320 29.31 -6.85 2.01
C TYR B 320 27.92 -7.00 2.59
N ALA B 321 27.73 -7.79 3.65
CA ALA B 321 26.45 -7.74 4.33
C ALA B 321 26.28 -6.43 5.06
N PHE B 322 27.32 -5.93 5.73
CA PHE B 322 27.17 -4.63 6.36
C PHE B 322 27.12 -3.49 5.38
N VAL B 323 27.64 -3.64 4.17
CA VAL B 323 27.42 -2.58 3.19
C VAL B 323 26.05 -2.73 2.55
N GLN B 324 25.47 -3.92 2.54
CA GLN B 324 24.18 -4.11 1.91
C GLN B 324 23.03 -3.69 2.82
N VAL B 325 23.01 -4.18 4.06
CA VAL B 325 21.94 -3.81 4.97
C VAL B 325 22.17 -2.42 5.55
N ASN B 326 23.40 -2.16 6.00
CA ASN B 326 23.88 -0.91 6.56
C ASN B 326 23.09 -0.51 7.79
N PRO B 327 23.39 -1.12 8.94
CA PRO B 327 22.63 -0.84 10.16
C PRO B 327 22.63 0.60 10.63
N GLU B 328 23.67 1.38 10.36
CA GLU B 328 23.65 2.78 10.79
C GLU B 328 22.66 3.59 9.99
N GLN B 329 22.63 3.38 8.70
CA GLN B 329 21.70 4.10 7.85
C GLN B 329 20.27 3.68 8.11
N MET B 330 20.03 2.41 8.47
CA MET B 330 18.65 2.04 8.72
C MET B 330 18.16 2.45 10.09
N ALA B 331 19.02 2.52 11.10
CA ALA B 331 18.53 3.05 12.38
C ALA B 331 18.28 4.53 12.30
N ASP B 332 19.14 5.26 11.60
CA ASP B 332 18.90 6.68 11.42
C ASP B 332 17.68 6.91 10.53
N ASN B 333 17.43 6.01 9.59
CA ASN B 333 16.24 6.07 8.80
C ASN B 333 14.99 5.74 9.61
N LEU B 334 15.09 4.87 10.60
CA LEU B 334 13.92 4.56 11.43
C LEU B 334 13.57 5.71 12.35
N LYS B 335 14.56 6.28 13.03
CA LYS B 335 14.15 7.37 13.90
C LYS B 335 13.91 8.66 13.14
N LYS B 336 14.29 8.72 11.88
CA LYS B 336 13.98 9.91 11.11
C LYS B 336 12.50 10.00 10.82
N GLN B 337 11.83 8.88 10.65
CA GLN B 337 10.41 8.88 10.35
C GLN B 337 9.63 7.90 11.21
N GLY B 338 9.46 8.23 12.48
CA GLY B 338 8.54 7.43 13.25
C GLY B 338 9.09 6.24 14.00
N GLY B 339 9.06 5.09 13.34
CA GLY B 339 9.03 3.80 14.01
C GLY B 339 10.25 3.46 14.83
N TYR B 340 10.14 2.33 15.51
CA TYR B 340 11.12 1.92 16.50
C TYR B 340 10.93 0.45 16.77
N ILE B 341 11.97 -0.19 17.27
CA ILE B 341 11.84 -1.59 17.64
C ILE B 341 11.12 -1.56 18.97
N PRO B 342 10.15 -2.41 19.23
CA PRO B 342 9.47 -2.36 20.51
C PRO B 342 10.38 -2.76 21.64
N GLY B 343 10.76 -1.80 22.45
CA GLY B 343 11.64 -2.03 23.57
C GLY B 343 12.98 -1.39 23.43
N ILE B 344 13.30 -0.84 22.25
CA ILE B 344 14.66 -0.40 21.96
C ILE B 344 14.64 1.08 21.65
N ARG B 345 15.41 1.84 22.39
CA ARG B 345 15.57 3.27 22.24
C ARG B 345 16.06 3.62 20.85
N PRO B 346 15.37 4.42 20.12
CA PRO B 346 15.52 4.42 18.66
C PRO B 346 16.67 5.23 18.11
N GLY B 347 17.66 5.57 18.92
CA GLY B 347 18.81 6.23 18.34
C GLY B 347 19.97 5.31 18.05
N LYS B 348 20.87 5.18 19.01
CA LYS B 348 22.02 4.30 18.92
C LYS B 348 21.65 2.86 19.23
N ASN B 349 20.76 2.65 20.19
CA ASN B 349 20.47 1.30 20.64
C ASN B 349 19.73 0.49 19.59
N THR B 350 18.98 1.13 18.71
CA THR B 350 18.42 0.32 17.64
C THR B 350 19.46 -0.01 16.58
N GLN B 351 20.53 0.77 16.41
CA GLN B 351 21.52 0.29 15.47
C GLN B 351 22.38 -0.80 16.09
N GLU B 352 22.57 -0.79 17.41
CA GLU B 352 23.38 -1.86 17.94
C GLU B 352 22.58 -3.14 18.00
N TYR B 353 21.26 -3.02 18.16
CA TYR B 353 20.41 -4.19 18.10
C TYR B 353 20.40 -4.81 16.72
N VAL B 354 20.20 -4.01 15.67
CA VAL B 354 20.19 -4.62 14.35
C VAL B 354 21.60 -5.00 13.88
N THR B 355 22.64 -4.41 14.46
CA THR B 355 24.01 -4.89 14.22
C THR B 355 24.24 -6.27 14.81
N ARG B 356 23.81 -6.50 16.05
CA ARG B 356 24.04 -7.80 16.65
C ARG B 356 23.23 -8.89 15.97
N ILE B 357 21.98 -8.59 15.61
CA ILE B 357 21.18 -9.52 14.81
C ILE B 357 21.84 -9.79 13.48
N LEU B 358 22.47 -8.77 12.90
CA LEU B 358 23.03 -8.94 11.59
C LEU B 358 24.31 -9.77 11.61
N TYR B 359 25.13 -9.68 12.66
CA TYR B 359 26.24 -10.61 12.81
C TYR B 359 25.76 -12.04 12.94
N ARG B 360 24.85 -12.26 13.88
CA ARG B 360 24.45 -13.62 14.20
C ARG B 360 23.64 -14.26 13.10
N LEU B 361 23.15 -13.49 12.15
CA LEU B 361 22.48 -14.07 11.02
C LEU B 361 23.34 -14.06 9.78
N THR B 362 24.43 -13.29 9.76
CA THR B 362 25.37 -13.33 8.65
C THR B 362 26.25 -14.56 8.73
N LEU B 363 26.49 -15.07 9.94
CA LEU B 363 27.28 -16.30 10.10
C LEU B 363 26.68 -17.48 9.34
N VAL B 364 25.36 -17.58 9.37
CA VAL B 364 24.66 -18.70 8.74
C VAL B 364 24.69 -18.60 7.22
N GLY B 365 24.28 -17.45 6.68
CA GLY B 365 24.38 -17.26 5.24
C GLY B 365 25.80 -17.23 4.74
N SER B 366 26.74 -16.89 5.61
CA SER B 366 28.15 -16.90 5.30
C SER B 366 28.65 -18.31 5.04
N LEU B 367 28.50 -19.20 6.02
CA LEU B 367 29.00 -20.56 5.80
C LEU B 367 28.12 -21.36 4.85
N PHE B 368 26.86 -20.97 4.67
CA PHE B 368 26.08 -21.47 3.56
C PHE B 368 26.72 -21.14 2.23
N LEU B 369 27.18 -19.91 2.07
CA LEU B 369 27.71 -19.51 0.78
C LEU B 369 29.07 -20.11 0.55
N ALA B 370 29.84 -20.30 1.63
CA ALA B 370 31.11 -21.00 1.55
C ALA B 370 30.93 -22.44 1.10
N PHE B 371 29.97 -23.14 1.71
CA PHE B 371 29.70 -24.52 1.30
C PHE B 371 29.15 -24.58 -0.12
N ILE B 372 28.32 -23.63 -0.51
CA ILE B 372 27.75 -23.69 -1.84
C ILE B 372 28.79 -23.34 -2.90
N ALA B 373 29.91 -22.75 -2.50
CA ALA B 373 30.99 -22.52 -3.47
C ALA B 373 32.04 -23.61 -3.49
N VAL B 374 32.22 -24.35 -2.39
CA VAL B 374 33.14 -25.48 -2.41
C VAL B 374 32.42 -26.81 -2.62
N LEU B 375 31.14 -26.77 -2.94
CA LEU B 375 30.45 -27.96 -3.43
C LEU B 375 30.97 -28.53 -4.75
N PRO B 376 31.22 -27.75 -5.83
CA PRO B 376 31.49 -28.41 -7.12
C PRO B 376 32.79 -29.19 -7.19
N VAL B 377 33.81 -28.82 -6.42
CA VAL B 377 34.98 -29.68 -6.32
C VAL B 377 34.61 -30.97 -5.61
N PHE B 378 33.68 -30.91 -4.67
CA PHE B 378 33.27 -32.08 -3.92
C PHE B 378 32.23 -32.89 -4.66
N PHE B 379 31.82 -32.47 -5.84
CA PHE B 379 31.16 -33.42 -6.73
C PHE B 379 32.07 -33.94 -7.83
N VAL B 380 33.00 -33.11 -8.32
CA VAL B 380 33.87 -33.57 -9.40
C VAL B 380 34.86 -34.63 -8.89
N ASN B 381 35.29 -34.52 -7.64
CA ASN B 381 36.11 -35.60 -7.10
C ASN B 381 35.29 -36.83 -6.77
N PHE B 382 34.14 -36.65 -6.12
CA PHE B 382 33.45 -37.78 -5.52
C PHE B 382 32.29 -38.27 -6.37
N ALA B 383 32.24 -37.90 -7.63
CA ALA B 383 31.21 -38.43 -8.49
C ALA B 383 31.68 -38.70 -9.91
N ASN B 384 32.93 -38.38 -10.25
CA ASN B 384 33.57 -38.70 -11.54
C ASN B 384 32.83 -38.13 -12.74
N LEU B 385 32.20 -36.97 -12.57
CA LEU B 385 31.55 -36.31 -13.67
C LEU B 385 32.60 -35.67 -14.58
N PRO B 386 32.23 -35.25 -15.79
CA PRO B 386 33.14 -34.40 -16.56
C PRO B 386 33.45 -33.13 -15.79
N PRO B 387 34.73 -32.77 -15.66
CA PRO B 387 35.10 -31.67 -14.76
C PRO B 387 34.84 -30.28 -15.34
N SER B 388 33.74 -30.17 -16.06
CA SER B 388 33.11 -28.93 -16.45
C SER B 388 31.65 -28.95 -16.07
N ALA B 389 31.18 -30.07 -15.50
CA ALA B 389 29.85 -30.17 -14.93
C ALA B 389 29.86 -29.72 -13.48
N GLN B 390 30.22 -28.46 -13.27
CA GLN B 390 30.45 -27.98 -11.92
C GLN B 390 29.16 -27.37 -11.41
N ILE B 391 28.37 -28.20 -10.75
CA ILE B 391 27.10 -27.80 -10.16
C ILE B 391 27.35 -27.27 -8.75
N GLY B 392 26.75 -26.14 -8.44
CA GLY B 392 27.06 -25.37 -7.25
C GLY B 392 27.59 -24.01 -7.62
N GLY B 393 27.89 -23.23 -6.62
CA GLY B 393 28.44 -21.93 -6.85
C GLY B 393 27.39 -20.90 -7.21
N THR B 394 27.88 -19.82 -7.80
CA THR B 394 27.04 -18.73 -8.28
C THR B 394 26.03 -19.22 -9.28
N SER B 395 26.42 -20.15 -10.15
CA SER B 395 25.54 -20.63 -11.19
C SER B 395 24.38 -21.45 -10.64
N LEU B 396 24.45 -21.92 -9.41
CA LEU B 396 23.28 -22.48 -8.76
C LEU B 396 22.51 -21.41 -8.04
N LEU B 397 23.23 -20.60 -7.25
CA LEU B 397 22.60 -19.61 -6.40
C LEU B 397 21.80 -18.58 -7.15
N ILE B 398 22.11 -18.33 -8.41
CA ILE B 398 21.37 -17.31 -9.12
C ILE B 398 20.43 -17.86 -10.16
N VAL B 399 20.58 -19.12 -10.58
CA VAL B 399 19.50 -19.79 -11.30
C VAL B 399 18.28 -19.91 -10.40
N VAL B 400 18.46 -20.34 -9.14
CA VAL B 400 17.24 -20.51 -8.36
C VAL B 400 16.70 -19.16 -7.91
N GLY B 401 17.56 -18.16 -7.72
CA GLY B 401 17.07 -16.86 -7.33
C GLY B 401 16.28 -16.17 -8.42
N VAL B 402 16.78 -16.21 -9.65
CA VAL B 402 16.08 -15.57 -10.75
C VAL B 402 14.81 -16.33 -11.10
N ALA B 403 14.83 -17.67 -10.95
CA ALA B 403 13.63 -18.44 -11.27
C ALA B 403 12.51 -18.15 -10.30
N LEU B 404 12.79 -18.14 -9.00
CA LEU B 404 11.74 -17.82 -8.04
C LEU B 404 11.30 -16.37 -8.13
N GLU B 405 12.24 -15.44 -8.19
CA GLU B 405 11.83 -14.06 -8.11
C GLU B 405 11.40 -13.51 -9.45
N THR B 406 11.26 -14.34 -10.49
CA THR B 406 10.36 -13.95 -11.56
C THR B 406 9.10 -14.78 -11.61
N MET B 407 9.07 -15.96 -10.99
CA MET B 407 7.79 -16.65 -10.82
C MET B 407 6.84 -15.84 -9.97
N LYS B 408 7.32 -15.34 -8.84
CA LYS B 408 6.48 -14.54 -7.95
C LYS B 408 5.99 -13.29 -8.63
N GLN B 409 6.86 -12.61 -9.35
CA GLN B 409 6.47 -11.36 -9.99
C GLN B 409 5.54 -11.63 -11.15
N LEU B 410 5.65 -12.81 -11.76
CA LEU B 410 4.75 -13.17 -12.84
C LEU B 410 3.36 -13.44 -12.30
N GLU B 411 3.24 -14.25 -11.25
CA GLU B 411 1.91 -14.57 -10.76
C GLU B 411 1.32 -13.50 -9.86
N SER B 412 2.04 -12.42 -9.54
CA SER B 412 1.39 -11.28 -8.89
C SER B 412 0.61 -10.39 -9.85
N GLN B 413 0.30 -10.87 -11.05
CA GLN B 413 -0.68 -10.22 -11.92
C GLN B 413 -2.05 -10.87 -11.80
N LEU B 414 -2.06 -12.14 -11.43
CA LEU B 414 -3.32 -12.87 -11.36
C LEU B 414 -4.19 -12.38 -10.21
N VAL B 415 -3.58 -11.93 -9.12
CA VAL B 415 -4.37 -11.42 -8.01
C VAL B 415 -5.02 -10.10 -8.39
N LYS B 416 -4.44 -9.37 -9.34
CA LYS B 416 -5.12 -8.23 -9.92
C LYS B 416 -6.33 -8.69 -10.70
N ARG B 417 -6.20 -9.80 -11.42
CA ARG B 417 -7.35 -10.32 -12.15
C ARG B 417 -8.43 -10.88 -11.22
N HIS B 418 -8.03 -11.56 -10.15
CA HIS B 418 -8.97 -12.42 -9.44
C HIS B 418 -9.70 -11.75 -8.27
N TYR B 419 -10.09 -10.49 -8.34
CA TYR B 419 -10.97 -9.97 -7.31
C TYR B 419 -12.36 -10.56 -7.44
N ARG B 420 -12.98 -10.87 -6.30
CA ARG B 420 -14.24 -11.62 -6.30
C ARG B 420 -15.45 -10.75 -6.02
N GLY B 421 -15.54 -10.13 -4.87
CA GLY B 421 -16.83 -9.59 -4.50
C GLY B 421 -17.64 -10.61 -3.75
N PHE B 422 -18.57 -10.17 -2.89
CA PHE B 422 -19.29 -11.13 -2.09
C PHE B 422 -20.53 -11.65 -2.78
N ILE B 423 -20.95 -11.01 -3.86
CA ILE B 423 -22.23 -11.36 -4.45
C ILE B 423 -22.14 -12.70 -5.18
N LYS B 424 -21.31 -12.80 -6.23
CA LYS B 424 -21.27 -13.97 -7.16
C LYS B 424 -22.62 -14.50 -7.63
N GLN C 2 35.30 -17.11 26.85
CA GLN C 2 33.97 -17.70 26.73
C GLN C 2 33.01 -16.83 25.92
N ARG C 3 33.54 -16.02 25.02
CA ARG C 3 32.64 -15.27 24.15
C ARG C 3 32.10 -16.13 23.03
N VAL C 4 32.89 -17.10 22.57
CA VAL C 4 32.42 -17.98 21.49
C VAL C 4 31.36 -18.94 22.02
N THR C 5 31.54 -19.44 23.25
CA THR C 5 30.59 -20.41 23.76
C THR C 5 29.26 -19.80 24.12
N ASN C 6 29.18 -18.47 24.23
CA ASN C 6 27.87 -17.83 24.26
C ASN C 6 27.41 -17.43 22.88
N PHE C 7 28.35 -17.05 22.01
CA PHE C 7 28.01 -16.50 20.70
C PHE C 7 27.33 -17.55 19.84
N PHE C 8 27.90 -18.75 19.78
CA PHE C 8 27.29 -19.78 18.95
C PHE C 8 25.98 -20.27 19.53
N LYS C 9 25.84 -20.20 20.86
CA LYS C 9 24.58 -20.47 21.51
C LYS C 9 23.50 -19.50 21.06
N GLU C 10 23.81 -18.21 21.04
CA GLU C 10 22.78 -17.29 20.57
C GLU C 10 22.63 -17.28 19.06
N VAL C 11 23.60 -17.78 18.31
CA VAL C 11 23.35 -18.05 16.89
C VAL C 11 22.28 -19.12 16.74
N VAL C 12 22.39 -20.19 17.52
CA VAL C 12 21.38 -21.24 17.46
C VAL C 12 20.05 -20.74 17.99
N ARG C 13 20.08 -19.78 18.91
CA ARG C 13 18.82 -19.19 19.40
C ARG C 13 18.17 -18.33 18.34
N GLU C 14 18.93 -17.53 17.62
CA GLU C 14 18.33 -16.70 16.59
C GLU C 14 18.03 -17.44 15.32
N LEU C 15 18.46 -18.68 15.20
CA LEU C 15 17.89 -19.51 14.15
C LEU C 15 16.50 -20.00 14.50
N LYS C 16 16.11 -19.91 15.75
CA LYS C 16 14.75 -20.26 16.16
C LYS C 16 13.80 -19.08 16.04
N LYS C 17 14.26 -17.97 15.47
CA LYS C 17 13.40 -16.81 15.26
C LYS C 17 13.28 -16.41 13.81
N VAL C 18 14.06 -16.99 12.91
CA VAL C 18 13.88 -16.76 11.50
C VAL C 18 12.57 -17.40 11.06
N SER C 19 11.86 -16.76 10.16
CA SER C 19 10.63 -17.36 9.64
C SER C 19 10.95 -18.23 8.44
N TRP C 20 11.28 -19.50 8.70
CA TRP C 20 11.72 -20.41 7.66
C TRP C 20 10.56 -20.81 6.77
N PRO C 21 10.79 -21.07 5.48
CA PRO C 21 9.71 -21.55 4.64
C PRO C 21 9.38 -22.99 5.00
N ASN C 22 8.10 -23.28 5.12
CA ASN C 22 7.71 -24.62 5.54
C ASN C 22 7.34 -25.47 4.31
N ARG C 23 7.05 -26.74 4.60
CA ARG C 23 7.20 -27.84 3.64
C ARG C 23 6.31 -27.71 2.42
N LYS C 24 5.16 -27.06 2.56
CA LYS C 24 4.20 -27.01 1.46
C LYS C 24 4.69 -26.10 0.33
N GLU C 25 4.93 -24.83 0.64
CA GLU C 25 5.43 -23.96 -0.41
C GLU C 25 6.91 -24.20 -0.70
N LEU C 26 7.64 -24.90 0.15
CA LEU C 26 8.98 -25.37 -0.18
C LEU C 26 8.94 -26.35 -1.35
N VAL C 27 8.03 -27.32 -1.28
CA VAL C 27 7.89 -28.27 -2.38
C VAL C 27 7.32 -27.59 -3.62
N ASN C 28 6.45 -26.60 -3.41
CA ASN C 28 5.97 -25.78 -4.51
C ASN C 28 7.12 -25.05 -5.21
N TYR C 29 8.04 -24.47 -4.44
CA TYR C 29 9.17 -23.73 -5.00
C TYR C 29 10.13 -24.64 -5.74
N THR C 30 10.41 -25.83 -5.19
CA THR C 30 11.33 -26.74 -5.87
C THR C 30 10.74 -27.26 -7.16
N ALA C 31 9.42 -27.49 -7.17
CA ALA C 31 8.74 -27.81 -8.42
C ALA C 31 8.85 -26.69 -9.44
N VAL C 32 8.72 -25.43 -8.99
CA VAL C 32 8.79 -24.29 -9.90
C VAL C 32 10.19 -24.17 -10.51
N VAL C 33 11.22 -24.25 -9.67
CA VAL C 33 12.57 -23.99 -10.17
C VAL C 33 13.05 -25.13 -11.05
N LEU C 34 12.66 -26.37 -10.76
CA LEU C 34 13.04 -27.46 -11.65
C LEU C 34 12.25 -27.42 -12.94
N ALA C 35 11.01 -26.91 -12.89
CA ALA C 35 10.24 -26.73 -14.11
C ALA C 35 10.87 -25.68 -15.02
N THR C 36 11.31 -24.56 -14.45
CA THR C 36 11.89 -23.50 -15.28
C THR C 36 13.24 -23.91 -15.83
N VAL C 37 14.08 -24.58 -15.02
CA VAL C 37 15.37 -24.97 -15.57
C VAL C 37 15.20 -26.07 -16.62
N ALA C 38 14.19 -26.94 -16.50
CA ALA C 38 13.98 -27.96 -17.53
C ALA C 38 13.43 -27.35 -18.81
N PHE C 39 12.46 -26.46 -18.69
CA PHE C 39 11.91 -25.80 -19.87
C PHE C 39 12.94 -24.94 -20.57
N PHE C 40 13.77 -24.22 -19.82
CA PHE C 40 14.74 -23.36 -20.49
C PHE C 40 15.93 -24.14 -21.02
N THR C 41 16.24 -25.28 -20.42
CA THR C 41 17.24 -26.16 -21.00
C THR C 41 16.76 -26.70 -22.33
N VAL C 42 15.52 -27.19 -22.37
CA VAL C 42 14.96 -27.73 -23.60
C VAL C 42 14.75 -26.65 -24.65
N PHE C 43 14.31 -25.46 -24.23
CA PHE C 43 14.13 -24.34 -25.14
C PHE C 43 15.44 -23.87 -25.74
N PHE C 44 16.49 -23.76 -24.93
CA PHE C 44 17.78 -23.34 -25.47
C PHE C 44 18.43 -24.41 -26.31
N ALA C 45 18.23 -25.68 -25.98
CA ALA C 45 18.71 -26.75 -26.84
C ALA C 45 18.06 -26.70 -28.21
N VAL C 46 16.75 -26.45 -28.23
CA VAL C 46 16.02 -26.42 -29.48
C VAL C 46 16.42 -25.23 -30.32
N ILE C 47 16.54 -24.04 -29.71
CA ILE C 47 16.86 -22.89 -30.56
C ILE C 47 18.32 -22.90 -30.97
N ASP C 48 19.21 -23.54 -30.20
CA ASP C 48 20.58 -23.69 -30.65
C ASP C 48 20.68 -24.65 -31.82
N LEU C 49 19.94 -25.78 -31.77
CA LEU C 49 19.87 -26.66 -32.94
C LEU C 49 19.27 -25.97 -34.15
N GLY C 50 18.24 -25.16 -33.93
CA GLY C 50 17.59 -24.48 -35.04
C GLY C 50 18.48 -23.48 -35.72
N ILE C 51 19.07 -22.57 -34.95
CA ILE C 51 19.92 -21.59 -35.61
C ILE C 51 21.24 -22.19 -36.05
N SER C 52 21.68 -23.31 -35.47
CA SER C 52 22.84 -24.00 -36.00
C SER C 52 22.55 -24.56 -37.39
N GLN C 53 21.44 -25.30 -37.54
CA GLN C 53 21.12 -25.88 -38.83
C GLN C 53 20.60 -24.87 -39.83
N LEU C 54 20.27 -23.65 -39.42
CA LEU C 54 19.97 -22.64 -40.43
C LEU C 54 21.22 -21.84 -40.83
N ILE C 55 22.12 -21.57 -39.89
CA ILE C 55 23.36 -20.90 -40.26
C ILE C 55 24.24 -21.81 -41.10
N ARG C 56 24.20 -23.13 -40.89
CA ARG C 56 25.08 -23.97 -41.67
C ARG C 56 24.61 -24.17 -43.10
N LEU C 57 23.45 -23.67 -43.48
CA LEU C 57 23.13 -23.52 -44.89
C LEU C 57 23.29 -22.08 -45.37
N VAL C 58 23.15 -21.10 -44.48
CA VAL C 58 23.51 -19.74 -44.87
C VAL C 58 25.02 -19.62 -45.07
N PHE C 59 25.80 -20.45 -44.37
CA PHE C 59 27.28 -20.39 -44.30
C PHE C 59 27.77 -19.03 -43.83
N GLN D 1 34.16 -34.85 -43.39
CA GLN D 1 33.73 -34.85 -44.78
C GLN D 1 34.84 -35.27 -45.73
N VAL D 2 36.01 -34.65 -45.60
CA VAL D 2 37.16 -35.03 -46.40
C VAL D 2 38.00 -36.00 -45.60
N GLN D 3 38.63 -36.92 -46.31
CA GLN D 3 39.55 -37.89 -45.72
C GLN D 3 40.95 -37.33 -45.86
N LEU D 4 41.78 -37.55 -44.85
CA LEU D 4 42.98 -36.75 -44.73
C LEU D 4 44.12 -37.61 -44.20
N VAL D 5 45.26 -37.57 -44.90
CA VAL D 5 46.42 -38.37 -44.54
C VAL D 5 47.61 -37.45 -44.28
N GLU D 6 48.49 -37.90 -43.39
CA GLU D 6 49.62 -37.11 -42.93
C GLU D 6 50.87 -37.97 -43.02
N THR D 7 51.86 -37.51 -43.78
CA THR D 7 53.08 -38.26 -43.99
C THR D 7 54.28 -37.40 -43.68
N GLY D 8 55.43 -38.05 -43.53
CA GLY D 8 56.70 -37.37 -43.39
C GLY D 8 57.28 -37.38 -42.00
N GLY D 9 56.50 -37.74 -40.99
CA GLY D 9 57.00 -37.79 -39.63
C GLY D 9 57.53 -39.16 -39.28
N GLY D 10 58.50 -39.18 -38.38
CA GLY D 10 59.13 -40.42 -37.99
C GLY D 10 60.11 -40.26 -36.85
N LEU D 11 61.29 -40.83 -37.01
CA LEU D 11 62.32 -40.81 -35.99
C LEU D 11 63.48 -39.94 -36.47
N VAL D 12 63.90 -38.99 -35.65
CA VAL D 12 64.93 -38.04 -36.05
C VAL D 12 65.69 -37.59 -34.80
N GLN D 13 66.98 -37.28 -34.98
CA GLN D 13 67.78 -36.75 -33.90
C GLN D 13 67.45 -35.27 -33.67
N PRO D 14 67.65 -34.77 -32.46
CA PRO D 14 67.45 -33.33 -32.23
C PRO D 14 68.54 -32.50 -32.91
N GLY D 15 68.14 -31.72 -33.90
CA GLY D 15 69.06 -30.93 -34.67
C GLY D 15 68.97 -31.23 -36.16
N GLY D 16 67.87 -31.83 -36.58
CA GLY D 16 67.68 -32.19 -37.97
C GLY D 16 66.67 -31.36 -38.71
N SER D 17 65.95 -31.98 -39.65
CA SER D 17 64.89 -31.34 -40.41
C SER D 17 63.89 -32.39 -40.85
N LEU D 18 62.62 -31.99 -40.95
CA LEU D 18 61.56 -32.88 -41.40
C LEU D 18 60.65 -32.12 -42.36
N ARG D 19 59.79 -32.88 -43.04
CA ARG D 19 58.87 -32.31 -44.02
C ARG D 19 57.55 -33.04 -43.86
N LEU D 20 56.60 -32.40 -43.21
CA LEU D 20 55.26 -32.98 -43.03
C LEU D 20 54.39 -32.60 -44.21
N SER D 21 53.98 -33.59 -44.98
CA SER D 21 53.08 -33.39 -46.10
C SER D 21 51.72 -33.97 -45.75
N CYS D 22 50.70 -33.13 -45.75
CA CYS D 22 49.34 -33.53 -45.41
C CYS D 22 48.52 -33.44 -46.68
N GLY D 23 48.03 -34.59 -47.14
CA GLY D 23 47.28 -34.70 -48.38
C GLY D 23 45.83 -35.05 -48.10
N ALA D 24 44.95 -34.51 -48.91
CA ALA D 24 43.51 -34.66 -48.70
C ALA D 24 42.90 -35.57 -49.76
N SER D 25 41.62 -35.89 -49.54
CA SER D 25 40.83 -36.65 -50.50
C SER D 25 39.87 -35.75 -51.26
N GLY D 26 39.07 -34.97 -50.55
CA GLY D 26 38.13 -34.07 -51.21
C GLY D 26 38.85 -32.89 -51.83
N SER D 27 38.51 -32.61 -53.10
CA SER D 27 39.28 -31.71 -53.93
C SER D 27 38.44 -30.51 -54.33
N ILE D 28 38.26 -29.57 -53.39
CA ILE D 28 37.83 -28.22 -53.70
C ILE D 28 38.77 -27.29 -52.96
N PHE D 29 38.85 -27.47 -51.63
CA PHE D 29 39.95 -27.10 -50.73
C PHE D 29 40.08 -25.60 -50.46
N ASN D 30 39.33 -24.76 -51.18
CA ASN D 30 39.45 -23.31 -50.96
C ASN D 30 38.67 -22.97 -49.70
N MET D 31 39.33 -23.09 -48.55
CA MET D 31 38.63 -23.08 -47.27
C MET D 31 39.13 -22.00 -46.33
N TYR D 32 38.68 -22.04 -45.08
CA TYR D 32 39.00 -21.01 -44.13
C TYR D 32 40.41 -21.16 -43.58
N ALA D 33 40.70 -22.25 -42.89
CA ALA D 33 41.96 -22.37 -42.17
C ALA D 33 42.51 -23.79 -42.30
N MET D 34 43.75 -23.90 -42.75
CA MET D 34 44.50 -25.14 -42.67
C MET D 34 45.56 -24.93 -41.61
N GLY D 35 45.88 -25.97 -40.86
CA GLY D 35 46.86 -25.84 -39.80
C GLY D 35 47.53 -27.10 -39.37
N TRP D 36 48.15 -27.04 -38.20
CA TRP D 36 48.91 -28.14 -37.62
C TRP D 36 49.01 -27.90 -36.13
N TYR D 37 48.65 -28.93 -35.35
CA TYR D 37 48.73 -28.85 -33.90
C TYR D 37 49.33 -30.14 -33.34
N ARG D 38 49.64 -30.14 -32.04
CA ARG D 38 50.37 -31.27 -31.44
C ARG D 38 49.48 -32.25 -30.69
N GLN D 39 48.89 -31.80 -29.58
CA GLN D 39 48.38 -32.62 -28.46
C GLN D 39 49.37 -33.71 -28.03
N ALA D 40 50.57 -33.28 -27.64
CA ALA D 40 51.47 -34.12 -26.87
C ALA D 40 50.87 -34.38 -25.48
N PRO D 41 51.35 -35.40 -24.77
CA PRO D 41 51.04 -35.47 -23.33
C PRO D 41 51.56 -34.28 -22.55
N GLY D 42 50.68 -33.58 -21.84
CA GLY D 42 51.01 -32.27 -21.31
C GLY D 42 50.17 -31.23 -22.04
N LYS D 43 48.91 -31.60 -22.30
CA LYS D 43 48.20 -31.44 -23.57
C LYS D 43 48.41 -30.11 -24.29
N ARG D 44 47.86 -29.02 -23.74
CA ARG D 44 48.09 -27.64 -24.16
C ARG D 44 47.63 -27.34 -25.60
N ARG D 45 47.09 -28.34 -26.32
CA ARG D 45 47.38 -28.59 -27.73
C ARG D 45 47.40 -27.35 -28.60
N GLU D 46 48.59 -27.00 -29.07
CA GLU D 46 48.81 -25.68 -29.61
C GLU D 46 48.90 -25.76 -31.12
N VAL D 47 48.23 -24.81 -31.77
CA VAL D 47 48.34 -24.73 -33.21
C VAL D 47 49.75 -24.32 -33.55
N VAL D 48 50.48 -25.24 -34.16
CA VAL D 48 51.87 -25.02 -34.52
C VAL D 48 51.99 -24.27 -35.83
N ALA D 49 51.14 -24.59 -36.79
CA ALA D 49 51.15 -23.86 -38.06
C ALA D 49 49.75 -23.45 -38.41
N ARG D 50 49.61 -22.25 -38.97
CA ARG D 50 48.28 -21.82 -39.33
C ARG D 50 48.35 -21.02 -40.63
N ILE D 51 47.52 -21.36 -41.59
CA ILE D 51 47.54 -20.71 -42.90
C ILE D 51 46.10 -20.47 -43.34
N ALA D 52 45.84 -19.24 -43.79
CA ALA D 52 44.52 -18.75 -44.14
C ALA D 52 44.36 -18.71 -45.66
N THR D 53 43.25 -18.11 -46.10
CA THR D 53 42.97 -18.01 -47.52
C THR D 53 43.97 -17.08 -48.21
N ASP D 54 44.36 -16.00 -47.53
CA ASP D 54 45.42 -15.12 -48.01
C ASP D 54 46.81 -15.72 -47.89
N ASP D 55 46.91 -16.93 -47.32
CA ASP D 55 48.17 -17.57 -46.93
C ASP D 55 48.98 -16.68 -46.00
N SER D 56 48.28 -16.06 -45.06
CA SER D 56 48.89 -15.20 -44.05
C SER D 56 49.36 -16.11 -42.92
N THR D 57 50.62 -16.54 -43.03
CA THR D 57 51.18 -17.57 -42.16
C THR D 57 51.28 -17.09 -40.72
N MET D 58 50.75 -17.88 -39.79
CA MET D 58 50.80 -17.53 -38.38
C MET D 58 51.44 -18.66 -37.58
N TYR D 59 52.41 -18.31 -36.74
CA TYR D 59 53.25 -19.19 -35.94
C TYR D 59 53.31 -18.71 -34.50
N PRO D 60 53.39 -19.63 -33.54
CA PRO D 60 53.44 -19.25 -32.12
C PRO D 60 54.85 -18.83 -31.72
N ASP D 61 54.98 -18.51 -30.42
CA ASP D 61 56.19 -17.86 -29.91
C ASP D 61 57.35 -18.82 -29.68
N SER D 62 57.08 -20.12 -29.61
CA SER D 62 58.15 -21.08 -29.36
C SER D 62 58.81 -21.57 -30.63
N VAL D 63 58.07 -21.65 -31.73
CA VAL D 63 58.59 -22.22 -32.97
C VAL D 63 58.48 -21.21 -34.11
N LYS D 64 58.56 -19.94 -33.78
CA LYS D 64 58.43 -18.89 -34.78
C LYS D 64 59.59 -18.91 -35.77
N GLY D 65 59.27 -18.87 -37.05
CA GLY D 65 60.22 -18.63 -38.11
C GLY D 65 60.95 -19.84 -38.64
N ARG D 66 61.33 -20.76 -37.75
CA ARG D 66 62.10 -21.93 -38.15
C ARG D 66 61.31 -22.89 -39.01
N PHE D 67 59.99 -22.82 -38.96
CA PHE D 67 59.14 -23.73 -39.72
C PHE D 67 58.57 -22.96 -40.90
N THR D 68 58.02 -23.69 -41.87
CA THR D 68 57.21 -23.02 -42.89
C THR D 68 56.07 -23.92 -43.33
N ILE D 69 54.99 -23.29 -43.73
CA ILE D 69 53.79 -23.97 -44.20
C ILE D 69 53.58 -23.60 -45.66
N SER D 70 53.22 -24.59 -46.46
CA SER D 70 53.07 -24.40 -47.90
C SER D 70 51.82 -25.10 -48.35
N ARG D 71 51.00 -24.42 -49.13
CA ARG D 71 49.78 -24.97 -49.65
C ARG D 71 49.98 -25.25 -51.13
N ASP D 72 49.41 -26.35 -51.61
CA ASP D 72 49.17 -26.45 -53.04
C ASP D 72 47.89 -27.21 -53.33
N ASN D 73 47.16 -26.71 -54.32
CA ASN D 73 46.19 -27.50 -55.05
C ASN D 73 46.89 -28.20 -56.22
N ALA D 74 46.11 -29.02 -56.95
CA ALA D 74 46.45 -30.05 -57.95
C ALA D 74 47.08 -31.28 -57.29
N LYS D 75 47.35 -31.17 -55.99
CA LYS D 75 47.43 -32.28 -55.05
C LYS D 75 47.25 -31.60 -53.70
N ASN D 76 46.13 -31.86 -53.04
CA ASN D 76 45.67 -31.05 -51.91
C ASN D 76 46.58 -31.27 -50.72
N THR D 77 47.66 -30.50 -50.65
CA THR D 77 48.70 -30.82 -49.68
C THR D 77 49.16 -29.55 -49.00
N VAL D 78 49.28 -29.63 -47.67
CA VAL D 78 49.98 -28.61 -46.92
C VAL D 78 51.31 -29.20 -46.47
N TYR D 79 52.28 -28.32 -46.27
CA TYR D 79 53.67 -28.70 -46.04
C TYR D 79 54.15 -27.95 -44.82
N LEU D 80 54.31 -28.66 -43.71
CA LEU D 80 54.98 -28.13 -42.52
C LEU D 80 56.42 -28.60 -42.60
N GLN D 81 57.26 -27.78 -43.24
CA GLN D 81 58.69 -28.00 -43.22
C GLN D 81 59.22 -27.55 -41.86
N MET D 82 60.03 -28.41 -41.25
CA MET D 82 60.49 -28.25 -39.88
C MET D 82 62.01 -28.24 -39.88
N ASN D 83 62.59 -27.29 -39.15
CA ASN D 83 64.03 -27.11 -39.12
C ASN D 83 64.49 -26.88 -37.70
N SER D 84 65.70 -27.39 -37.39
CA SER D 84 66.39 -27.23 -36.11
C SER D 84 65.52 -27.75 -34.96
N LEU D 85 65.31 -29.06 -35.00
CA LEU D 85 64.39 -29.72 -34.10
C LEU D 85 64.94 -29.72 -32.68
N LYS D 86 64.06 -29.99 -31.73
CA LYS D 86 64.39 -29.90 -30.32
C LYS D 86 63.72 -31.05 -29.59
N PRO D 87 64.34 -31.56 -28.51
CA PRO D 87 63.77 -32.71 -27.80
C PRO D 87 62.44 -32.44 -27.12
N GLU D 88 62.04 -31.18 -26.93
CA GLU D 88 60.74 -30.88 -26.35
C GLU D 88 59.59 -31.20 -27.32
N ASP D 89 59.86 -31.22 -28.62
CA ASP D 89 58.83 -31.40 -29.62
C ASP D 89 58.50 -32.87 -29.90
N THR D 90 58.82 -33.76 -28.97
CA THR D 90 58.47 -35.17 -29.09
C THR D 90 56.97 -35.30 -28.93
N ALA D 91 56.27 -35.35 -30.05
CA ALA D 91 54.84 -35.16 -30.02
C ALA D 91 54.22 -35.80 -31.24
N VAL D 92 52.93 -36.12 -31.13
CA VAL D 92 52.17 -36.45 -32.33
C VAL D 92 51.85 -35.12 -33.01
N TYR D 93 51.73 -35.15 -34.33
CA TYR D 93 51.38 -33.97 -35.10
C TYR D 93 50.12 -34.24 -35.90
N TYR D 94 49.33 -33.18 -36.08
CA TYR D 94 47.99 -33.26 -36.65
C TYR D 94 47.76 -32.09 -37.59
N CYS D 95 47.00 -32.35 -38.64
CA CYS D 95 46.75 -31.40 -39.72
C CYS D 95 45.26 -31.17 -39.81
N TYR D 96 44.80 -29.98 -39.45
CA TYR D 96 43.37 -29.74 -39.30
C TYR D 96 42.87 -28.76 -40.34
N TYR D 97 41.56 -28.86 -40.59
CA TYR D 97 40.90 -28.08 -41.61
C TYR D 97 39.64 -27.50 -41.02
N GLN D 98 39.05 -26.56 -41.75
CA GLN D 98 37.85 -25.86 -41.35
C GLN D 98 37.31 -25.13 -42.56
N ARG D 99 36.01 -25.26 -42.80
CA ARG D 99 35.46 -24.80 -44.07
C ARG D 99 35.22 -23.29 -44.10
N THR D 100 34.24 -22.83 -43.34
CA THR D 100 33.97 -21.41 -43.15
C THR D 100 34.31 -21.00 -41.71
N VAL D 101 33.71 -19.93 -41.17
CA VAL D 101 33.83 -19.60 -39.76
C VAL D 101 32.99 -20.73 -39.13
N MET D 102 32.83 -20.68 -37.81
CA MET D 102 33.42 -21.64 -36.88
C MET D 102 33.30 -23.03 -37.51
N SER D 103 32.10 -23.57 -37.75
CA SER D 103 31.82 -24.82 -38.47
C SER D 103 32.73 -25.99 -38.08
N GLN D 104 32.93 -26.15 -36.76
CA GLN D 104 33.58 -27.29 -36.09
C GLN D 104 34.87 -27.83 -36.68
N PRO D 105 36.01 -27.16 -36.49
CA PRO D 105 37.27 -27.58 -37.12
C PRO D 105 37.70 -29.02 -36.90
N TYR D 106 37.72 -29.79 -37.98
CA TYR D 106 37.88 -31.22 -37.86
C TYR D 106 39.35 -31.60 -37.87
N TRP D 107 39.64 -32.73 -37.26
CA TRP D 107 41.00 -33.12 -36.97
C TRP D 107 41.53 -33.99 -38.12
N GLY D 108 42.58 -34.74 -37.85
CA GLY D 108 42.97 -35.86 -38.67
C GLY D 108 43.58 -36.90 -37.75
N GLN D 109 44.21 -37.92 -38.31
CA GLN D 109 45.14 -38.68 -37.50
C GLN D 109 46.47 -37.94 -37.46
N GLY D 110 47.43 -38.48 -36.71
CA GLY D 110 48.69 -37.80 -36.50
C GLY D 110 49.87 -38.68 -36.82
N THR D 111 51.04 -38.06 -36.83
CA THR D 111 52.32 -38.75 -36.96
C THR D 111 53.11 -38.49 -35.69
N GLN D 112 53.53 -39.57 -35.02
CA GLN D 112 54.18 -39.42 -33.72
C GLN D 112 55.67 -39.16 -33.97
N VAL D 113 56.01 -37.89 -34.11
CA VAL D 113 57.40 -37.50 -34.32
C VAL D 113 58.12 -37.61 -32.98
N THR D 114 59.11 -38.51 -32.92
CA THR D 114 59.92 -38.71 -31.73
C THR D 114 61.27 -38.04 -31.95
N VAL D 115 61.67 -37.21 -30.99
CA VAL D 115 62.92 -36.47 -31.08
C VAL D 115 63.55 -36.41 -29.68
N SER D 116 64.71 -37.04 -29.53
CA SER D 116 65.47 -37.06 -28.28
C SER D 116 66.90 -37.52 -28.53
N ALA E 2 37.22 3.11 9.50
CA ALA E 2 37.68 4.38 8.94
C ALA E 2 37.13 4.53 7.52
N LYS E 3 36.92 5.78 7.09
CA LYS E 3 36.35 5.98 5.76
C LYS E 3 37.43 6.03 4.69
N LYS E 4 38.62 6.48 5.05
CA LYS E 4 39.77 6.37 4.15
C LYS E 4 40.01 4.93 3.77
N THR E 5 39.89 4.02 4.74
CA THR E 5 39.92 2.57 4.51
C THR E 5 38.95 2.17 3.41
N ALA E 6 37.76 2.81 3.38
CA ALA E 6 36.72 2.50 2.41
C ALA E 6 37.18 2.74 0.98
N ILE E 7 37.94 3.83 0.73
CA ILE E 7 38.35 4.10 -0.66
C ILE E 7 39.37 3.07 -1.09
N ALA E 8 40.19 2.59 -0.14
CA ALA E 8 41.08 1.48 -0.43
C ALA E 8 40.29 0.25 -0.81
N ILE E 9 39.22 -0.04 -0.06
CA ILE E 9 38.40 -1.21 -0.34
C ILE E 9 37.62 -1.03 -1.64
N ALA E 10 37.47 0.20 -2.12
CA ALA E 10 37.05 0.37 -3.50
C ALA E 10 38.17 -0.05 -4.45
N VAL E 11 39.31 0.63 -4.37
CA VAL E 11 40.34 0.55 -5.41
C VAL E 11 40.98 -0.81 -5.44
N ALA E 12 41.18 -1.42 -4.26
CA ALA E 12 41.73 -2.76 -4.10
C ALA E 12 40.96 -3.78 -4.90
N LEU E 13 39.64 -3.67 -4.97
CA LEU E 13 38.94 -4.64 -5.79
C LEU E 13 38.98 -4.25 -7.25
N ALA E 14 38.88 -2.93 -7.51
CA ALA E 14 38.62 -2.43 -8.87
C ALA E 14 39.74 -2.83 -9.82
N GLY E 15 40.96 -2.43 -9.47
CA GLY E 15 42.12 -2.84 -10.25
C GLY E 15 42.31 -4.34 -10.27
N PHE E 16 41.96 -5.03 -9.18
CA PHE E 16 42.08 -6.48 -9.16
C PHE E 16 41.05 -7.10 -10.09
N ALA E 17 39.86 -6.51 -10.16
CA ALA E 17 38.85 -6.92 -11.11
C ALA E 17 39.31 -6.67 -12.53
N THR E 18 40.23 -5.72 -12.71
CA THR E 18 40.82 -5.50 -14.02
C THR E 18 42.03 -6.42 -14.24
N VAL E 19 42.77 -6.79 -13.19
CA VAL E 19 43.94 -7.62 -13.45
C VAL E 19 43.53 -9.08 -13.53
N ALA E 20 42.39 -9.43 -12.94
CA ALA E 20 41.80 -10.75 -13.08
C ALA E 20 41.33 -10.99 -14.50
N SER E 21 41.06 -9.91 -15.22
CA SER E 21 40.64 -9.97 -16.61
C SER E 21 41.66 -10.63 -17.54
N TYR E 22 42.93 -10.68 -17.15
CA TYR E 22 43.92 -11.45 -17.91
C TYR E 22 43.54 -12.92 -17.96
N ALA E 23 42.97 -13.43 -16.88
CA ALA E 23 42.61 -14.83 -16.75
C ALA E 23 41.11 -15.03 -16.79
N GLN E 24 40.42 -14.37 -17.71
CA GLN E 24 38.97 -14.51 -17.79
C GLN E 24 38.57 -15.71 -18.62
N TYR E 25 39.52 -16.37 -19.28
CA TYR E 25 39.29 -17.74 -19.74
C TYR E 25 39.04 -18.68 -18.58
N GLU E 26 39.59 -18.35 -17.42
CA GLU E 26 39.66 -19.17 -16.23
C GLU E 26 38.54 -18.89 -15.23
N ASP E 27 38.18 -17.63 -15.02
CA ASP E 27 37.08 -17.28 -14.11
C ASP E 27 35.72 -17.71 -14.61
N GLY E 28 35.19 -16.99 -15.59
CA GLY E 28 33.89 -17.26 -16.15
C GLY E 28 32.62 -17.17 -15.29
N CYS E 29 32.64 -16.53 -14.12
CA CYS E 29 31.45 -16.48 -13.27
C CYS E 29 30.64 -15.21 -13.48
N SER E 30 29.46 -15.19 -12.86
CA SER E 30 28.39 -14.31 -13.33
C SER E 30 28.02 -13.20 -12.37
N GLY E 31 27.51 -13.55 -11.20
CA GLY E 31 27.16 -12.53 -10.23
C GLY E 31 25.82 -11.90 -10.51
N GLU E 32 24.97 -11.86 -9.51
CA GLU E 32 23.62 -11.34 -9.63
C GLU E 32 23.68 -9.86 -9.27
N LEU E 33 22.60 -9.14 -9.50
CA LEU E 33 22.63 -7.68 -9.49
C LEU E 33 22.19 -7.08 -8.17
N GLU E 34 21.47 -7.85 -7.37
CA GLU E 34 20.34 -7.52 -6.49
C GLU E 34 20.52 -6.22 -5.72
N ARG E 35 19.42 -5.48 -5.57
CA ARG E 35 19.36 -4.07 -5.17
C ARG E 35 20.09 -3.67 -3.90
N ASP E 51 2.65 14.94 3.86
CA ASP E 51 2.09 16.08 4.58
C ASP E 51 1.41 15.50 5.82
N SER E 52 0.43 16.20 6.38
CA SER E 52 -0.31 15.75 7.54
C SER E 52 -1.75 15.48 7.15
N PRO E 53 -2.20 14.22 7.22
CA PRO E 53 -3.50 13.84 6.63
C PRO E 53 -4.70 14.44 7.33
N HIS E 54 -5.58 15.03 6.53
CA HIS E 54 -6.67 15.86 7.00
C HIS E 54 -7.99 15.25 6.57
N SER E 55 -8.96 15.24 7.48
CA SER E 55 -10.22 14.53 7.35
C SER E 55 -11.37 15.48 7.13
N TYR E 56 -12.59 14.97 7.20
CA TYR E 56 -13.81 15.78 7.10
C TYR E 56 -14.88 15.17 7.98
N HIS E 57 -15.13 15.74 9.14
CA HIS E 57 -16.05 15.07 10.06
C HIS E 57 -17.49 15.32 9.62
N SER E 58 -18.19 14.24 9.30
CA SER E 58 -19.57 14.34 8.83
C SER E 58 -20.52 14.35 10.00
N GLY E 59 -21.81 14.12 9.73
CA GLY E 59 -22.83 14.08 10.75
C GLY E 59 -23.89 15.13 10.55
N LYS F 3 -15.87 16.28 34.99
CA LYS F 3 -15.33 14.98 34.60
C LYS F 3 -15.60 13.86 35.64
N GLY F 4 -14.55 13.19 36.08
CA GLY F 4 -14.64 12.12 37.04
C GLY F 4 -14.76 10.78 36.37
N GLU F 5 -15.94 10.46 35.84
CA GLU F 5 -16.08 9.18 35.15
C GLU F 5 -15.92 9.38 33.66
N GLU F 6 -16.00 10.63 33.20
CA GLU F 6 -15.51 11.00 31.88
C GLU F 6 -14.01 10.79 31.74
N LEU F 7 -13.30 10.70 32.87
CA LEU F 7 -11.92 10.25 32.92
C LEU F 7 -11.79 8.74 32.71
N PHE F 8 -12.81 7.96 33.10
CA PHE F 8 -12.76 6.50 33.02
C PHE F 8 -13.46 5.95 31.79
N THR F 9 -13.31 6.61 30.64
CA THR F 9 -13.90 6.12 29.39
C THR F 9 -13.32 4.75 29.00
N GLY F 10 -12.06 4.51 29.33
CA GLY F 10 -11.49 3.19 29.15
C GLY F 10 -12.05 2.16 30.11
N VAL F 11 -11.56 0.92 29.95
CA VAL F 11 -12.15 -0.21 30.64
C VAL F 11 -11.78 -0.19 32.11
N VAL F 12 -12.72 -0.60 32.95
CA VAL F 12 -12.65 -0.39 34.40
C VAL F 12 -12.70 -1.74 35.10
N PRO F 13 -11.80 -2.01 36.06
CA PRO F 13 -11.91 -3.24 36.84
C PRO F 13 -13.05 -3.18 37.85
N ILE F 14 -13.79 -4.28 37.95
CA ILE F 14 -14.99 -4.36 38.78
C ILE F 14 -14.82 -5.52 39.75
N LEU F 15 -14.57 -5.19 41.03
CA LEU F 15 -14.66 -6.13 42.14
C LEU F 15 -16.07 -6.12 42.71
N VAL F 16 -16.62 -7.31 42.93
CA VAL F 16 -17.87 -7.44 43.65
C VAL F 16 -17.66 -8.38 44.83
N GLU F 17 -18.07 -7.92 46.00
CA GLU F 17 -17.98 -8.66 47.25
C GLU F 17 -19.37 -8.67 47.86
N LEU F 18 -19.92 -9.85 48.14
CA LEU F 18 -21.23 -9.90 48.75
C LEU F 18 -21.26 -10.91 49.88
N ASP F 19 -21.72 -10.46 51.04
CA ASP F 19 -22.08 -11.32 52.14
C ASP F 19 -23.54 -11.06 52.50
N GLY F 20 -24.19 -12.06 53.05
CA GLY F 20 -25.58 -11.88 53.37
C GLY F 20 -26.17 -13.07 54.10
N ASP F 21 -27.33 -12.81 54.69
CA ASP F 21 -28.04 -13.82 55.48
C ASP F 21 -29.51 -13.84 55.10
N VAL F 22 -30.02 -15.06 54.86
CA VAL F 22 -31.46 -15.28 54.73
C VAL F 22 -31.87 -16.46 55.61
N ASN F 23 -32.80 -16.19 56.55
CA ASN F 23 -33.34 -17.18 57.48
C ASN F 23 -32.25 -17.86 58.31
N GLY F 24 -31.25 -17.07 58.72
CA GLY F 24 -30.13 -17.62 59.44
C GLY F 24 -29.21 -18.49 58.62
N HIS F 25 -29.28 -18.39 57.29
CA HIS F 25 -28.46 -19.19 56.41
C HIS F 25 -27.53 -18.26 55.65
N LYS F 26 -26.26 -18.66 55.60
CA LYS F 26 -25.13 -17.82 55.21
C LYS F 26 -24.89 -17.86 53.71
N PHE F 27 -24.50 -16.72 53.14
CA PHE F 27 -23.98 -16.75 51.78
C PHE F 27 -22.93 -15.66 51.56
N SER F 28 -22.00 -15.96 50.67
CA SER F 28 -20.82 -15.15 50.39
C SER F 28 -20.38 -15.43 48.95
N VAL F 29 -20.57 -14.46 48.06
CA VAL F 29 -20.23 -14.60 46.64
C VAL F 29 -19.33 -13.45 46.23
N SER F 30 -18.26 -13.74 45.51
CA SER F 30 -17.36 -12.71 45.02
CA SER F 30 -17.33 -12.73 45.01
C SER F 30 -17.29 -12.75 43.49
N GLY F 31 -16.51 -11.83 42.92
CA GLY F 31 -16.34 -11.87 41.48
C GLY F 31 -15.60 -10.66 40.96
N GLU F 32 -15.21 -10.77 39.69
CA GLU F 32 -14.37 -9.76 39.05
C GLU F 32 -14.71 -9.68 37.57
N GLY F 33 -14.65 -8.48 37.02
CA GLY F 33 -14.79 -8.32 35.60
C GLY F 33 -14.47 -6.92 35.14
N GLU F 34 -15.03 -6.56 33.99
CA GLU F 34 -14.72 -5.29 33.36
C GLU F 34 -15.99 -4.52 33.02
N GLY F 35 -15.87 -3.20 33.08
CA GLY F 35 -16.96 -2.32 32.69
C GLY F 35 -16.50 -1.28 31.70
N ASP F 36 -17.41 -0.92 30.78
CA ASP F 36 -17.12 0.05 29.74
C ASP F 36 -18.26 1.05 29.65
N ALA F 37 -17.92 2.32 29.46
CA ALA F 37 -18.91 3.38 29.42
C ALA F 37 -19.20 3.93 28.04
N THR F 38 -18.21 4.00 27.14
CA THR F 38 -18.48 4.53 25.81
C THR F 38 -19.29 3.56 24.98
N TYR F 39 -19.17 2.25 25.23
CA TYR F 39 -20.15 1.31 24.72
C TYR F 39 -21.18 0.97 25.79
N GLY F 40 -20.80 1.06 27.06
CA GLY F 40 -21.73 0.80 28.13
C GLY F 40 -22.10 -0.66 28.26
N LYS F 41 -21.16 -1.48 28.70
CA LYS F 41 -21.45 -2.88 28.92
C LYS F 41 -20.66 -3.36 30.13
N LEU F 42 -21.06 -4.51 30.65
CA LEU F 42 -20.41 -5.12 31.80
C LEU F 42 -20.18 -6.58 31.47
N THR F 43 -18.93 -7.02 31.51
CA THR F 43 -18.56 -8.40 31.25
C THR F 43 -17.92 -8.92 32.53
N LEU F 44 -18.65 -9.74 33.28
CA LEU F 44 -18.31 -9.99 34.68
C LEU F 44 -18.30 -11.49 34.92
N LYS F 45 -17.22 -11.99 35.51
CA LYS F 45 -17.13 -13.40 35.88
C LYS F 45 -17.30 -13.48 37.40
N PHE F 46 -18.40 -14.08 37.83
CA PHE F 46 -18.75 -14.13 39.24
C PHE F 46 -18.69 -15.56 39.75
N ILE F 47 -18.20 -15.72 40.97
CA ILE F 47 -17.90 -17.02 41.56
C ILE F 47 -18.48 -17.08 42.96
N CYS F 48 -19.30 -18.10 43.22
CA CYS F 48 -19.82 -18.35 44.56
C CYS F 48 -18.72 -19.01 45.39
N THR F 49 -18.11 -18.23 46.30
CA THR F 49 -17.00 -18.70 47.11
C THR F 49 -17.41 -19.12 48.51
N THR F 50 -18.66 -19.55 48.71
CA THR F 50 -19.07 -20.10 49.99
C THR F 50 -19.65 -21.51 49.88
N GLY F 51 -20.02 -21.97 48.69
CA GLY F 51 -20.77 -23.19 48.56
C GLY F 51 -21.98 -23.09 47.65
N LYS F 52 -23.17 -23.25 48.22
CA LYS F 52 -24.38 -23.27 47.44
C LYS F 52 -25.24 -22.04 47.73
N LEU F 53 -26.08 -21.72 46.76
CA LEU F 53 -26.86 -20.49 46.80
C LEU F 53 -28.13 -20.72 47.61
N PRO F 54 -28.35 -19.96 48.67
CA PRO F 54 -29.64 -20.00 49.36
C PRO F 54 -30.74 -19.43 48.48
N VAL F 55 -30.56 -18.20 48.05
CA VAL F 55 -31.47 -17.60 47.08
C VAL F 55 -30.73 -17.68 45.73
N PRO F 56 -31.42 -17.88 44.63
CA PRO F 56 -30.72 -18.16 43.37
C PRO F 56 -30.24 -16.86 42.74
N TRP F 57 -29.22 -17.02 41.91
CA TRP F 57 -28.59 -16.03 41.05
C TRP F 57 -29.53 -15.01 40.38
N PRO F 58 -30.71 -15.37 39.84
CA PRO F 58 -31.58 -14.30 39.33
C PRO F 58 -32.09 -13.37 40.40
N THR F 59 -32.40 -13.89 41.60
CA THR F 59 -32.69 -12.99 42.73
C THR F 59 -31.45 -12.26 43.25
N LEU F 60 -30.29 -12.47 42.64
CA LEU F 60 -29.04 -11.85 43.02
C LEU F 60 -28.60 -10.73 42.09
N VAL F 61 -29.07 -10.73 40.84
CA VAL F 61 -28.43 -9.94 39.81
C VAL F 61 -28.75 -8.45 39.96
N THR F 62 -29.93 -8.09 40.45
CA THR F 62 -30.20 -6.68 40.68
C THR F 62 -29.46 -6.15 41.89
N THR F 63 -29.03 -7.04 42.78
CA THR F 63 -28.28 -6.65 43.95
C THR F 63 -26.79 -6.53 43.66
N PHE F 64 -26.26 -7.36 42.77
CA PHE F 64 -24.92 -7.13 42.23
C PHE F 64 -24.78 -5.84 41.46
N VAL F 66 -23.78 -0.48 40.52
CA VAL F 66 -22.79 -0.53 39.46
C VAL F 66 -23.57 -0.01 38.23
N GLN F 67 -24.40 1.00 38.50
CA GLN F 67 -25.24 1.62 37.48
C GLN F 67 -24.57 2.80 36.82
N CYS F 68 -23.26 2.92 36.97
CA CYS F 68 -22.52 4.03 36.40
C CYS F 68 -21.95 3.72 35.02
N PHE F 69 -22.06 2.48 34.58
CA PHE F 69 -21.47 2.05 33.32
C PHE F 69 -22.46 2.11 32.17
N SER F 70 -23.33 3.11 32.17
CA SER F 70 -24.29 3.29 31.12
C SER F 70 -23.60 3.78 29.84
N ARG F 71 -24.33 3.70 28.73
CA ARG F 71 -23.90 4.34 27.48
C ARG F 71 -24.76 5.58 27.26
N TYR F 72 -24.11 6.72 27.13
CA TYR F 72 -24.86 7.95 26.92
C TYR F 72 -24.63 8.53 25.54
N PRO F 73 -25.68 8.77 24.78
CA PRO F 73 -25.55 9.63 23.60
C PRO F 73 -25.38 11.10 23.99
N ASP F 74 -25.28 11.96 22.97
CA ASP F 74 -24.73 13.30 23.17
C ASP F 74 -25.60 14.22 24.02
N HIS F 75 -26.90 13.95 24.12
CA HIS F 75 -27.79 14.95 24.70
C HIS F 75 -28.03 14.75 26.19
N MET F 76 -27.95 13.52 26.68
CA MET F 76 -28.19 13.24 28.09
C MET F 76 -26.91 13.31 28.91
N LYS F 77 -25.87 13.95 28.38
CA LYS F 77 -24.62 14.07 29.10
C LYS F 77 -24.75 14.98 30.32
N ARG F 78 -25.67 15.94 30.27
CA ARG F 78 -25.90 16.79 31.43
C ARG F 78 -26.73 16.07 32.48
N HIS F 79 -27.53 15.09 32.08
CA HIS F 79 -28.62 14.57 32.91
C HIS F 79 -28.25 13.28 33.61
N ASP F 80 -27.02 13.14 34.09
CA ASP F 80 -26.62 11.98 34.86
C ASP F 80 -26.29 12.38 36.29
N PHE F 81 -26.76 11.57 37.22
CA PHE F 81 -26.24 11.65 38.58
C PHE F 81 -24.99 10.80 38.79
N PHE F 82 -24.90 9.68 38.11
CA PHE F 82 -23.89 8.66 38.42
C PHE F 82 -22.50 9.01 37.91
N LYS F 83 -22.30 10.20 37.37
CA LYS F 83 -20.98 10.73 37.08
C LYS F 83 -20.70 11.97 37.91
N SER F 84 -21.50 12.23 38.93
CA SER F 84 -21.30 13.34 39.85
C SER F 84 -20.74 12.90 41.19
N ALA F 85 -21.23 11.78 41.72
CA ALA F 85 -20.69 11.19 42.94
C ALA F 85 -19.47 10.32 42.69
N MET F 86 -19.06 10.19 41.46
CA MET F 86 -17.87 9.42 41.19
C MET F 86 -16.79 10.37 40.69
N PRO F 87 -15.51 10.17 41.08
CA PRO F 87 -14.91 9.06 41.83
C PRO F 87 -15.04 9.13 43.35
N GLU F 88 -15.88 10.05 43.85
CA GLU F 88 -15.97 10.27 45.29
C GLU F 88 -16.57 9.09 46.02
N GLY F 89 -17.44 8.32 45.38
CA GLY F 89 -18.03 7.19 46.04
C GLY F 89 -19.55 7.24 46.04
N TYR F 90 -20.15 6.09 46.30
CA TYR F 90 -21.57 5.91 46.08
C TYR F 90 -22.11 4.89 47.07
N VAL F 91 -23.34 5.10 47.52
CA VAL F 91 -23.98 4.23 48.50
C VAL F 91 -25.39 3.95 48.03
N GLN F 92 -25.80 2.68 48.00
CA GLN F 92 -27.17 2.40 47.62
C GLN F 92 -27.76 1.29 48.48
N GLU F 93 -28.99 1.52 48.90
CA GLU F 93 -29.74 0.54 49.66
C GLU F 93 -31.09 0.35 49.01
N ARG F 94 -31.58 -0.89 49.04
CA ARG F 94 -32.85 -1.17 48.39
C ARG F 94 -33.79 -1.92 49.31
N THR F 95 -35.07 -1.56 49.21
CA THR F 95 -36.16 -2.37 49.71
C THR F 95 -36.72 -3.13 48.52
N ILE F 96 -36.61 -4.46 48.57
CA ILE F 96 -37.02 -5.32 47.47
C ILE F 96 -38.17 -6.16 47.98
N SER F 97 -39.37 -5.86 47.52
CA SER F 97 -40.54 -6.60 47.96
C SER F 97 -40.87 -7.66 46.92
N PHE F 98 -40.68 -8.92 47.31
CA PHE F 98 -41.28 -10.05 46.61
C PHE F 98 -42.76 -10.05 46.91
N LYS F 99 -43.59 -10.06 45.87
CA LYS F 99 -44.98 -10.39 46.09
C LYS F 99 -45.07 -11.89 46.38
N ASP F 100 -46.01 -12.25 47.26
CA ASP F 100 -46.24 -13.61 47.77
C ASP F 100 -45.06 -14.17 48.56
N ASP F 101 -44.11 -13.33 48.97
CA ASP F 101 -42.97 -13.75 49.77
C ASP F 101 -42.50 -12.51 50.54
N GLY F 102 -41.33 -12.61 51.18
CA GLY F 102 -40.89 -11.55 52.06
C GLY F 102 -40.09 -10.45 51.42
N ASN F 103 -39.07 -9.96 52.12
CA ASN F 103 -38.44 -8.71 51.73
C ASN F 103 -36.93 -8.78 51.85
N TYR F 104 -36.24 -8.26 50.83
CA TYR F 104 -34.82 -7.97 50.92
C TYR F 104 -34.63 -6.55 51.41
N LYS F 105 -33.71 -6.37 52.35
CA LYS F 105 -33.11 -5.07 52.60
C LYS F 105 -31.65 -5.23 52.23
N THR F 106 -31.24 -4.61 51.14
CA THR F 106 -29.87 -4.73 50.71
C THR F 106 -29.14 -3.43 50.98
N ARG F 107 -27.84 -3.58 51.24
CA ARG F 107 -27.02 -2.65 51.99
C ARG F 107 -25.68 -2.62 51.28
N ALA F 108 -25.48 -1.66 50.37
CA ALA F 108 -24.26 -1.76 49.57
C ALA F 108 -23.62 -0.39 49.43
N GLU F 109 -22.30 -0.38 49.42
CA GLU F 109 -21.57 0.80 49.00
C GLU F 109 -20.79 0.46 47.74
N VAL F 110 -21.00 1.27 46.71
CA VAL F 110 -20.41 1.10 45.40
C VAL F 110 -19.45 2.26 45.24
N LYS F 111 -18.15 1.99 45.31
CA LYS F 111 -17.22 3.11 45.21
C LYS F 111 -15.92 2.67 44.55
N PHE F 112 -15.22 3.66 44.02
CA PHE F 112 -13.87 3.48 43.49
C PHE F 112 -12.90 3.36 44.66
N GLU F 113 -12.62 2.13 45.07
CA GLU F 113 -11.61 1.89 46.07
C GLU F 113 -10.28 1.74 45.34
N GLY F 114 -9.33 2.58 45.71
CA GLY F 114 -8.13 2.79 44.92
C GLY F 114 -8.53 3.28 43.55
N ASP F 115 -8.40 2.41 42.56
CA ASP F 115 -8.93 2.63 41.22
C ASP F 115 -10.24 1.88 41.02
N THR F 116 -10.31 0.64 41.48
CA THR F 116 -11.30 -0.28 40.97
C THR F 116 -12.68 -0.04 41.58
N LEU F 117 -13.71 -0.37 40.80
CA LEU F 117 -15.07 -0.24 41.27
C LEU F 117 -15.36 -1.44 42.16
N VAL F 118 -15.46 -1.22 43.46
CA VAL F 118 -15.84 -2.25 44.39
C VAL F 118 -17.30 -2.04 44.75
N ASN F 119 -18.09 -3.09 44.65
CA ASN F 119 -19.42 -3.10 45.21
C ASN F 119 -19.38 -4.01 46.44
N ARG F 120 -19.43 -3.39 47.61
CA ARG F 120 -19.51 -4.10 48.89
C ARG F 120 -20.99 -4.24 49.24
N ILE F 121 -21.51 -5.47 49.21
CA ILE F 121 -22.92 -5.70 49.48
C ILE F 121 -23.02 -6.56 50.72
N GLU F 122 -23.83 -6.13 51.67
CA GLU F 122 -24.39 -7.00 52.68
C GLU F 122 -25.88 -7.02 52.45
N LEU F 123 -26.44 -8.21 52.31
CA LEU F 123 -27.86 -8.39 52.05
C LEU F 123 -28.48 -9.07 53.25
N LYS F 124 -29.60 -8.53 53.72
CA LYS F 124 -30.34 -9.21 54.77
C LYS F 124 -31.75 -9.44 54.29
N GLY F 125 -32.12 -10.72 54.18
CA GLY F 125 -33.44 -11.07 53.70
C GLY F 125 -34.33 -11.57 54.80
N ILE F 126 -35.34 -10.78 55.14
CA ILE F 126 -36.22 -11.10 56.24
C ILE F 126 -37.62 -11.35 55.69
N ASP F 127 -38.52 -11.74 56.59
CA ASP F 127 -39.94 -12.00 56.34
C ASP F 127 -40.16 -13.21 55.43
N PHE F 128 -39.25 -14.17 55.44
CA PHE F 128 -39.30 -15.27 54.48
C PHE F 128 -39.95 -16.52 55.06
N LYS F 129 -40.70 -17.21 54.21
CA LYS F 129 -41.06 -18.61 54.40
C LYS F 129 -40.30 -19.43 53.36
N GLU F 130 -39.69 -20.54 53.81
CA GLU F 130 -38.79 -21.30 52.96
C GLU F 130 -39.54 -22.06 51.88
N ASP F 131 -40.81 -22.38 52.09
CA ASP F 131 -41.57 -23.18 51.15
C ASP F 131 -42.30 -22.34 50.10
N GLY F 132 -41.73 -21.20 49.72
CA GLY F 132 -42.23 -20.45 48.58
C GLY F 132 -41.58 -20.90 47.29
N ASN F 133 -41.12 -19.95 46.49
CA ASN F 133 -40.44 -20.25 45.23
C ASN F 133 -38.95 -19.93 45.24
N ILE F 134 -38.54 -18.91 46.01
CA ILE F 134 -37.15 -18.45 45.92
C ILE F 134 -36.23 -19.40 46.68
N LEU F 135 -36.56 -19.74 47.91
CA LEU F 135 -35.80 -20.76 48.60
C LEU F 135 -36.13 -22.17 48.14
N GLY F 136 -37.21 -22.34 47.36
CA GLY F 136 -37.40 -23.59 46.65
C GLY F 136 -36.65 -23.67 45.35
N HIS F 137 -35.97 -22.58 44.97
CA HIS F 137 -35.11 -22.50 43.78
C HIS F 137 -35.89 -22.79 42.50
N LYS F 138 -37.01 -22.10 42.34
CA LYS F 138 -37.89 -22.27 41.19
C LYS F 138 -37.55 -21.34 40.02
N LEU F 139 -36.32 -20.84 39.95
CA LEU F 139 -35.98 -19.84 38.95
C LEU F 139 -35.30 -20.48 37.74
N GLU F 140 -35.74 -20.07 36.55
CA GLU F 140 -34.99 -20.41 35.35
C GLU F 140 -33.69 -19.63 35.32
N TYR F 141 -32.70 -20.17 34.63
CA TYR F 141 -31.37 -19.56 34.59
C TYR F 141 -31.39 -18.51 33.48
N ASN F 142 -31.97 -17.36 33.80
CA ASN F 142 -32.18 -16.29 32.83
C ASN F 142 -32.45 -14.98 33.55
N TYR F 143 -32.33 -13.89 32.81
CA TYR F 143 -32.78 -12.60 33.32
C TYR F 143 -33.31 -11.76 32.18
N ASN F 144 -34.38 -11.03 32.45
CA ASN F 144 -35.17 -10.35 31.43
C ASN F 144 -34.59 -8.97 31.13
N SER F 145 -35.29 -8.21 30.29
CA SER F 145 -34.93 -6.85 29.93
C SER F 145 -35.86 -5.89 30.66
N HIS F 146 -35.36 -4.72 31.05
CA HIS F 146 -36.16 -3.87 31.93
C HIS F 146 -35.92 -2.40 31.66
N ASN F 147 -36.68 -1.58 32.36
CA ASN F 147 -36.57 -0.13 32.31
C ASN F 147 -36.58 0.40 33.75
N VAL F 148 -35.45 0.93 34.17
CA VAL F 148 -35.30 1.48 35.52
C VAL F 148 -35.71 2.94 35.49
N TYR F 149 -36.70 3.32 36.30
CA TYR F 149 -37.14 4.71 36.35
C TYR F 149 -36.37 5.46 37.43
N ILE F 150 -35.78 6.58 37.05
CA ILE F 150 -34.88 7.35 37.90
C ILE F 150 -35.51 8.72 38.13
N THR F 151 -35.64 9.09 39.42
CA THR F 151 -35.98 10.46 39.80
C THR F 151 -35.08 10.88 40.97
N ALA F 152 -35.11 12.18 41.27
CA ALA F 152 -34.26 12.77 42.28
C ALA F 152 -35.10 13.33 43.41
N ASP F 153 -34.52 13.34 44.62
CA ASP F 153 -35.11 14.05 45.74
C ASP F 153 -34.09 15.06 46.29
N LYS F 154 -34.59 16.21 46.73
CA LYS F 154 -33.73 17.30 47.14
C LYS F 154 -33.72 17.53 48.64
N GLN F 155 -34.64 16.90 49.39
CA GLN F 155 -34.51 16.87 50.84
C GLN F 155 -33.34 15.99 51.26
N LYS F 156 -33.04 14.96 50.49
CA LYS F 156 -31.91 14.09 50.75
C LYS F 156 -30.81 14.29 49.69
N ASN F 157 -31.08 15.16 48.72
CA ASN F 157 -30.37 15.45 47.46
C ASN F 157 -29.74 14.20 46.83
N GLY F 158 -30.54 13.14 46.74
CA GLY F 158 -30.07 11.90 46.15
C GLY F 158 -31.00 11.40 45.06
N ILE F 159 -30.89 10.13 44.73
CA ILE F 159 -31.68 9.53 43.65
C ILE F 159 -32.56 8.43 44.22
N LYS F 160 -33.85 8.54 43.94
CA LYS F 160 -34.80 7.48 44.23
C LYS F 160 -35.17 6.81 42.92
N ALA F 161 -35.01 5.49 42.88
CA ALA F 161 -35.28 4.73 41.68
C ALA F 161 -36.42 3.77 41.96
N ASN F 162 -37.36 3.72 41.03
CA ASN F 162 -38.48 2.79 41.10
C ASN F 162 -38.40 1.86 39.90
N PHE F 163 -38.49 0.55 40.15
CA PHE F 163 -38.75 -0.36 39.04
C PHE F 163 -39.35 -1.66 39.56
N LYS F 164 -39.99 -2.38 38.63
CA LYS F 164 -40.48 -3.72 38.86
C LYS F 164 -39.69 -4.66 37.97
N ILE F 165 -39.38 -5.85 38.47
CA ILE F 165 -38.67 -6.84 37.68
C ILE F 165 -39.43 -8.17 37.69
N ARG F 166 -39.12 -8.98 36.70
CA ARG F 166 -39.95 -10.11 36.30
C ARG F 166 -39.06 -11.34 36.20
N HIS F 167 -39.19 -12.26 37.14
CA HIS F 167 -38.39 -13.49 37.12
C HIS F 167 -39.18 -14.64 36.54
N ASN F 168 -38.59 -15.28 35.54
CA ASN F 168 -39.20 -16.44 34.90
C ASN F 168 -39.13 -17.62 35.87
N ILE F 169 -40.27 -18.02 36.39
CA ILE F 169 -40.33 -19.13 37.33
C ILE F 169 -40.40 -20.42 36.53
N GLU F 170 -39.75 -21.48 37.03
CA GLU F 170 -39.66 -22.71 36.25
C GLU F 170 -40.99 -23.45 36.15
N ASP F 171 -41.99 -23.07 36.96
CA ASP F 171 -43.32 -23.65 36.75
C ASP F 171 -44.04 -23.05 35.54
N GLY F 172 -43.52 -21.97 34.97
CA GLY F 172 -44.19 -21.26 33.90
C GLY F 172 -44.81 -19.95 34.33
N SER F 173 -44.52 -19.48 35.55
CA SER F 173 -45.05 -18.22 36.03
C SER F 173 -43.94 -17.19 36.11
N VAL F 174 -44.28 -16.04 36.66
CA VAL F 174 -43.32 -14.97 36.84
C VAL F 174 -43.44 -14.46 38.27
N GLN F 175 -42.31 -14.12 38.86
CA GLN F 175 -42.28 -13.39 40.11
C GLN F 175 -42.11 -11.92 39.76
N LEU F 176 -43.18 -11.14 39.94
CA LEU F 176 -43.06 -9.70 39.85
C LEU F 176 -42.58 -9.22 41.21
N ALA F 177 -41.44 -8.55 41.23
CA ALA F 177 -40.88 -8.05 42.47
C ALA F 177 -40.48 -6.61 42.27
N ASP F 178 -40.82 -5.75 43.23
CA ASP F 178 -40.54 -4.33 43.04
C ASP F 178 -39.35 -3.88 43.87
N HIS F 179 -38.48 -3.13 43.21
CA HIS F 179 -37.33 -2.48 43.81
C HIS F 179 -37.63 -1.02 44.07
N TYR F 180 -37.44 -0.60 45.33
CA TYR F 180 -37.35 0.80 45.74
C TYR F 180 -35.91 1.06 46.13
N GLN F 181 -35.26 1.99 45.45
CA GLN F 181 -33.82 2.14 45.50
C GLN F 181 -33.43 3.53 45.97
N GLN F 182 -32.54 3.60 46.96
CA GLN F 182 -32.04 4.87 47.47
C GLN F 182 -30.55 4.99 47.16
N ASN F 183 -30.17 6.15 46.62
CA ASN F 183 -28.87 6.36 45.99
C ASN F 183 -28.26 7.64 46.53
N THR F 184 -27.08 7.51 47.14
CA THR F 184 -26.48 8.51 48.00
C THR F 184 -25.05 8.76 47.56
N PRO F 185 -24.62 10.02 47.52
CA PRO F 185 -23.20 10.31 47.33
C PRO F 185 -22.42 10.01 48.60
N ILE F 186 -21.09 9.93 48.46
CA ILE F 186 -20.19 9.97 49.59
C ILE F 186 -19.46 11.31 49.70
N GLY F 187 -18.81 11.73 48.62
CA GLY F 187 -18.36 13.10 48.52
C GLY F 187 -19.52 14.05 48.28
N ASP F 188 -19.25 15.33 48.42
CA ASP F 188 -20.30 16.34 48.40
C ASP F 188 -19.98 17.45 47.42
N GLY F 189 -19.41 17.10 46.27
CA GLY F 189 -19.01 18.07 45.29
C GLY F 189 -20.18 18.50 44.42
N PRO F 190 -19.94 18.58 43.10
CA PRO F 190 -21.01 19.00 42.17
C PRO F 190 -22.04 17.90 42.01
N VAL F 191 -23.20 18.03 42.64
CA VAL F 191 -24.24 17.02 42.47
C VAL F 191 -25.07 17.40 41.26
N LEU F 192 -25.53 16.38 40.55
CA LEU F 192 -26.35 16.56 39.36
C LEU F 192 -27.63 15.77 39.56
N LEU F 193 -28.73 16.47 39.74
CA LEU F 193 -30.02 15.83 40.01
C LEU F 193 -30.94 16.09 38.82
N PRO F 194 -31.00 15.18 37.83
CA PRO F 194 -31.86 15.42 36.67
C PRO F 194 -33.30 15.04 36.92
N ASP F 195 -34.12 15.10 35.87
CA ASP F 195 -35.53 14.75 35.94
C ASP F 195 -35.75 13.24 35.86
N ASN F 196 -36.98 12.85 35.54
CA ASN F 196 -37.28 11.47 35.27
C ASN F 196 -36.56 10.98 34.02
N HIS F 197 -35.88 9.85 34.13
CA HIS F 197 -35.41 9.16 32.92
C HIS F 197 -35.41 7.67 33.21
N TYR F 198 -34.90 6.88 32.26
CA TYR F 198 -34.99 5.44 32.42
C TYR F 198 -33.82 4.73 31.76
N LEU F 199 -33.26 3.79 32.49
CA LEU F 199 -32.24 2.89 31.97
C LEU F 199 -32.93 1.71 31.31
N SER F 200 -32.85 1.64 29.98
CA SER F 200 -33.25 0.44 29.26
C SER F 200 -32.09 -0.54 29.32
N THR F 201 -32.30 -1.65 30.02
CA THR F 201 -31.22 -2.58 30.31
C THR F 201 -31.59 -3.96 29.82
N GLN F 202 -30.56 -4.74 29.47
CA GLN F 202 -30.78 -6.14 29.14
C GLN F 202 -29.55 -6.93 29.59
N SER F 203 -29.73 -8.24 29.75
CA SER F 203 -28.71 -9.04 30.40
C SER F 203 -28.52 -10.35 29.65
N ALA F 204 -27.64 -11.19 30.19
CA ALA F 204 -27.40 -12.53 29.70
C ALA F 204 -26.66 -13.30 30.78
N LEU F 205 -27.18 -14.45 31.14
CA LEU F 205 -26.55 -15.35 32.10
C LEU F 205 -26.14 -16.63 31.40
N SER F 206 -24.90 -17.05 31.61
CA SER F 206 -24.33 -18.19 30.92
C SER F 206 -23.27 -18.82 31.83
N LYS F 207 -22.53 -19.81 31.31
CA LYS F 207 -21.52 -20.49 32.10
C LYS F 207 -20.27 -20.76 31.26
N ASP F 208 -19.23 -21.22 31.96
CA ASP F 208 -17.95 -21.56 31.38
C ASP F 208 -17.81 -23.07 31.33
N PRO F 209 -17.58 -23.66 30.16
CA PRO F 209 -17.48 -25.12 30.10
C PRO F 209 -16.19 -25.68 30.70
N ASN F 210 -15.17 -24.86 30.90
CA ASN F 210 -13.91 -25.30 31.49
C ASN F 210 -13.72 -24.74 32.89
N GLU F 211 -14.81 -24.65 33.66
CA GLU F 211 -14.72 -24.21 35.04
C GLU F 211 -15.54 -25.20 35.86
N LYS F 212 -15.11 -25.40 37.10
CA LYS F 212 -15.56 -26.57 37.87
C LYS F 212 -16.76 -26.25 38.76
N ARG F 213 -16.69 -25.17 39.53
CA ARG F 213 -17.67 -24.95 40.59
C ARG F 213 -18.90 -24.20 40.08
N ASP F 214 -19.82 -23.91 40.99
CA ASP F 214 -21.11 -23.30 40.67
C ASP F 214 -20.91 -21.79 40.54
N HIS F 215 -20.77 -21.32 39.30
CA HIS F 215 -20.38 -19.94 39.03
C HIS F 215 -21.36 -19.30 38.06
N MET F 216 -21.61 -18.01 38.25
CA MET F 216 -22.49 -17.23 37.40
C MET F 216 -21.68 -16.30 36.53
N VAL F 217 -21.85 -16.42 35.22
CA VAL F 217 -21.20 -15.51 34.28
C VAL F 217 -22.24 -14.50 33.83
N LEU F 218 -21.91 -13.22 33.94
CA LEU F 218 -22.85 -12.14 33.69
C LEU F 218 -22.35 -11.34 32.51
N LEU F 219 -23.22 -11.08 31.55
CA LEU F 219 -22.91 -10.09 30.53
C LEU F 219 -24.13 -9.18 30.46
N GLU F 220 -23.90 -7.88 30.31
CA GLU F 220 -25.03 -6.99 30.53
C GLU F 220 -24.85 -5.71 29.75
N PHE F 221 -25.93 -5.20 29.18
CA PHE F 221 -25.95 -3.95 28.45
C PHE F 221 -26.86 -2.96 29.16
N VAL F 222 -26.41 -1.72 29.28
CA VAL F 222 -27.19 -0.62 29.82
C VAL F 222 -27.25 0.48 28.77
N THR F 223 -28.43 1.07 28.59
CA THR F 223 -28.58 2.30 27.84
C THR F 223 -29.51 3.17 28.69
N ALA F 224 -29.45 4.48 28.51
CA ALA F 224 -30.47 5.34 29.10
C ALA F 224 -31.22 6.08 28.00
N ALA F 225 -32.39 6.61 28.38
CA ALA F 225 -33.20 7.45 27.50
C ALA F 225 -34.20 8.22 28.34
N GLY F 226 -34.94 9.10 27.67
CA GLY F 226 -35.92 9.95 28.31
C GLY F 226 -35.57 11.43 28.25
N ILE F 227 -34.30 11.75 28.40
CA ILE F 227 -33.87 13.14 28.57
C ILE F 227 -32.42 13.31 28.12
N VAL G 1 -35.11 -15.61 16.24
CA VAL G 1 -35.83 -14.91 17.28
C VAL G 1 -36.77 -13.85 16.71
N ALA G 2 -37.82 -14.34 16.07
CA ALA G 2 -38.89 -13.50 15.60
C ALA G 2 -40.18 -14.16 16.03
N LEU G 3 -40.84 -13.60 17.01
CA LEU G 3 -42.14 -14.06 17.46
C LEU G 3 -43.18 -13.18 16.78
N VAL G 4 -44.09 -13.79 16.04
CA VAL G 4 -45.13 -13.03 15.36
C VAL G 4 -46.48 -13.50 15.86
N GLU G 5 -47.27 -12.58 16.41
CA GLU G 5 -48.64 -12.89 16.81
C GLU G 5 -49.60 -12.65 15.66
N SER G 6 -50.63 -13.47 15.58
CA SER G 6 -51.68 -13.31 14.57
C SER G 6 -52.95 -13.99 15.07
N GLY G 7 -54.06 -13.65 14.40
CA GLY G 7 -55.37 -14.22 14.67
C GLY G 7 -56.29 -13.40 15.55
N GLY G 8 -55.86 -12.20 15.95
CA GLY G 8 -56.68 -11.37 16.82
C GLY G 8 -57.46 -10.32 16.04
N ALA G 9 -58.69 -10.07 16.49
CA ALA G 9 -59.55 -9.06 15.88
C ALA G 9 -60.59 -8.63 16.90
N LEU G 10 -61.41 -7.64 16.52
CA LEU G 10 -62.58 -7.25 17.30
C LEU G 10 -63.57 -8.40 17.37
N VAL G 11 -64.31 -8.46 18.47
CA VAL G 11 -65.28 -9.53 18.68
C VAL G 11 -66.31 -9.06 19.70
N GLN G 12 -67.55 -9.49 19.49
CA GLN G 12 -68.62 -9.32 20.46
C GLN G 12 -68.44 -10.36 21.56
N PRO G 13 -68.97 -10.12 22.77
CA PRO G 13 -68.76 -11.09 23.87
C PRO G 13 -69.48 -12.41 23.67
N GLY G 14 -68.71 -13.47 23.38
CA GLY G 14 -69.28 -14.78 23.20
C GLY G 14 -68.68 -15.63 22.10
N GLY G 15 -68.09 -15.02 21.07
CA GLY G 15 -67.58 -15.78 19.95
C GLY G 15 -66.11 -16.14 20.08
N SER G 16 -65.82 -17.44 20.20
CA SER G 16 -64.51 -17.92 20.62
C SER G 16 -63.44 -17.63 19.55
N LEU G 17 -62.19 -17.60 20.02
CA LEU G 17 -61.11 -17.03 19.23
C LEU G 17 -59.89 -17.93 19.40
N ARG G 18 -58.90 -17.73 18.53
CA ARG G 18 -57.69 -18.52 18.52
C ARG G 18 -56.49 -17.59 18.35
N LEU G 19 -55.48 -17.77 19.20
CA LEU G 19 -54.29 -16.92 19.18
C LEU G 19 -53.09 -17.73 18.68
N SER G 20 -52.39 -17.20 17.68
CA SER G 20 -51.21 -17.86 17.16
C SER G 20 -50.00 -16.96 17.37
N CYS G 21 -48.89 -17.55 17.78
CA CYS G 21 -47.60 -16.86 17.82
C CYS G 21 -46.60 -17.81 17.17
N ALA G 22 -46.21 -17.48 15.95
CA ALA G 22 -45.23 -18.28 15.22
C ALA G 22 -43.83 -17.82 15.58
N ALA G 23 -43.02 -18.77 16.02
CA ALA G 23 -41.65 -18.53 16.46
C ALA G 23 -40.68 -18.83 15.34
N SER G 24 -39.65 -18.00 15.22
CA SER G 24 -38.62 -18.22 14.23
C SER G 24 -37.26 -18.05 14.87
N GLY G 25 -36.37 -19.01 14.65
CA GLY G 25 -35.00 -18.88 15.05
C GLY G 25 -34.58 -19.71 16.23
N PHE G 26 -35.46 -20.57 16.75
CA PHE G 26 -35.23 -21.42 17.91
C PHE G 26 -36.34 -22.46 18.01
N PRO G 27 -36.07 -23.65 18.55
CA PRO G 27 -37.14 -24.62 18.76
C PRO G 27 -37.78 -24.47 20.13
N VAL G 28 -39.11 -24.59 20.16
CA VAL G 28 -39.86 -24.30 21.37
C VAL G 28 -39.68 -25.40 22.41
N ASN G 29 -39.37 -26.61 21.99
CA ASN G 29 -39.28 -27.74 22.92
C ASN G 29 -38.02 -27.72 23.80
N ARG G 30 -37.27 -26.63 23.83
CA ARG G 30 -36.26 -26.46 24.86
C ARG G 30 -36.23 -25.04 25.41
N TYR G 31 -37.32 -24.29 25.28
CA TYR G 31 -37.41 -22.96 25.86
C TYR G 31 -38.82 -22.73 26.39
N SER G 32 -38.91 -22.14 27.57
CA SER G 32 -40.21 -21.78 28.13
C SER G 32 -40.82 -20.63 27.33
N MET G 33 -42.10 -20.76 27.05
CA MET G 33 -42.83 -19.80 26.24
C MET G 33 -43.89 -19.15 27.11
N ARG G 34 -44.12 -17.85 26.95
CA ARG G 34 -45.11 -17.19 27.79
C ARG G 34 -46.01 -16.29 26.97
N TRP G 35 -47.15 -15.98 27.56
CA TRP G 35 -48.11 -15.03 27.02
C TRP G 35 -48.45 -14.03 28.10
N TYR G 36 -48.41 -12.74 27.74
CA TYR G 36 -48.84 -11.68 28.62
C TYR G 36 -50.02 -10.94 28.00
N ARG G 37 -50.72 -10.19 28.84
CA ARG G 37 -51.75 -9.26 28.40
C ARG G 37 -51.37 -7.86 28.83
N GLN G 38 -51.97 -6.87 28.18
CA GLN G 38 -51.77 -5.48 28.56
C GLN G 38 -52.98 -4.67 28.17
N ALA G 39 -53.71 -4.17 29.15
CA ALA G 39 -54.67 -3.12 28.85
C ALA G 39 -53.92 -1.81 28.64
N PRO G 40 -54.48 -0.89 27.85
CA PRO G 40 -53.88 0.44 27.72
C PRO G 40 -53.89 1.19 29.05
N GLY G 41 -52.70 1.61 29.47
CA GLY G 41 -52.53 2.22 30.78
C GLY G 41 -52.10 1.24 31.87
N LYS G 42 -52.76 0.09 31.92
CA LYS G 42 -52.41 -0.96 32.86
C LYS G 42 -51.05 -1.56 32.49
N GLU G 43 -50.35 -2.08 33.49
CA GLU G 43 -49.07 -2.75 33.27
C GLU G 43 -49.26 -4.02 32.45
N ARG G 44 -48.23 -4.38 31.70
CA ARG G 44 -48.28 -5.53 30.83
C ARG G 44 -48.18 -6.80 31.65
N GLU G 45 -49.30 -7.28 32.17
CA GLU G 45 -49.21 -8.27 33.22
C GLU G 45 -49.31 -9.68 32.66
N TRP G 46 -48.97 -10.65 33.50
CA TRP G 46 -48.79 -12.02 33.09
C TRP G 46 -50.11 -12.72 32.86
N VAL G 47 -50.16 -13.56 31.84
CA VAL G 47 -51.30 -14.43 31.67
C VAL G 47 -50.89 -15.86 31.96
N ALA G 48 -49.99 -16.40 31.13
CA ALA G 48 -49.77 -17.83 31.22
C ALA G 48 -48.41 -18.15 30.64
N GLY G 49 -47.98 -19.39 30.86
CA GLY G 49 -46.69 -19.79 30.37
C GLY G 49 -46.37 -21.26 30.57
N MET G 50 -45.87 -21.88 29.50
CA MET G 50 -45.44 -23.27 29.52
C MET G 50 -44.02 -23.27 30.06
N SER G 51 -43.43 -24.43 30.34
CA SER G 51 -42.02 -24.40 30.69
C SER G 51 -41.28 -25.67 30.28
N ALA G 52 -40.78 -25.67 29.03
CA ALA G 52 -39.84 -26.66 28.50
C ALA G 52 -40.31 -28.11 28.67
N GLY G 53 -41.61 -28.32 28.56
CA GLY G 53 -42.12 -29.66 28.72
C GLY G 53 -43.59 -29.84 29.05
N ASP G 54 -43.87 -30.87 29.85
CA ASP G 54 -45.22 -31.36 30.08
C ASP G 54 -45.90 -30.81 31.33
N ARG G 55 -45.92 -29.50 31.50
CA ARG G 55 -46.60 -28.84 32.60
C ARG G 55 -46.71 -27.35 32.26
N SER G 56 -47.75 -26.71 32.80
CA SER G 56 -47.94 -25.27 32.61
C SER G 56 -48.71 -24.68 33.79
N SER G 57 -48.44 -23.43 34.12
CA SER G 57 -49.04 -22.75 35.26
C SER G 57 -49.72 -21.49 34.78
N TYR G 58 -50.98 -21.31 35.16
CA TYR G 58 -51.77 -20.16 34.77
C TYR G 58 -51.90 -19.21 35.95
N GLU G 59 -52.32 -17.98 35.68
CA GLU G 59 -52.67 -17.09 36.77
C GLU G 59 -54.02 -17.49 37.33
N ASP G 60 -54.26 -17.15 38.59
CA ASP G 60 -55.45 -17.58 39.30
C ASP G 60 -56.73 -16.91 38.80
N SER G 61 -56.61 -15.80 38.07
CA SER G 61 -57.78 -15.00 37.73
C SER G 61 -58.42 -15.38 36.39
N VAL G 62 -57.80 -16.26 35.60
CA VAL G 62 -58.44 -16.76 34.38
C VAL G 62 -58.36 -18.28 34.30
N LYS G 63 -58.11 -18.95 35.42
CA LYS G 63 -57.97 -20.41 35.43
C LYS G 63 -59.25 -21.13 35.05
N GLY G 64 -59.07 -22.39 34.67
CA GLY G 64 -60.11 -23.21 34.10
C GLY G 64 -60.46 -22.88 32.68
N ARG G 65 -59.81 -21.88 32.07
CA ARG G 65 -60.19 -21.42 30.75
C ARG G 65 -59.11 -21.52 29.69
N PHE G 66 -57.90 -21.02 29.93
CA PHE G 66 -56.96 -20.82 28.84
C PHE G 66 -56.17 -22.08 28.53
N THR G 67 -55.70 -22.17 27.29
CA THR G 67 -54.98 -23.34 26.82
C THR G 67 -53.78 -22.87 26.01
N ILE G 68 -52.60 -23.03 26.58
CA ILE G 68 -51.34 -22.76 25.88
C ILE G 68 -50.75 -24.10 25.44
N SER G 69 -50.62 -24.27 24.13
CA SER G 69 -50.06 -25.50 23.59
C SER G 69 -49.15 -25.12 22.44
N ARG G 70 -48.53 -26.12 21.82
CA ARG G 70 -47.58 -25.80 20.76
C ARG G 70 -47.56 -26.89 19.69
N ASP G 71 -47.49 -26.46 18.45
CA ASP G 71 -47.04 -27.31 17.35
C ASP G 71 -45.52 -27.23 17.34
N ASP G 72 -44.89 -28.28 17.85
CA ASP G 72 -43.45 -28.40 17.71
C ASP G 72 -43.03 -28.70 16.28
N ALA G 73 -43.93 -29.29 15.50
CA ALA G 73 -43.64 -29.49 14.07
C ALA G 73 -43.64 -28.16 13.34
N ARG G 74 -44.56 -27.27 13.69
CA ARG G 74 -44.74 -26.01 12.99
C ARG G 74 -44.15 -24.81 13.74
N ASN G 75 -43.40 -25.07 14.83
CA ASN G 75 -42.61 -24.06 15.56
C ASN G 75 -43.51 -22.97 16.13
N THR G 76 -44.73 -23.29 16.54
CA THR G 76 -45.72 -22.27 16.81
C THR G 76 -46.43 -22.56 18.12
N VAL G 77 -46.77 -21.52 18.87
CA VAL G 77 -47.50 -21.66 20.13
C VAL G 77 -48.90 -21.08 19.94
N TYR G 78 -49.90 -21.80 20.44
CA TYR G 78 -51.29 -21.43 20.28
C TYR G 78 -51.96 -21.27 21.64
N LEU G 79 -52.92 -20.34 21.69
CA LEU G 79 -53.64 -20.02 22.91
C LEU G 79 -55.13 -20.04 22.59
N GLN G 80 -55.83 -20.99 23.20
CA GLN G 80 -57.28 -21.04 23.15
C GLN G 80 -57.78 -20.21 24.32
N MET G 81 -58.87 -19.48 24.07
CA MET G 81 -59.39 -18.53 25.05
C MET G 81 -60.67 -19.05 25.74
N ASN G 82 -61.66 -19.51 24.95
CA ASN G 82 -62.95 -20.12 25.35
C ASN G 82 -63.84 -19.24 26.26
N SER G 83 -64.78 -18.54 25.59
CA SER G 83 -65.86 -17.75 26.21
C SER G 83 -65.45 -16.43 26.85
N LEU G 84 -65.21 -15.46 25.97
CA LEU G 84 -64.96 -14.04 26.19
C LEU G 84 -65.74 -13.39 27.31
N LYS G 85 -65.04 -12.76 28.24
CA LYS G 85 -65.58 -11.72 29.07
C LYS G 85 -64.92 -10.40 28.68
N PRO G 86 -65.62 -9.24 28.81
CA PRO G 86 -65.05 -7.95 28.38
C PRO G 86 -63.78 -7.50 29.10
N GLU G 87 -63.49 -8.12 30.24
CA GLU G 87 -62.23 -7.96 30.96
C GLU G 87 -61.02 -8.30 30.09
N ASP G 88 -61.19 -9.22 29.14
CA ASP G 88 -60.13 -9.71 28.28
C ASP G 88 -59.77 -8.77 27.14
N THR G 89 -60.34 -7.57 27.08
CA THR G 89 -59.97 -6.59 26.06
C THR G 89 -58.56 -6.07 26.35
N ALA G 90 -57.59 -6.48 25.53
CA ALA G 90 -56.21 -6.09 25.75
C ALA G 90 -55.41 -6.27 24.47
N VAL G 91 -54.23 -5.65 24.47
CA VAL G 91 -53.18 -6.05 23.54
C VAL G 91 -52.45 -7.24 24.17
N TYR G 92 -52.48 -8.36 23.47
CA TYR G 92 -51.81 -9.56 23.94
C TYR G 92 -50.43 -9.65 23.32
N TYR G 93 -49.53 -10.31 24.05
CA TYR G 93 -48.15 -10.49 23.60
C TYR G 93 -47.73 -11.92 23.86
N CYS G 94 -46.87 -12.43 22.98
CA CYS G 94 -46.14 -13.66 23.25
C CYS G 94 -44.69 -13.30 23.51
N ASN G 95 -44.04 -14.08 24.37
CA ASN G 95 -42.80 -13.70 25.02
C ASN G 95 -41.92 -14.92 25.17
N VAL G 96 -40.61 -14.70 25.08
CA VAL G 96 -39.62 -15.74 25.32
C VAL G 96 -38.35 -15.08 25.83
N ASN G 97 -37.44 -15.88 26.37
CA ASN G 97 -36.13 -15.39 26.80
C ASN G 97 -35.09 -16.39 26.29
N VAL G 98 -34.58 -16.13 25.09
CA VAL G 98 -33.51 -16.96 24.55
C VAL G 98 -32.25 -16.11 24.56
N GLY G 99 -31.55 -16.11 25.68
CA GLY G 99 -30.46 -15.18 25.89
C GLY G 99 -31.00 -13.80 26.17
N PHE G 100 -31.41 -13.11 25.13
CA PHE G 100 -32.14 -11.86 25.29
C PHE G 100 -33.62 -12.17 25.44
N GLU G 101 -34.37 -11.17 25.85
CA GLU G 101 -35.81 -11.31 26.04
C GLU G 101 -36.53 -10.74 24.82
N TYR G 102 -37.42 -11.54 24.24
CA TYR G 102 -38.03 -11.24 22.95
C TYR G 102 -39.55 -11.20 23.07
N TRP G 103 -40.12 -10.10 22.59
CA TRP G 103 -41.56 -9.95 22.49
C TRP G 103 -42.02 -10.31 21.08
N GLY G 104 -43.30 -10.04 20.81
CA GLY G 104 -43.80 -10.00 19.46
C GLY G 104 -44.10 -8.58 19.02
N GLN G 105 -44.89 -8.48 17.95
CA GLN G 105 -45.33 -7.17 17.50
C GLN G 105 -46.56 -6.69 18.25
N GLY G 106 -47.23 -7.57 18.99
CA GLY G 106 -48.42 -7.18 19.71
C GLY G 106 -49.69 -7.39 18.91
N THR G 107 -50.57 -8.25 19.43
CA THR G 107 -51.83 -8.51 18.76
C THR G 107 -52.97 -7.86 19.55
N GLN G 108 -54.03 -7.51 18.84
CA GLN G 108 -55.16 -6.79 19.43
C GLN G 108 -56.32 -7.76 19.63
N VAL G 109 -56.87 -7.80 20.84
CA VAL G 109 -58.12 -8.50 21.11
C VAL G 109 -59.03 -7.53 21.86
N THR G 110 -60.23 -7.34 21.34
CA THR G 110 -61.18 -6.42 21.95
C THR G 110 -62.54 -7.09 22.06
N VAL G 111 -62.99 -7.30 23.30
CA VAL G 111 -64.29 -7.89 23.58
C VAL G 111 -65.29 -6.73 23.68
N SER G 112 -65.96 -6.43 22.57
CA SER G 112 -66.89 -5.29 22.55
C SER G 112 -68.22 -5.61 23.22
#